data_5AB6
#
_entry.id   5AB6
#
_cell.length_a   116.150
_cell.length_b   65.972
_cell.length_c   156.755
_cell.angle_alpha   90.00
_cell.angle_beta   90.03
_cell.angle_gamma   90.00
#
_symmetry.space_group_name_H-M   'P 1 21 1'
#
loop_
_entity.id
_entity.type
_entity.pdbx_description
1 polymer 'SCP2-THIOLASE LIKE PROTEIN'
2 non-polymer 'ACETOACETYL-COENZYME A'
3 non-polymer 'SULFATE ION'
4 water water
#
_entity_poly.entity_id   1
_entity_poly.type   'polypeptide(L)'
_entity_poly.pdbx_seq_one_letter_code
;HHHHHHSSGLVPRGSHMASQVVRIVGVGRTGIGKLHKSVDELAASALKCALVDANMKQCDLQALIAVPSLASPQFMQAHH
IATVAGLFPTKGKFIVRTVDTGGAGPITALGMAVDLVRTRCAETVAVIAADAVLSMGSGAFAERSNASLRRSGLPEPCIP
HGYDRYAQWYMSRYGLKREQLAMVPVLMSKMAERHPEAMCQKAYTLDEVLHSRCVAPVTNLLECARRADGAVALIVSGEA
HYAEHFAQGKQEQRHLGGSKPIIASVAEASGPLFPPGSSDDIVPDIFSCRHAARDAFLSANLNVGDIHFFGLYDCFPICL
IQAVEAVGLCPEGKGGEFMETAYNEMLNNGGVLDPSKFPINTHGGLQCFGAPWEVPAMYNITEAIAQLSEEAGDRQLTPV
PKRALVYGNGGIFSASSVAILISDL
;
_entity_poly.pdbx_strand_id   A,B,C,D,E,F
#
loop_
_chem_comp.id
_chem_comp.type
_chem_comp.name
_chem_comp.formula
CAA non-polymer 'ACETOACETYL-COENZYME A' 'C25 H40 N7 O18 P3 S'
SO4 non-polymer 'SULFATE ION' 'O4 S -2'
#
# COMPACT_ATOMS: atom_id res chain seq x y z
N SER A 19 -1.24 -7.42 6.22
CA SER A 19 -0.48 -8.67 5.93
C SER A 19 0.70 -8.86 6.89
N GLN A 20 1.65 -7.94 6.82
CA GLN A 20 2.94 -8.13 7.50
C GLN A 20 2.95 -7.26 8.75
N VAL A 21 3.43 -7.84 9.85
CA VAL A 21 3.46 -7.15 11.13
C VAL A 21 4.66 -6.20 11.18
N VAL A 22 4.37 -4.93 11.45
CA VAL A 22 5.38 -3.88 11.49
C VAL A 22 5.42 -3.28 12.89
N ARG A 23 6.62 -3.08 13.43
CA ARG A 23 6.81 -2.60 14.78
C ARG A 23 7.67 -1.34 14.82
N ILE A 24 7.48 -0.53 15.86
CA ILE A 24 8.43 0.52 16.20
C ILE A 24 9.50 -0.14 17.06
N VAL A 25 10.70 -0.28 16.51
CA VAL A 25 11.76 -1.06 17.17
C VAL A 25 12.83 -0.21 17.84
N GLY A 26 12.76 1.11 17.64
CA GLY A 26 13.70 2.03 18.25
C GLY A 26 13.08 3.40 18.44
N VAL A 27 13.31 3.99 19.60
CA VAL A 27 12.93 5.36 19.91
C VAL A 27 14.14 6.11 20.46
N GLY A 28 14.32 7.34 20.01
CA GLY A 28 15.37 8.20 20.53
C GLY A 28 14.87 9.62 20.54
N ARG A 29 15.33 10.41 21.51
CA ARG A 29 15.00 11.81 21.54
C ARG A 29 16.00 12.62 22.32
N THR A 30 15.95 13.93 22.08
CA THR A 30 16.75 14.89 22.82
C THR A 30 15.92 15.33 24.04
N GLY A 31 16.50 16.22 24.83
CA GLY A 31 15.74 16.91 25.86
C GLY A 31 14.77 17.88 25.19
N ILE A 32 14.05 18.63 26.00
CA ILE A 32 13.11 19.62 25.49
C ILE A 32 13.27 20.93 26.26
N GLY A 33 13.20 22.04 25.52
CA GLY A 33 13.31 23.36 26.12
C GLY A 33 14.17 24.28 25.27
N LYS A 34 14.99 25.10 25.91
CA LYS A 34 15.89 26.01 25.21
C LYS A 34 17.27 25.38 25.20
N LEU A 35 17.59 24.71 24.09
CA LEU A 35 18.78 23.86 24.02
C LEU A 35 19.97 24.51 23.33
N HIS A 36 19.75 25.63 22.65
CA HIS A 36 20.81 26.33 21.90
C HIS A 36 21.62 25.39 20.99
N LYS A 37 20.91 24.53 20.26
CA LYS A 37 21.54 23.65 19.29
C LYS A 37 20.85 23.81 17.95
N SER A 38 21.59 23.54 16.87
CA SER A 38 21.01 23.59 15.54
C SER A 38 19.99 22.47 15.36
N VAL A 39 19.06 22.65 14.43
CA VAL A 39 18.07 21.62 14.11
C VAL A 39 18.77 20.35 13.62
N ASP A 40 19.78 20.52 12.77
CA ASP A 40 20.62 19.41 12.29
C ASP A 40 21.25 18.61 13.43
N GLU A 41 21.81 19.32 14.40
CA GLU A 41 22.41 18.69 15.58
C GLU A 41 21.39 17.88 16.40
N LEU A 42 20.20 18.46 16.60
CA LEU A 42 19.14 17.80 17.35
C LEU A 42 18.67 16.54 16.63
N ALA A 43 18.44 16.66 15.32
CA ALA A 43 17.99 15.55 14.50
C ALA A 43 19.00 14.40 14.54
N ALA A 44 20.27 14.74 14.36
CA ALA A 44 21.35 13.74 14.37
C ALA A 44 21.45 13.03 15.70
N SER A 45 21.37 13.78 16.81
CA SER A 45 21.36 13.18 18.15
C SER A 45 20.20 12.22 18.38
N ALA A 46 18.99 12.66 18.03
CA ALA A 46 17.80 11.80 18.18
C ALA A 46 17.96 10.49 17.41
N LEU A 47 18.45 10.57 16.18
CA LEU A 47 18.63 9.39 15.35
C LEU A 47 19.67 8.42 15.92
N LYS A 48 20.79 8.96 16.40
CA LYS A 48 21.81 8.14 17.06
C LYS A 48 21.23 7.40 18.26
N CYS A 49 20.44 8.10 19.06
CA CYS A 49 19.79 7.48 20.22
CA CYS A 49 19.78 7.53 20.22
C CYS A 49 18.83 6.38 19.79
N ALA A 50 18.04 6.64 18.75
CA ALA A 50 17.08 5.65 18.27
C ALA A 50 17.76 4.38 17.75
N LEU A 51 18.90 4.54 17.07
CA LEU A 51 19.66 3.41 16.57
C LEU A 51 20.22 2.54 17.71
N VAL A 52 20.75 3.18 18.74
CA VAL A 52 21.22 2.46 19.94
C VAL A 52 20.05 1.73 20.60
N ASP A 53 18.90 2.39 20.68
CA ASP A 53 17.70 1.78 21.25
C ASP A 53 17.22 0.58 20.45
N ALA A 54 17.43 0.60 19.13
CA ALA A 54 17.04 -0.51 18.26
C ALA A 54 18.10 -1.59 18.11
N ASN A 55 19.27 -1.37 18.70
CA ASN A 55 20.42 -2.27 18.55
C ASN A 55 20.86 -2.36 17.07
N MET A 56 20.89 -1.20 16.42
CA MET A 56 21.19 -1.09 15.00
C MET A 56 22.29 -0.06 14.77
N LYS A 57 22.87 -0.12 13.57
CA LYS A 57 23.82 0.89 13.13
C LYS A 57 23.24 1.59 11.90
N GLN A 58 23.82 2.73 11.54
CA GLN A 58 23.41 3.51 10.36
C GLN A 58 23.17 2.66 9.12
N CYS A 59 24.13 1.78 8.83
CA CYS A 59 24.08 0.95 7.63
C CYS A 59 22.88 0.00 7.58
N ASP A 60 22.22 -0.21 8.73
CA ASP A 60 21.02 -1.04 8.77
C ASP A 60 19.75 -0.29 8.33
N LEU A 61 19.84 1.04 8.21
CA LEU A 61 18.69 1.84 7.75
C LEU A 61 18.54 1.79 6.24
N GLN A 62 17.30 1.63 5.77
CA GLN A 62 17.03 1.61 4.33
C GLN A 62 16.15 2.76 3.86
N ALA A 63 15.67 3.56 4.81
CA ALA A 63 14.89 4.74 4.47
C ALA A 63 14.85 5.75 5.60
N LEU A 64 14.56 7.00 5.25
CA LEU A 64 14.45 8.08 6.21
C LEU A 64 13.34 9.02 5.77
N ILE A 65 12.40 9.29 6.67
CA ILE A 65 11.34 10.25 6.43
C ILE A 65 11.43 11.35 7.48
N ALA A 66 11.38 12.60 7.05
CA ALA A 66 11.41 13.73 7.97
C ALA A 66 10.30 14.72 7.67
N VAL A 67 10.12 15.66 8.58
CA VAL A 67 9.14 16.71 8.44
C VAL A 67 9.89 18.04 8.46
N PRO A 68 9.29 19.11 7.91
CA PRO A 68 10.00 20.40 7.91
C PRO A 68 10.18 21.05 9.27
N SER A 69 11.15 21.97 9.33
CA SER A 69 11.43 22.77 10.52
C SER A 69 11.07 24.23 10.23
N LEU A 70 10.48 24.90 11.21
CA LEU A 70 10.22 26.33 11.13
C LEU A 70 11.46 27.15 11.46
N ALA A 71 12.25 26.69 12.42
CA ALA A 71 13.44 27.42 12.86
C ALA A 71 14.53 27.43 11.80
N SER A 72 14.70 26.32 11.10
CA SER A 72 15.69 26.23 10.03
C SER A 72 15.07 25.56 8.81
N PRO A 73 14.24 26.30 8.06
CA PRO A 73 13.65 25.69 6.86
C PRO A 73 14.73 25.37 5.84
N GLN A 74 14.66 24.16 5.30
CA GLN A 74 15.63 23.69 4.33
C GLN A 74 14.89 23.03 3.18
N PHE A 75 15.32 23.37 1.97
CA PHE A 75 14.97 22.62 0.77
C PHE A 75 15.34 21.14 0.98
N MET A 76 14.41 20.24 0.63
CA MET A 76 14.63 18.79 0.78
C MET A 76 15.18 18.47 2.17
N GLN A 77 14.41 18.85 3.18
CA GLN A 77 14.84 18.79 4.59
C GLN A 77 15.42 17.43 4.98
N ALA A 78 14.71 16.36 4.62
CA ALA A 78 15.17 15.01 4.99
C ALA A 78 16.54 14.71 4.41
N HIS A 79 16.75 15.08 3.14
CA HIS A 79 18.03 14.86 2.48
C HIS A 79 19.12 15.69 3.13
N HIS A 80 18.80 16.92 3.48
CA HIS A 80 19.75 17.80 4.15
C HIS A 80 20.22 17.20 5.48
N ILE A 81 19.26 16.73 6.28
CA ILE A 81 19.56 16.09 7.56
C ILE A 81 20.43 14.85 7.36
N ALA A 82 20.02 13.97 6.44
CA ALA A 82 20.74 12.73 6.17
C ALA A 82 22.18 12.98 5.69
N THR A 83 22.36 14.06 4.93
CA THR A 83 23.67 14.41 4.38
C THR A 83 24.60 14.95 5.48
N VAL A 84 24.10 15.92 6.23
CA VAL A 84 24.91 16.52 7.31
C VAL A 84 25.20 15.53 8.43
N ALA A 85 24.30 14.57 8.62
CA ALA A 85 24.46 13.53 9.63
C ALA A 85 25.39 12.39 9.20
N GLY A 86 25.84 12.42 7.95
CA GLY A 86 26.83 11.46 7.47
C GLY A 86 26.28 10.08 7.12
N LEU A 87 25.03 10.01 6.67
CA LEU A 87 24.46 8.73 6.27
C LEU A 87 24.95 8.26 4.89
N PHE A 88 25.45 9.20 4.08
CA PHE A 88 26.01 8.87 2.77
C PHE A 88 27.54 8.92 2.82
N PRO A 89 28.22 8.10 1.98
CA PRO A 89 27.65 7.16 1.01
C PRO A 89 27.07 5.93 1.70
N THR A 90 26.17 5.25 1.01
CA THR A 90 25.47 4.09 1.55
C THR A 90 25.73 2.87 0.67
N LYS A 91 25.76 1.69 1.29
CA LYS A 91 25.81 0.42 0.58
C LYS A 91 24.39 -0.06 0.36
N GLY A 92 23.98 -0.05 -0.90
CA GLY A 92 22.64 -0.44 -1.28
C GLY A 92 21.65 0.71 -1.21
N LYS A 93 20.37 0.37 -1.33
CA LYS A 93 19.33 1.37 -1.54
C LYS A 93 18.95 2.10 -0.26
N PHE A 94 18.65 3.38 -0.42
CA PHE A 94 18.26 4.23 0.68
C PHE A 94 17.23 5.21 0.13
N ILE A 95 16.03 5.22 0.71
CA ILE A 95 14.96 6.10 0.25
C ILE A 95 14.75 7.22 1.25
N VAL A 96 14.77 8.46 0.79
CA VAL A 96 14.63 9.62 1.64
C VAL A 96 13.47 10.48 1.15
N ARG A 97 12.64 10.97 2.07
CA ARG A 97 11.52 11.84 1.71
C ARG A 97 11.20 12.80 2.84
N THR A 98 10.74 14.00 2.48
CA THR A 98 10.19 14.94 3.43
C THR A 98 8.70 15.03 3.17
N VAL A 99 7.91 15.06 4.24
CA VAL A 99 6.45 15.18 4.14
C VAL A 99 5.96 16.31 5.04
N ASP A 100 4.98 17.07 4.57
CA ASP A 100 4.42 18.17 5.34
C ASP A 100 2.91 17.99 5.49
N THR A 101 2.48 17.58 6.68
CA THR A 101 1.07 17.65 7.07
C THR A 101 0.98 18.33 8.43
N GLY A 102 1.84 19.32 8.64
CA GLY A 102 1.88 20.06 9.88
C GLY A 102 2.17 19.13 11.03
N GLY A 103 1.52 19.37 12.17
CA GLY A 103 1.71 18.56 13.35
C GLY A 103 1.18 17.13 13.24
N ALA A 104 0.44 16.83 12.18
CA ALA A 104 0.05 15.44 11.91
C ALA A 104 1.23 14.64 11.32
N GLY A 105 2.29 15.35 10.93
CA GLY A 105 3.40 14.79 10.16
C GLY A 105 4.05 13.54 10.72
N PRO A 106 4.37 13.52 12.02
CA PRO A 106 5.01 12.33 12.57
C PRO A 106 4.18 11.04 12.43
N ILE A 107 2.85 11.15 12.53
CA ILE A 107 1.99 9.97 12.39
C ILE A 107 1.72 9.67 10.91
N THR A 108 1.57 10.69 10.08
CA THR A 108 1.56 10.52 8.62
C THR A 108 2.80 9.76 8.15
N ALA A 109 3.97 10.18 8.62
CA ALA A 109 5.23 9.53 8.26
C ALA A 109 5.27 8.08 8.73
N LEU A 110 4.71 7.84 9.91
CA LEU A 110 4.63 6.50 10.47
C LEU A 110 3.84 5.57 9.56
N GLY A 111 2.73 6.07 9.04
CA GLY A 111 1.94 5.33 8.05
C GLY A 111 2.70 5.10 6.75
N MET A 112 3.44 6.11 6.30
CA MET A 112 4.29 5.96 5.12
C MET A 112 5.39 4.92 5.35
N ALA A 113 5.92 4.87 6.57
CA ALA A 113 6.96 3.90 6.90
C ALA A 113 6.43 2.48 6.83
N VAL A 114 5.25 2.26 7.39
CA VAL A 114 4.57 0.94 7.31
C VAL A 114 4.40 0.52 5.86
N ASP A 115 3.94 1.45 5.03
CA ASP A 115 3.81 1.15 3.62
C ASP A 115 5.10 0.77 2.92
N LEU A 116 6.19 1.48 3.19
CA LEU A 116 7.49 1.14 2.62
C LEU A 116 7.91 -0.28 2.98
N VAL A 117 7.62 -0.69 4.21
CA VAL A 117 7.95 -2.03 4.68
C VAL A 117 7.06 -3.08 4.01
N ARG A 118 5.76 -2.83 3.98
CA ARG A 118 4.82 -3.80 3.41
C ARG A 118 4.96 -3.99 1.90
N THR A 119 5.32 -2.93 1.18
CA THR A 119 5.58 -3.03 -0.25
C THR A 119 7.01 -3.48 -0.56
N ARG A 120 7.79 -3.73 0.49
CA ARG A 120 9.18 -4.20 0.40
C ARG A 120 10.14 -3.22 -0.30
N CYS A 121 9.85 -1.92 -0.20
CA CYS A 121 10.75 -0.89 -0.70
C CYS A 121 11.88 -0.61 0.29
N ALA A 122 11.63 -0.86 1.56
CA ALA A 122 12.64 -0.68 2.60
C ALA A 122 12.27 -1.54 3.81
N GLU A 123 13.22 -2.33 4.29
CA GLU A 123 12.99 -3.22 5.42
C GLU A 123 13.00 -2.47 6.75
N THR A 124 13.74 -1.37 6.82
CA THR A 124 13.80 -0.54 8.02
C THR A 124 13.67 0.93 7.63
N VAL A 125 13.01 1.72 8.47
CA VAL A 125 12.72 3.12 8.16
C VAL A 125 12.91 4.00 9.39
N ALA A 126 13.69 5.07 9.25
CA ALA A 126 13.80 6.07 10.29
C ALA A 126 12.78 7.19 10.03
N VAL A 127 12.08 7.62 11.07
CA VAL A 127 11.18 8.77 10.99
C VAL A 127 11.68 9.81 11.96
N ILE A 128 11.96 11.02 11.47
CA ILE A 128 12.59 12.06 12.27
C ILE A 128 11.84 13.38 12.21
N ALA A 129 11.64 14.00 13.38
CA ALA A 129 11.13 15.34 13.48
C ALA A 129 12.04 16.13 14.41
N ALA A 130 12.41 17.34 14.00
CA ALA A 130 13.28 18.19 14.80
C ALA A 130 12.95 19.66 14.59
N ASP A 131 12.95 20.44 15.67
CA ASP A 131 12.83 21.89 15.55
C ASP A 131 13.41 22.62 16.76
N ALA A 132 13.57 23.94 16.62
CA ALA A 132 14.15 24.78 17.64
C ALA A 132 13.42 26.12 17.71
N VAL A 133 12.11 26.05 17.91
CA VAL A 133 11.28 27.26 17.87
C VAL A 133 11.30 28.10 19.15
N LEU A 134 11.92 27.60 20.21
CA LEU A 134 12.12 28.42 21.39
C LEU A 134 13.43 29.23 21.25
N SER A 135 14.50 28.56 20.80
CA SER A 135 15.79 29.23 20.62
C SER A 135 15.81 30.26 19.49
N MET A 136 14.88 30.15 18.53
CA MET A 136 14.86 31.08 17.39
C MET A 136 14.46 32.50 17.79
N GLY A 137 13.79 32.66 18.94
CA GLY A 137 13.39 33.98 19.42
C GLY A 137 11.95 34.31 19.07
N SER A 138 11.31 35.13 19.91
CA SER A 138 9.88 35.41 19.79
C SER A 138 9.50 36.17 18.52
N GLY A 139 10.37 37.10 18.10
CA GLY A 139 10.13 37.90 16.91
C GLY A 139 10.14 37.06 15.65
N ALA A 140 11.19 36.26 15.49
CA ALA A 140 11.31 35.36 14.35
C ALA A 140 10.19 34.33 14.34
N PHE A 141 9.85 33.78 15.50
CA PHE A 141 8.78 32.78 15.58
C PHE A 141 7.43 33.36 15.16
N ALA A 142 7.12 34.54 15.69
CA ALA A 142 5.86 35.21 15.37
C ALA A 142 5.75 35.48 13.87
N GLU A 143 6.83 35.99 13.28
CA GLU A 143 6.86 36.30 11.86
C GLU A 143 6.61 35.05 11.00
N ARG A 144 7.38 34.00 11.25
CA ARG A 144 7.31 32.79 10.42
C ARG A 144 6.02 32.00 10.66
N SER A 145 5.56 31.93 11.91
CA SER A 145 4.32 31.24 12.21
C SER A 145 3.11 31.96 11.61
N ASN A 146 3.12 33.30 11.64
CA ASN A 146 2.06 34.09 11.03
C ASN A 146 2.07 34.00 9.52
N ALA A 147 3.26 34.03 8.93
CA ALA A 147 3.42 33.89 7.49
C ALA A 147 2.94 32.53 7.00
N SER A 148 2.96 31.53 7.87
CA SER A 148 2.42 30.22 7.53
C SER A 148 0.92 30.26 7.17
N LEU A 149 0.22 31.31 7.59
CA LEU A 149 -1.21 31.44 7.32
C LEU A 149 -1.58 32.65 6.43
N ARG A 150 -0.76 32.97 5.44
CA ARG A 150 -1.15 34.02 4.47
C ARG A 150 -2.44 33.66 3.75
N ARG A 151 -3.19 34.70 3.39
CA ARG A 151 -4.49 34.60 2.71
C ARG A 151 -5.63 34.05 3.59
N SER A 152 -5.35 33.82 4.87
CA SER A 152 -6.37 33.32 5.80
C SER A 152 -7.29 34.45 6.25
N GLY A 153 -6.76 35.67 6.31
CA GLY A 153 -7.51 36.81 6.83
C GLY A 153 -7.51 36.86 8.35
N LEU A 154 -6.73 35.99 8.98
CA LEU A 154 -6.71 35.88 10.44
C LEU A 154 -5.84 36.99 11.05
N PRO A 155 -6.31 37.60 12.16
CA PRO A 155 -5.44 38.57 12.86
C PRO A 155 -4.28 37.86 13.54
N GLU A 156 -3.21 38.59 13.81
CA GLU A 156 -2.03 38.03 14.46
C GLU A 156 -2.21 37.96 15.99
N PRO A 157 -1.68 36.89 16.63
CA PRO A 157 -1.03 35.73 16.02
C PRO A 157 -2.07 34.83 15.37
N CYS A 158 -1.80 34.42 14.13
CA CYS A 158 -2.80 33.81 13.26
C CYS A 158 -3.28 32.43 13.73
N ILE A 159 -2.35 31.56 14.12
CA ILE A 159 -2.73 30.19 14.48
C ILE A 159 -3.66 30.16 15.72
N PRO A 160 -3.27 30.85 16.80
CA PRO A 160 -4.19 30.96 17.94
C PRO A 160 -5.56 31.56 17.58
N HIS A 161 -5.57 32.59 16.73
CA HIS A 161 -6.86 33.19 16.31
C HIS A 161 -7.71 32.22 15.47
N GLY A 162 -7.06 31.41 14.66
CA GLY A 162 -7.75 30.38 13.88
C GLY A 162 -8.47 29.38 14.76
N TYR A 163 -7.75 28.82 15.72
CA TYR A 163 -8.35 27.90 16.69
C TYR A 163 -9.39 28.59 17.58
N ASP A 164 -9.12 29.86 17.91
CA ASP A 164 -10.06 30.66 18.68
C ASP A 164 -11.42 30.81 17.98
N ARG A 165 -11.40 30.96 16.66
CA ARG A 165 -12.65 31.07 15.89
C ARG A 165 -13.48 29.79 15.97
N TYR A 166 -12.81 28.64 15.93
CA TYR A 166 -13.49 27.36 16.09
C TYR A 166 -14.02 27.18 17.51
N ALA A 167 -13.25 27.62 18.50
CA ALA A 167 -13.71 27.58 19.90
C ALA A 167 -14.98 28.42 20.11
N GLN A 168 -14.99 29.62 19.58
CA GLN A 168 -16.18 30.49 19.64
C GLN A 168 -17.39 29.85 18.96
N TRP A 169 -17.17 29.23 17.81
CA TRP A 169 -18.23 28.48 17.11
C TRP A 169 -18.78 27.37 18.01
N TYR A 170 -17.89 26.64 18.68
CA TYR A 170 -18.28 25.58 19.62
C TYR A 170 -19.15 26.11 20.76
N MET A 171 -18.77 27.27 21.29
CA MET A 171 -19.51 27.88 22.39
C MET A 171 -20.92 28.25 21.96
N SER A 172 -21.05 28.80 20.75
CA SER A 172 -22.35 29.16 20.17
C SER A 172 -23.18 27.95 19.76
N ARG A 173 -22.53 26.94 19.19
CA ARG A 173 -23.21 25.78 18.60
C ARG A 173 -23.59 24.74 19.64
N TYR A 174 -22.65 24.41 20.53
CA TYR A 174 -22.83 23.30 21.48
C TYR A 174 -22.98 23.76 22.94
N GLY A 175 -22.81 25.05 23.20
CA GLY A 175 -22.87 25.58 24.56
C GLY A 175 -21.60 25.35 25.38
N LEU A 176 -20.47 25.16 24.69
CA LEU A 176 -19.17 25.03 25.38
C LEU A 176 -18.94 26.29 26.22
N LYS A 177 -18.45 26.11 27.44
CA LYS A 177 -18.22 27.24 28.34
C LYS A 177 -16.75 27.63 28.39
N ARG A 178 -16.50 28.92 28.58
CA ARG A 178 -15.17 29.47 28.62
C ARG A 178 -14.27 28.74 29.63
N GLU A 179 -14.82 28.44 30.82
CA GLU A 179 -14.03 27.80 31.87
C GLU A 179 -13.65 26.35 31.51
N GLN A 180 -14.46 25.70 30.69
CA GLN A 180 -14.18 24.33 30.25
C GLN A 180 -12.96 24.29 29.32
N LEU A 181 -12.76 25.34 28.53
CA LEU A 181 -11.54 25.48 27.74
C LEU A 181 -10.34 25.60 28.68
N ALA A 182 -10.48 26.45 29.70
CA ALA A 182 -9.39 26.74 30.63
C ALA A 182 -9.00 25.54 31.48
N MET A 183 -9.94 24.59 31.65
CA MET A 183 -9.67 23.37 32.40
C MET A 183 -8.66 22.44 31.71
N VAL A 184 -8.52 22.56 30.39
CA VAL A 184 -7.61 21.68 29.65
C VAL A 184 -6.16 21.83 30.14
N PRO A 185 -5.63 23.08 30.17
CA PRO A 185 -4.25 23.20 30.66
C PRO A 185 -4.08 22.86 32.14
N VAL A 186 -5.13 23.04 32.95
CA VAL A 186 -5.07 22.63 34.33
C VAL A 186 -4.79 21.13 34.39
N LEU A 187 -5.61 20.36 33.68
CA LEU A 187 -5.47 18.90 33.67
C LEU A 187 -4.11 18.47 33.11
N MET A 188 -3.70 19.08 32.00
CA MET A 188 -2.39 18.80 31.40
C MET A 188 -1.23 19.13 32.35
N SER A 189 -1.35 20.22 33.10
CA SER A 189 -0.31 20.63 34.05
C SER A 189 -0.19 19.66 35.23
N LYS A 190 -1.31 19.06 35.62
CA LYS A 190 -1.32 18.01 36.64
C LYS A 190 -0.54 16.79 36.14
N MET A 191 -0.68 16.47 34.86
CA MET A 191 0.09 15.39 34.25
C MET A 191 1.56 15.77 34.15
N ALA A 192 1.83 16.99 33.69
CA ALA A 192 3.19 17.49 33.51
C ALA A 192 4.03 17.40 34.78
N GLU A 193 3.42 17.66 35.93
CA GLU A 193 4.09 17.60 37.23
C GLU A 193 4.81 16.29 37.49
N ARG A 194 4.25 15.20 36.98
CA ARG A 194 4.81 13.87 37.20
C ARG A 194 5.83 13.46 36.12
N HIS A 195 6.13 14.37 35.20
CA HIS A 195 7.17 14.14 34.19
C HIS A 195 8.28 15.18 34.38
N PRO A 196 9.49 14.75 34.77
CA PRO A 196 10.55 15.72 35.09
C PRO A 196 11.02 16.57 33.88
N GLU A 197 10.91 15.99 32.69
CA GLU A 197 11.30 16.69 31.46
C GLU A 197 10.27 17.72 30.98
N ALA A 198 9.03 17.63 31.45
CA ALA A 198 7.98 18.56 31.01
C ALA A 198 8.38 19.99 31.34
N MET A 199 8.06 20.92 30.45
CA MET A 199 8.44 22.31 30.65
C MET A 199 7.63 22.99 31.75
N CYS A 200 6.38 22.57 31.91
CA CYS A 200 5.57 23.02 33.03
C CYS A 200 5.91 22.14 34.22
N GLN A 201 6.32 22.75 35.32
CA GLN A 201 6.68 21.95 36.50
C GLN A 201 5.76 22.15 37.71
N LYS A 202 4.95 23.20 37.71
CA LYS A 202 4.00 23.47 38.77
C LYS A 202 2.60 23.49 38.15
N ALA A 203 1.69 22.68 38.69
CA ALA A 203 0.32 22.62 38.17
C ALA A 203 -0.37 23.98 38.29
N TYR A 204 -1.20 24.31 37.30
CA TYR A 204 -1.95 25.56 37.31
C TYR A 204 -3.25 25.40 38.06
N THR A 205 -3.79 26.51 38.55
CA THR A 205 -5.17 26.54 39.02
C THR A 205 -6.02 27.11 37.89
N LEU A 206 -7.32 26.85 37.93
CA LEU A 206 -8.24 27.40 36.93
C LEU A 206 -8.15 28.92 36.88
N ASP A 207 -8.12 29.55 38.05
CA ASP A 207 -7.99 31.01 38.15
C ASP A 207 -6.72 31.54 37.49
N GLU A 208 -5.61 30.84 37.68
CA GLU A 208 -4.34 31.25 37.06
C GLU A 208 -4.44 31.25 35.53
N VAL A 209 -5.06 30.22 34.98
CA VAL A 209 -5.24 30.12 33.53
C VAL A 209 -6.11 31.27 33.03
N LEU A 210 -7.24 31.49 33.69
CA LEU A 210 -8.19 32.51 33.30
C LEU A 210 -7.65 33.93 33.51
N HIS A 211 -6.74 34.09 34.47
CA HIS A 211 -6.13 35.40 34.74
C HIS A 211 -4.89 35.63 33.91
N SER A 212 -4.38 34.59 33.24
CA SER A 212 -3.18 34.74 32.42
C SER A 212 -3.46 35.57 31.17
N ARG A 213 -2.38 36.12 30.63
CA ARG A 213 -2.43 37.05 29.51
C ARG A 213 -3.28 36.56 28.35
N CYS A 214 -4.21 37.40 27.90
CA CYS A 214 -5.04 37.07 26.75
C CYS A 214 -4.23 37.04 25.45
N VAL A 215 -4.42 36.01 24.64
CA VAL A 215 -3.77 35.89 23.34
C VAL A 215 -4.78 36.07 22.20
N ALA A 216 -5.95 35.48 22.38
CA ALA A 216 -7.07 35.63 21.46
C ALA A 216 -8.35 35.71 22.30
N PRO A 217 -9.48 36.11 21.69
CA PRO A 217 -10.69 36.37 22.46
C PRO A 217 -11.05 35.36 23.55
N VAL A 218 -10.88 34.06 23.28
CA VAL A 218 -11.17 33.04 24.29
C VAL A 218 -9.99 32.10 24.49
N THR A 219 -8.78 32.63 24.31
CA THR A 219 -7.55 31.84 24.45
C THR A 219 -6.49 32.67 25.17
N ASN A 220 -6.09 32.21 26.35
CA ASN A 220 -5.05 32.88 27.12
C ASN A 220 -3.71 32.18 27.00
N LEU A 221 -2.67 32.86 27.46
CA LEU A 221 -1.30 32.38 27.31
C LEU A 221 -1.10 30.94 27.77
N LEU A 222 -1.62 30.62 28.96
CA LEU A 222 -1.45 29.28 29.52
C LEU A 222 -2.25 28.19 28.78
N GLU A 223 -3.13 28.60 27.87
CA GLU A 223 -3.88 27.66 27.00
C GLU A 223 -3.16 27.39 25.67
N CYS A 224 -2.05 28.10 25.41
CA CYS A 224 -1.35 27.98 24.14
C CYS A 224 -0.26 26.92 24.19
N ALA A 225 -0.03 26.25 23.06
CA ALA A 225 1.07 25.32 22.93
C ALA A 225 2.38 26.00 23.35
N ARG A 226 3.18 25.28 24.11
CA ARG A 226 4.39 25.84 24.72
C ARG A 226 5.58 25.69 23.78
N ARG A 227 6.08 26.82 23.27
CA ARG A 227 7.24 26.80 22.38
C ARG A 227 8.42 26.09 23.05
N ALA A 228 9.12 25.28 22.25
CA ALA A 228 10.23 24.48 22.75
C ALA A 228 11.13 24.06 21.60
N ASP A 229 12.36 23.67 21.93
CA ASP A 229 13.22 22.96 21.00
C ASP A 229 13.14 21.48 21.35
N GLY A 230 13.40 20.62 20.37
CA GLY A 230 13.45 19.18 20.63
C GLY A 230 13.43 18.38 19.34
N ALA A 231 13.86 17.12 19.44
CA ALA A 231 13.78 16.22 18.31
C ALA A 231 13.50 14.81 18.80
N VAL A 232 12.83 14.03 17.94
CA VAL A 232 12.54 12.62 18.21
C VAL A 232 12.79 11.84 16.94
N ALA A 233 13.32 10.63 17.09
CA ALA A 233 13.51 9.72 15.98
C ALA A 233 12.92 8.36 16.34
N LEU A 234 12.24 7.77 15.37
CA LEU A 234 11.67 6.42 15.50
C LEU A 234 12.28 5.54 14.45
N ILE A 235 12.50 4.27 14.78
CA ILE A 235 12.91 3.28 13.80
C ILE A 235 11.77 2.28 13.65
N VAL A 236 11.38 2.02 12.41
CA VAL A 236 10.26 1.11 12.10
C VAL A 236 10.82 -0.04 11.29
N SER A 237 10.40 -1.26 11.62
CA SER A 237 10.88 -2.43 10.94
C SER A 237 9.83 -3.54 10.95
N GLY A 238 9.86 -4.38 9.92
CA GLY A 238 9.08 -5.62 9.94
C GLY A 238 9.52 -6.49 11.11
N GLU A 239 8.56 -7.16 11.73
CA GLU A 239 8.78 -7.95 12.94
C GLU A 239 9.77 -9.09 12.68
N ALA A 240 9.55 -9.84 11.62
CA ALA A 240 10.38 -10.98 11.29
C ALA A 240 11.80 -10.55 10.94
N HIS A 241 11.91 -9.52 10.09
CA HIS A 241 13.21 -8.96 9.72
C HIS A 241 14.01 -8.58 10.96
N TYR A 242 13.36 -7.86 11.87
CA TYR A 242 14.00 -7.40 13.09
C TYR A 242 14.44 -8.56 13.97
N ALA A 243 13.55 -9.54 14.16
CA ALA A 243 13.84 -10.71 14.98
C ALA A 243 15.06 -11.48 14.50
N GLU A 244 15.19 -11.62 13.17
CA GLU A 244 16.28 -12.39 12.57
C GLU A 244 17.66 -11.74 12.72
N HIS A 245 17.73 -10.41 12.60
CA HIS A 245 19.01 -9.71 12.48
C HIS A 245 19.44 -8.92 13.72
N PHE A 246 18.48 -8.40 14.46
CA PHE A 246 18.76 -7.50 15.57
C PHE A 246 18.04 -8.21 16.72
N ALA A 247 18.26 -7.81 17.98
CA ALA A 247 17.73 -8.56 19.12
C ALA A 247 16.41 -7.97 19.60
N LEU A 256 8.74 -6.50 26.63
CA LEU A 256 9.39 -6.42 25.31
C LEU A 256 8.41 -6.02 24.19
N GLY A 257 7.30 -6.74 24.08
CA GLY A 257 6.25 -6.43 23.12
C GLY A 257 5.82 -4.97 23.19
N GLY A 258 5.56 -4.49 24.40
CA GLY A 258 5.13 -3.09 24.61
C GLY A 258 6.20 -2.04 24.37
N SER A 259 7.47 -2.40 24.57
CA SER A 259 8.57 -1.47 24.35
C SER A 259 8.90 -1.30 22.86
N LYS A 260 8.48 -2.28 22.04
CA LYS A 260 8.63 -2.22 20.59
C LYS A 260 7.29 -2.55 19.93
N PRO A 261 6.30 -1.66 20.09
CA PRO A 261 4.91 -2.01 19.78
C PRO A 261 4.62 -2.22 18.30
N ILE A 262 3.61 -3.04 18.04
CA ILE A 262 3.07 -3.22 16.70
C ILE A 262 2.30 -1.98 16.30
N ILE A 263 2.51 -1.51 15.08
CA ILE A 263 1.70 -0.44 14.49
C ILE A 263 0.50 -1.14 13.86
N ALA A 264 -0.60 -1.21 14.60
CA ALA A 264 -1.78 -1.96 14.17
C ALA A 264 -2.51 -1.29 13.01
N SER A 265 -2.56 0.04 13.02
CA SER A 265 -3.16 0.78 11.93
C SER A 265 -2.73 2.24 11.97
N VAL A 266 -2.76 2.87 10.78
CA VAL A 266 -2.60 4.32 10.64
C VAL A 266 -3.63 4.83 9.63
N ALA A 267 -4.28 5.95 9.92
CA ALA A 267 -5.26 6.52 9.01
C ALA A 267 -5.19 8.04 9.04
N GLU A 268 -5.53 8.66 7.91
CA GLU A 268 -5.48 10.11 7.79
C GLU A 268 -6.77 10.68 7.19
N ALA A 269 -6.97 11.96 7.44
CA ALA A 269 -8.06 12.72 6.82
C ALA A 269 -7.69 14.20 6.93
N SER A 270 -8.36 15.06 6.17
CA SER A 270 -7.93 16.45 6.03
C SER A 270 -9.11 17.42 5.96
N GLY A 271 -8.77 18.69 6.14
CA GLY A 271 -9.73 19.77 6.08
C GLY A 271 -9.03 21.05 5.66
N PRO A 272 -9.79 22.16 5.54
CA PRO A 272 -9.19 23.41 5.08
C PRO A 272 -8.07 23.90 5.97
N LEU A 273 -7.10 24.59 5.37
CA LEU A 273 -5.96 25.12 6.11
C LEU A 273 -6.37 26.16 7.15
N PHE A 274 -7.41 26.95 6.83
CA PHE A 274 -7.91 27.96 7.74
C PHE A 274 -9.44 28.06 7.66
N PRO A 275 -10.08 28.59 8.70
CA PRO A 275 -11.55 28.63 8.69
C PRO A 275 -12.14 29.62 7.67
N PRO A 276 -13.41 29.43 7.30
CA PRO A 276 -14.09 30.40 6.43
C PRO A 276 -14.24 31.75 7.11
N GLY A 277 -14.36 32.82 6.32
CA GLY A 277 -14.55 34.16 6.86
C GLY A 277 -15.84 34.31 7.64
N ILE A 282 -18.86 27.95 9.09
CA ILE A 282 -18.28 26.77 9.73
C ILE A 282 -19.33 25.66 9.89
N VAL A 283 -18.95 24.44 9.55
CA VAL A 283 -19.83 23.27 9.63
C VAL A 283 -19.11 22.07 10.24
N PRO A 284 -19.87 21.12 10.82
CA PRO A 284 -19.27 19.97 11.50
C PRO A 284 -18.41 19.05 10.62
N ASP A 285 -18.70 18.99 9.33
CA ASP A 285 -17.93 18.12 8.42
C ASP A 285 -16.53 18.67 8.09
N ILE A 286 -16.23 19.89 8.54
CA ILE A 286 -14.88 20.43 8.43
C ILE A 286 -13.88 19.60 9.24
N PHE A 287 -14.32 19.11 10.41
CA PHE A 287 -13.46 18.37 11.33
C PHE A 287 -13.20 16.94 10.85
N SER A 288 -11.92 16.57 10.75
CA SER A 288 -11.50 15.34 10.09
C SER A 288 -11.05 14.25 11.05
N CYS A 289 -10.84 14.57 12.32
CA CYS A 289 -10.33 13.58 13.27
C CYS A 289 -11.26 12.37 13.39
N ARG A 290 -12.56 12.61 13.39
CA ARG A 290 -13.53 11.51 13.49
C ARG A 290 -13.35 10.49 12.37
N HIS A 291 -13.20 10.98 11.14
CA HIS A 291 -12.99 10.10 9.99
C HIS A 291 -11.71 9.28 10.14
N ALA A 292 -10.62 9.94 10.51
CA ALA A 292 -9.33 9.26 10.69
C ALA A 292 -9.42 8.20 11.80
N ALA A 293 -10.07 8.56 12.90
CA ALA A 293 -10.21 7.66 14.02
C ALA A 293 -11.00 6.41 13.62
N ARG A 294 -12.14 6.63 12.97
CA ARG A 294 -12.99 5.53 12.51
C ARG A 294 -12.21 4.54 11.63
N ASP A 295 -11.47 5.07 10.66
CA ASP A 295 -10.71 4.22 9.73
C ASP A 295 -9.56 3.48 10.44
N ALA A 296 -8.93 4.13 11.41
CA ALA A 296 -7.87 3.47 12.18
C ALA A 296 -8.43 2.29 12.99
N PHE A 297 -9.59 2.51 13.62
CA PHE A 297 -10.25 1.47 14.39
C PHE A 297 -10.64 0.29 13.49
N LEU A 298 -11.21 0.61 12.31
CA LEU A 298 -11.61 -0.40 11.34
C LEU A 298 -10.42 -1.25 10.88
N SER A 299 -9.34 -0.58 10.48
CA SER A 299 -8.12 -1.26 10.05
C SER A 299 -7.53 -2.16 11.14
N ALA A 300 -7.60 -1.71 12.38
CA ALA A 300 -7.05 -2.49 13.51
C ALA A 300 -8.01 -3.54 14.06
N ASN A 301 -9.29 -3.46 13.66
CA ASN A 301 -10.34 -4.33 14.20
C ASN A 301 -10.49 -4.17 15.72
N LEU A 302 -10.59 -2.92 16.17
CA LEU A 302 -10.71 -2.60 17.59
C LEU A 302 -11.74 -1.51 17.79
N ASN A 303 -12.20 -1.35 19.03
CA ASN A 303 -13.10 -0.26 19.40
C ASN A 303 -12.45 0.60 20.47
N VAL A 304 -13.09 1.72 20.80
CA VAL A 304 -12.52 2.67 21.75
C VAL A 304 -12.35 2.03 23.14
N GLY A 305 -13.28 1.13 23.49
CA GLY A 305 -13.21 0.40 24.76
C GLY A 305 -11.99 -0.51 24.90
N ASP A 306 -11.39 -0.90 23.77
CA ASP A 306 -10.17 -1.70 23.78
C ASP A 306 -8.90 -0.87 24.04
N ILE A 307 -9.02 0.46 23.96
CA ILE A 307 -7.88 1.37 24.11
C ILE A 307 -7.81 1.92 25.53
N HIS A 308 -6.65 1.81 26.18
CA HIS A 308 -6.51 2.30 27.55
C HIS A 308 -5.47 3.40 27.73
N PHE A 309 -4.87 3.86 26.63
CA PHE A 309 -4.11 5.10 26.65
C PHE A 309 -4.33 5.88 25.38
N PHE A 310 -4.49 7.20 25.54
CA PHE A 310 -4.72 8.11 24.43
C PHE A 310 -3.70 9.23 24.46
N GLY A 311 -2.93 9.34 23.39
CA GLY A 311 -2.01 10.47 23.19
C GLY A 311 -2.66 11.37 22.15
N LEU A 312 -3.30 12.43 22.60
CA LEU A 312 -4.13 13.27 21.74
C LEU A 312 -3.58 14.69 21.61
N TYR A 313 -3.36 15.12 20.37
CA TYR A 313 -2.85 16.45 20.07
C TYR A 313 -3.70 17.51 20.74
N ASP A 314 -3.05 18.48 21.38
CA ASP A 314 -3.72 19.45 22.22
C ASP A 314 -3.02 20.81 22.13
N CYS A 315 -2.83 21.31 20.91
CA CYS A 315 -2.14 22.59 20.70
C CYS A 315 -2.89 23.74 21.38
N PHE A 316 -4.21 23.64 21.41
CA PHE A 316 -5.09 24.54 22.16
C PHE A 316 -6.23 23.71 22.76
N PRO A 317 -6.92 24.25 23.78
CA PRO A 317 -7.94 23.45 24.45
C PRO A 317 -9.01 22.90 23.52
N ILE A 318 -9.43 23.71 22.55
CA ILE A 318 -10.45 23.26 21.60
C ILE A 318 -10.02 22.01 20.79
N CYS A 319 -8.71 21.87 20.56
CA CYS A 319 -8.20 20.70 19.87
C CYS A 319 -8.43 19.41 20.68
N LEU A 320 -8.15 19.46 21.98
CA LEU A 320 -8.35 18.30 22.83
C LEU A 320 -9.84 17.99 23.03
N ILE A 321 -10.63 19.04 23.17
CA ILE A 321 -12.08 18.91 23.33
C ILE A 321 -12.68 18.21 22.12
N GLN A 322 -12.26 18.64 20.93
CA GLN A 322 -12.67 18.01 19.68
C GLN A 322 -12.16 16.55 19.58
N ALA A 323 -10.93 16.33 20.01
CA ALA A 323 -10.29 15.01 19.91
C ALA A 323 -11.00 13.93 20.74
N VAL A 324 -11.35 14.23 21.98
CA VAL A 324 -11.99 13.23 22.85
C VAL A 324 -13.36 12.84 22.29
N GLU A 325 -14.06 13.80 21.68
CA GLU A 325 -15.31 13.51 20.99
C GLU A 325 -15.08 12.61 19.77
N ALA A 326 -14.11 12.99 18.94
CA ALA A 326 -13.80 12.28 17.70
C ALA A 326 -13.42 10.81 17.90
N VAL A 327 -12.62 10.52 18.92
CA VAL A 327 -12.16 9.14 19.15
C VAL A 327 -13.20 8.30 19.91
N GLY A 328 -14.28 8.94 20.38
CA GLY A 328 -15.37 8.23 21.02
C GLY A 328 -15.32 8.14 22.55
N LEU A 329 -14.51 8.99 23.19
CA LEU A 329 -14.48 9.03 24.65
C LEU A 329 -15.69 9.74 25.25
N CYS A 330 -16.37 10.56 24.46
CA CYS A 330 -17.61 11.19 24.88
C CYS A 330 -18.41 11.59 23.64
N PRO A 331 -19.70 11.96 23.82
CA PRO A 331 -20.53 12.32 22.66
C PRO A 331 -20.12 13.64 22.01
N GLU A 332 -20.48 13.80 20.74
CA GLU A 332 -20.21 15.02 19.99
C GLU A 332 -20.79 16.23 20.72
N GLY A 333 -20.02 17.31 20.75
CA GLY A 333 -20.43 18.54 21.44
C GLY A 333 -20.29 18.53 22.96
N LYS A 334 -19.87 17.40 23.54
CA LYS A 334 -19.82 17.25 25.00
C LYS A 334 -18.39 17.20 25.56
N GLY A 335 -17.39 17.46 24.72
CA GLY A 335 -16.00 17.40 25.16
C GLY A 335 -15.66 18.35 26.29
N GLY A 336 -16.31 19.51 26.32
CA GLY A 336 -16.13 20.48 27.41
C GLY A 336 -16.62 19.94 28.75
N GLU A 337 -17.71 19.19 28.71
CA GLU A 337 -18.27 18.57 29.91
C GLU A 337 -17.40 17.43 30.40
N PHE A 338 -16.78 16.72 29.46
CA PHE A 338 -15.83 15.66 29.77
C PHE A 338 -14.66 16.25 30.57
N MET A 339 -14.17 17.42 30.17
CA MET A 339 -13.10 18.10 30.91
C MET A 339 -13.57 18.51 32.31
N GLU A 340 -14.78 19.07 32.39
CA GLU A 340 -15.30 19.56 33.67
C GLU A 340 -15.51 18.45 34.70
N THR A 341 -16.04 17.31 34.27
CA THR A 341 -16.19 16.17 35.18
C THR A 341 -14.82 15.68 35.70
N ALA A 342 -13.82 15.61 34.82
CA ALA A 342 -12.48 15.21 35.24
C ALA A 342 -11.86 16.25 36.20
N TYR A 343 -12.08 17.52 35.90
CA TYR A 343 -11.60 18.62 36.74
C TYR A 343 -12.24 18.55 38.14
N ASN A 344 -13.58 18.45 38.16
CA ASN A 344 -14.32 18.32 39.41
C ASN A 344 -13.89 17.12 40.25
N GLU A 345 -13.60 15.99 39.59
CA GLU A 345 -13.18 14.79 40.31
C GLU A 345 -11.78 15.00 40.89
N MET A 346 -10.91 15.66 40.14
CA MET A 346 -9.59 16.04 40.62
C MET A 346 -9.71 16.86 41.90
N LEU A 347 -10.57 17.89 41.89
CA LEU A 347 -10.79 18.74 43.07
C LEU A 347 -11.30 17.95 44.28
N ASN A 348 -12.23 17.04 44.03
CA ASN A 348 -12.78 16.18 45.11
C ASN A 348 -11.83 15.07 45.55
N ASN A 349 -10.75 14.85 44.79
CA ASN A 349 -9.75 13.84 45.13
C ASN A 349 -8.47 14.49 45.70
N GLY A 350 -8.65 15.57 46.46
CA GLY A 350 -7.53 16.29 47.08
C GLY A 350 -6.57 16.93 46.10
N GLY A 351 -7.09 17.34 44.94
CA GLY A 351 -6.28 17.94 43.89
C GLY A 351 -5.43 16.97 43.08
N VAL A 352 -5.64 15.67 43.28
CA VAL A 352 -4.86 14.66 42.57
C VAL A 352 -5.61 14.17 41.33
N LEU A 353 -4.97 14.29 40.17
CA LEU A 353 -5.54 13.77 38.93
C LEU A 353 -5.08 12.32 38.73
N ASP A 354 -5.99 11.38 38.96
CA ASP A 354 -5.70 9.96 38.84
C ASP A 354 -5.65 9.58 37.35
N PRO A 355 -4.49 9.08 36.86
CA PRO A 355 -4.36 8.69 35.46
C PRO A 355 -5.42 7.70 34.97
N SER A 356 -5.83 6.77 35.84
CA SER A 356 -6.82 5.76 35.45
C SER A 356 -8.19 6.36 35.11
N LYS A 357 -8.51 7.52 35.70
CA LYS A 357 -9.77 8.21 35.41
C LYS A 357 -9.65 9.23 34.27
N PHE A 358 -8.42 9.48 33.81
CA PHE A 358 -8.16 10.41 32.72
C PHE A 358 -6.91 9.95 31.96
N PRO A 359 -7.04 8.84 31.21
CA PRO A 359 -5.88 8.16 30.62
C PRO A 359 -5.42 8.81 29.32
N ILE A 360 -5.10 10.10 29.42
CA ILE A 360 -4.88 10.95 28.27
C ILE A 360 -3.68 11.85 28.54
N ASN A 361 -2.72 11.86 27.61
CA ASN A 361 -1.62 12.81 27.66
C ASN A 361 -0.94 12.86 29.02
N THR A 362 -0.55 11.70 29.53
CA THR A 362 0.06 11.60 30.85
C THR A 362 1.41 12.31 30.94
N HIS A 363 1.96 12.72 29.79
CA HIS A 363 3.19 13.52 29.72
C HIS A 363 2.96 15.04 29.87
N GLY A 364 1.74 15.48 29.59
CA GLY A 364 1.39 16.91 29.68
C GLY A 364 1.04 17.58 28.36
N GLY A 365 1.25 16.87 27.26
CA GLY A 365 0.91 17.36 25.92
C GLY A 365 1.64 18.60 25.45
N LEU A 366 1.12 19.22 24.39
CA LEU A 366 1.71 20.44 23.83
C LEU A 366 1.59 21.60 24.81
N GLN A 367 0.54 21.55 25.62
CA GLN A 367 0.25 22.56 26.61
C GLN A 367 1.37 22.67 27.66
N CYS A 368 1.78 21.53 28.19
CA CYS A 368 2.60 21.53 29.41
C CYS A 368 3.86 20.69 29.33
N PHE A 369 3.94 19.74 28.38
CA PHE A 369 5.19 19.07 28.10
C PHE A 369 6.04 19.96 27.20
N GLY A 370 5.50 20.31 26.03
CA GLY A 370 6.19 21.21 25.10
C GLY A 370 5.85 20.94 23.65
N ALA A 371 6.08 21.94 22.79
CA ALA A 371 5.62 21.90 21.39
C ALA A 371 6.63 22.49 20.39
N PRO A 372 7.56 21.65 19.91
CA PRO A 372 8.47 22.08 18.86
C PRO A 372 7.85 21.98 17.45
N TRP A 373 6.88 22.86 17.17
CA TRP A 373 6.26 22.98 15.85
C TRP A 373 5.64 21.63 15.38
N GLU A 374 6.25 20.96 14.40
CA GLU A 374 5.68 19.70 13.87
C GLU A 374 6.16 18.44 14.62
N VAL A 375 6.97 18.62 15.65
CA VAL A 375 7.50 17.49 16.43
C VAL A 375 6.52 16.78 17.40
N PRO A 376 5.69 17.53 18.13
CA PRO A 376 5.15 16.98 19.38
C PRO A 376 4.17 15.78 19.30
N ALA A 377 3.64 15.45 18.12
CA ALA A 377 2.89 14.20 18.00
C ALA A 377 3.81 13.01 18.28
N MET A 378 5.12 13.20 18.08
CA MET A 378 6.13 12.23 18.51
C MET A 378 6.06 11.90 20.00
N TYR A 379 5.78 12.90 20.83
CA TYR A 379 5.70 12.69 22.28
C TYR A 379 4.44 11.93 22.70
N ASN A 380 3.38 11.98 21.90
CA ASN A 380 2.24 11.09 22.10
C ASN A 380 2.67 9.64 21.89
N ILE A 381 3.48 9.42 20.86
CA ILE A 381 3.99 8.09 20.57
C ILE A 381 4.93 7.60 21.68
N THR A 382 5.86 8.47 22.10
CA THR A 382 6.84 8.07 23.12
C THR A 382 6.16 7.84 24.48
N GLU A 383 5.13 8.63 24.79
CA GLU A 383 4.40 8.41 26.04
C GLU A 383 3.58 7.13 25.97
N ALA A 384 3.02 6.83 24.81
CA ALA A 384 2.27 5.59 24.61
C ALA A 384 3.18 4.38 24.81
N ILE A 385 4.37 4.44 24.24
CA ILE A 385 5.37 3.37 24.38
C ILE A 385 5.76 3.16 25.85
N ALA A 386 5.96 4.26 26.58
CA ALA A 386 6.29 4.20 28.00
C ALA A 386 5.17 3.52 28.80
N GLN A 387 3.92 3.88 28.50
CA GLN A 387 2.78 3.27 29.16
C GLN A 387 2.67 1.78 28.82
N LEU A 388 2.77 1.45 27.54
CA LEU A 388 2.66 0.05 27.10
C LEU A 388 3.75 -0.85 27.67
N SER A 389 4.94 -0.28 27.87
CA SER A 389 6.08 -1.07 28.35
C SER A 389 6.23 -1.02 29.87
N GLU A 390 5.28 -0.36 30.54
CA GLU A 390 5.30 -0.19 31.99
C GLU A 390 6.55 0.58 32.44
N GLU A 391 6.90 1.62 31.69
CA GLU A 391 8.07 2.44 32.01
C GLU A 391 7.69 3.92 32.17
N ALA A 392 6.42 4.17 32.50
CA ALA A 392 5.91 5.53 32.64
C ALA A 392 5.99 6.06 34.08
N GLY A 393 6.54 5.25 34.99
CA GLY A 393 6.86 5.69 36.35
C GLY A 393 5.67 6.10 37.20
N ASP A 394 5.75 7.31 37.74
CA ASP A 394 4.67 7.87 38.58
C ASP A 394 3.42 8.24 37.76
N ARG A 395 3.53 8.20 36.43
CA ARG A 395 2.40 8.42 35.53
C ARG A 395 1.76 7.10 35.07
N GLN A 396 2.36 5.97 35.49
CA GLN A 396 2.01 4.66 34.95
C GLN A 396 0.57 4.26 35.21
N LEU A 397 -0.10 3.77 34.16
CA LEU A 397 -1.45 3.27 34.27
C LEU A 397 -1.44 1.82 34.70
N THR A 398 -2.34 1.48 35.62
CA THR A 398 -2.53 0.11 36.09
C THR A 398 -4.00 -0.26 35.90
N PRO A 399 -4.28 -1.44 35.32
CA PRO A 399 -3.32 -2.41 34.78
C PRO A 399 -2.58 -1.85 33.57
N VAL A 400 -1.52 -2.52 33.15
CA VAL A 400 -0.70 -2.03 32.05
C VAL A 400 -1.57 -2.03 30.78
N PRO A 401 -1.69 -0.88 30.11
CA PRO A 401 -2.45 -0.86 28.84
C PRO A 401 -1.83 -1.79 27.81
N LYS A 402 -2.67 -2.53 27.09
CA LYS A 402 -2.20 -3.39 26.00
C LYS A 402 -2.27 -2.67 24.65
N ARG A 403 -3.06 -1.59 24.60
CA ARG A 403 -3.33 -0.90 23.35
C ARG A 403 -3.41 0.59 23.59
N ALA A 404 -2.90 1.36 22.64
CA ALA A 404 -2.87 2.82 22.74
C ALA A 404 -3.26 3.45 21.42
N LEU A 405 -3.82 4.65 21.49
CA LEU A 405 -4.18 5.41 20.31
C LEU A 405 -3.46 6.74 20.38
N VAL A 406 -2.83 7.13 19.29
CA VAL A 406 -2.16 8.44 19.19
C VAL A 406 -2.76 9.24 18.04
N TYR A 407 -2.81 10.55 18.23
CA TYR A 407 -3.47 11.44 17.29
C TYR A 407 -2.60 12.66 17.06
N GLY A 408 -2.36 12.97 15.78
CA GLY A 408 -1.64 14.17 15.37
C GLY A 408 -2.57 15.07 14.58
N ASN A 409 -2.41 16.38 14.75
CA ASN A 409 -3.22 17.37 14.08
C ASN A 409 -2.32 18.44 13.49
N GLY A 410 -2.62 18.85 12.27
CA GLY A 410 -1.83 19.88 11.58
C GLY A 410 -2.68 21.03 11.12
N GLY A 411 -2.05 22.19 10.96
CA GLY A 411 -2.74 23.37 10.49
C GLY A 411 -3.73 23.82 11.51
N ILE A 412 -4.93 24.20 11.05
CA ILE A 412 -6.02 24.55 11.94
C ILE A 412 -7.12 23.53 11.69
N PHE A 413 -7.04 22.40 12.38
CA PHE A 413 -7.86 21.20 12.10
C PHE A 413 -7.80 20.80 10.62
N SER A 414 -6.62 20.95 10.02
CA SER A 414 -6.46 20.77 8.57
C SER A 414 -5.98 19.36 8.21
N ALA A 415 -5.30 18.71 9.14
CA ALA A 415 -4.75 17.37 8.92
C ALA A 415 -4.95 16.57 10.18
N SER A 416 -5.48 15.36 10.02
CA SER A 416 -5.68 14.43 11.12
C SER A 416 -4.95 13.15 10.80
N SER A 417 -4.15 12.67 11.76
CA SER A 417 -3.46 11.41 11.63
C SER A 417 -3.64 10.62 12.92
N VAL A 418 -4.06 9.37 12.80
CA VAL A 418 -4.37 8.54 13.95
C VAL A 418 -3.68 7.20 13.76
N ALA A 419 -3.00 6.73 14.80
CA ALA A 419 -2.39 5.42 14.77
C ALA A 419 -2.77 4.64 16.02
N ILE A 420 -2.83 3.33 15.89
CA ILE A 420 -3.10 2.47 17.03
C ILE A 420 -1.87 1.58 17.22
N LEU A 421 -1.36 1.56 18.44
CA LEU A 421 -0.20 0.78 18.79
C LEU A 421 -0.60 -0.31 19.79
N ILE A 422 -0.18 -1.54 19.54
CA ILE A 422 -0.49 -2.65 20.43
C ILE A 422 0.78 -3.42 20.80
N SER A 423 0.79 -3.99 21.99
CA SER A 423 1.96 -4.71 22.49
C SER A 423 2.15 -6.05 21.76
N ASP A 424 1.05 -6.80 21.56
CA ASP A 424 1.11 -8.11 20.91
C ASP A 424 -0.19 -8.50 20.22
N SER B 19 -1.32 -5.69 -7.18
CA SER B 19 -2.61 -6.38 -7.48
C SER B 19 -3.57 -5.58 -8.37
N GLN B 20 -3.83 -4.33 -8.02
CA GLN B 20 -4.92 -3.57 -8.63
C GLN B 20 -4.34 -2.64 -9.68
N VAL B 21 -4.99 -2.56 -10.84
CA VAL B 21 -4.51 -1.75 -11.94
C VAL B 21 -4.90 -0.28 -11.73
N VAL B 22 -3.89 0.59 -11.75
CA VAL B 22 -4.07 2.01 -11.49
C VAL B 22 -3.63 2.78 -12.73
N ARG B 23 -4.44 3.76 -13.14
CA ARG B 23 -4.20 4.53 -14.34
C ARG B 23 -4.15 6.02 -14.07
N ILE B 24 -3.44 6.76 -14.93
CA ILE B 24 -3.54 8.22 -14.98
C ILE B 24 -4.72 8.54 -15.88
N VAL B 25 -5.82 9.02 -15.30
CA VAL B 25 -7.09 9.17 -16.02
C VAL B 25 -7.40 10.61 -16.40
N GLY B 26 -6.58 11.55 -15.94
CA GLY B 26 -6.74 12.95 -16.29
C GLY B 26 -5.41 13.69 -16.25
N VAL B 27 -5.17 14.52 -17.26
CA VAL B 27 -4.02 15.41 -17.30
C VAL B 27 -4.52 16.82 -17.59
N GLY B 28 -3.95 17.80 -16.89
CA GLY B 28 -4.24 19.19 -17.15
C GLY B 28 -2.99 20.01 -16.91
N ARG B 29 -2.83 21.08 -17.67
CA ARG B 29 -1.70 21.97 -17.46
C ARG B 29 -1.93 23.36 -18.01
N THR B 30 -1.12 24.29 -17.53
CA THR B 30 -1.14 25.65 -18.01
C THR B 30 -0.15 25.75 -19.17
N GLY B 31 -0.01 26.95 -19.72
CA GLY B 31 1.09 27.25 -20.62
C GLY B 31 2.39 27.29 -19.84
N ILE B 32 3.48 27.61 -20.53
CA ILE B 32 4.79 27.71 -19.89
C ILE B 32 5.50 28.98 -20.36
N GLY B 33 6.17 29.65 -19.42
CA GLY B 33 6.91 30.87 -19.73
C GLY B 33 6.70 31.91 -18.65
N LYS B 34 6.58 33.17 -19.05
CA LYS B 34 6.36 34.27 -18.11
C LYS B 34 4.87 34.60 -18.13
N LEU B 35 4.13 34.05 -17.17
CA LEU B 35 2.67 34.07 -17.19
C LEU B 35 2.05 35.15 -16.29
N HIS B 36 2.85 35.75 -15.42
CA HIS B 36 2.37 36.77 -14.47
C HIS B 36 1.12 36.34 -13.72
N LYS B 37 1.12 35.10 -13.24
CA LYS B 37 0.02 34.59 -12.43
C LYS B 37 0.57 34.03 -11.12
N SER B 38 -0.26 34.03 -10.09
CA SER B 38 0.16 33.47 -8.81
C SER B 38 0.28 31.95 -8.95
N VAL B 39 1.08 31.35 -8.06
CA VAL B 39 1.22 29.89 -8.03
C VAL B 39 -0.13 29.22 -7.73
N ASP B 40 -0.89 29.78 -6.79
CA ASP B 40 -2.25 29.31 -6.50
C ASP B 40 -3.16 29.30 -7.74
N GLU B 41 -3.11 30.39 -8.51
CA GLU B 41 -3.90 30.51 -9.75
C GLU B 41 -3.50 29.45 -10.78
N LEU B 42 -2.20 29.23 -10.94
CA LEU B 42 -1.70 28.23 -11.88
C LEU B 42 -2.12 26.82 -11.46
N ALA B 43 -1.98 26.53 -10.17
CA ALA B 43 -2.34 25.22 -9.63
C ALA B 43 -3.83 24.93 -9.82
N ALA B 44 -4.65 25.92 -9.49
CA ALA B 44 -6.10 25.80 -9.61
C ALA B 44 -6.51 25.57 -11.07
N SER B 45 -5.92 26.33 -12.00
CA SER B 45 -6.15 26.14 -13.46
C SER B 45 -5.81 24.74 -13.93
N ALA B 46 -4.61 24.27 -13.58
CA ALA B 46 -4.17 22.94 -13.97
C ALA B 46 -5.13 21.86 -13.48
N LEU B 47 -5.56 21.97 -12.23
CA LEU B 47 -6.47 21.00 -11.62
C LEU B 47 -7.84 20.99 -12.31
N LYS B 48 -8.38 22.18 -12.59
CA LYS B 48 -9.65 22.28 -13.32
C LYS B 48 -9.55 21.61 -14.69
N CYS B 49 -8.45 21.84 -15.40
CA CYS B 49 -8.23 21.21 -16.69
CA CYS B 49 -8.19 21.24 -16.69
C CYS B 49 -8.16 19.70 -16.55
N ALA B 50 -7.44 19.21 -15.54
CA ALA B 50 -7.29 17.76 -15.33
C ALA B 50 -8.61 17.08 -15.04
N LEU B 51 -9.47 17.76 -14.27
CA LEU B 51 -10.80 17.22 -13.96
C LEU B 51 -11.69 17.13 -15.19
N VAL B 52 -11.66 18.16 -16.03
CA VAL B 52 -12.38 18.12 -17.32
C VAL B 52 -11.84 16.99 -18.20
N ASP B 53 -10.51 16.84 -18.24
CA ASP B 53 -9.88 15.76 -18.99
C ASP B 53 -10.27 14.37 -18.50
N ALA B 54 -10.52 14.24 -17.19
CA ALA B 54 -10.91 12.97 -16.60
C ALA B 54 -12.42 12.73 -16.59
N ASN B 55 -13.19 13.74 -17.03
CA ASN B 55 -14.66 13.69 -17.00
C ASN B 55 -15.16 13.58 -15.55
N MET B 56 -14.54 14.36 -14.67
CA MET B 56 -14.81 14.33 -13.24
C MET B 56 -15.09 15.73 -12.73
N LYS B 57 -15.68 15.80 -11.55
CA LYS B 57 -15.85 17.05 -10.82
C LYS B 57 -15.08 16.99 -9.52
N GLN B 58 -14.87 18.15 -8.90
CA GLN B 58 -14.16 18.27 -7.62
C GLN B 58 -14.56 17.20 -6.61
N CYS B 59 -15.86 17.04 -6.44
CA CYS B 59 -16.41 16.12 -5.44
C CYS B 59 -16.03 14.66 -5.68
N ASP B 60 -15.55 14.34 -6.88
CA ASP B 60 -15.08 12.98 -7.18
C ASP B 60 -13.64 12.73 -6.69
N LEU B 61 -12.92 13.77 -6.28
CA LEU B 61 -11.56 13.61 -5.75
C LEU B 61 -11.59 13.16 -4.30
N GLN B 62 -10.74 12.20 -3.96
CA GLN B 62 -10.61 11.73 -2.57
C GLN B 62 -9.24 12.00 -1.95
N ALA B 63 -8.32 12.54 -2.73
CA ALA B 63 -7.01 12.91 -2.21
C ALA B 63 -6.29 13.89 -3.12
N LEU B 64 -5.36 14.62 -2.53
CA LEU B 64 -4.56 15.58 -3.26
C LEU B 64 -3.12 15.54 -2.73
N ILE B 65 -2.15 15.38 -3.61
CA ILE B 65 -0.73 15.45 -3.26
C ILE B 65 -0.08 16.57 -4.07
N ALA B 66 0.67 17.43 -3.39
CA ALA B 66 1.38 18.51 -4.07
C ALA B 66 2.84 18.55 -3.65
N VAL B 67 3.61 19.37 -4.38
CA VAL B 67 5.01 19.59 -4.07
C VAL B 67 5.21 21.08 -3.80
N PRO B 68 6.30 21.44 -3.10
CA PRO B 68 6.49 22.86 -2.78
C PRO B 68 6.81 23.76 -3.96
N SER B 69 6.59 25.06 -3.77
CA SER B 69 6.95 26.09 -4.73
C SER B 69 8.09 26.96 -4.20
N LEU B 70 9.02 27.34 -5.06
CA LEU B 70 10.11 28.26 -4.70
C LEU B 70 9.63 29.71 -4.77
N ALA B 71 8.78 30.01 -5.74
CA ALA B 71 8.29 31.38 -5.94
C ALA B 71 7.34 31.83 -4.83
N SER B 72 6.50 30.91 -4.35
CA SER B 72 5.59 31.21 -3.26
C SER B 72 5.60 30.07 -2.25
N PRO B 73 6.65 29.99 -1.42
CA PRO B 73 6.67 28.92 -0.42
C PRO B 73 5.54 29.10 0.58
N GLN B 74 4.85 28.00 0.87
CA GLN B 74 3.72 28.01 1.79
C GLN B 74 3.83 26.82 2.72
N PHE B 75 3.60 27.08 4.01
CA PHE B 75 3.36 26.03 4.99
C PHE B 75 2.20 25.14 4.51
N MET B 76 2.38 23.82 4.60
CA MET B 76 1.36 22.86 4.17
C MET B 76 0.80 23.22 2.80
N GLN B 77 1.71 23.27 1.82
CA GLN B 77 1.42 23.78 0.48
C GLN B 77 0.17 23.14 -0.14
N ALA B 78 0.07 21.82 -0.06
CA ALA B 78 -1.07 21.11 -0.63
C ALA B 78 -2.39 21.54 -0.02
N HIS B 79 -2.43 21.69 1.29
CA HIS B 79 -3.60 22.19 2.00
C HIS B 79 -3.93 23.62 1.59
N HIS B 80 -2.92 24.46 1.48
CA HIS B 80 -3.11 25.86 1.08
C HIS B 80 -3.76 25.94 -0.32
N ILE B 81 -3.23 25.16 -1.25
CA ILE B 81 -3.75 25.11 -2.62
C ILE B 81 -5.19 24.63 -2.63
N ALA B 82 -5.44 23.52 -1.93
CA ALA B 82 -6.78 22.94 -1.85
C ALA B 82 -7.81 23.89 -1.23
N THR B 83 -7.38 24.68 -0.26
CA THR B 83 -8.24 25.62 0.44
C THR B 83 -8.57 26.82 -0.45
N VAL B 84 -7.55 27.44 -1.03
CA VAL B 84 -7.76 28.61 -1.91
C VAL B 84 -8.52 28.24 -3.18
N ALA B 85 -8.36 26.99 -3.63
CA ALA B 85 -9.05 26.51 -4.82
C ALA B 85 -10.50 26.09 -4.56
N GLY B 86 -10.93 26.11 -3.30
CA GLY B 86 -12.32 25.87 -2.94
C GLY B 86 -12.73 24.41 -2.91
N LEU B 87 -11.81 23.51 -2.58
CA LEU B 87 -12.15 22.09 -2.49
C LEU B 87 -12.90 21.75 -1.21
N PHE B 88 -12.80 22.60 -0.19
CA PHE B 88 -13.52 22.41 1.07
C PHE B 88 -14.72 23.39 1.14
N PRO B 89 -15.79 23.00 1.85
CA PRO B 89 -15.98 21.73 2.56
C PRO B 89 -16.20 20.57 1.59
N THR B 90 -15.94 19.36 2.08
CA THR B 90 -16.05 18.15 1.27
C THR B 90 -17.05 17.19 1.90
N LYS B 91 -17.74 16.42 1.06
CA LYS B 91 -18.59 15.33 1.49
C LYS B 91 -17.76 14.06 1.51
N GLY B 92 -17.52 13.56 2.71
CA GLY B 92 -16.71 12.37 2.91
C GLY B 92 -15.22 12.68 3.00
N LYS B 93 -14.41 11.63 2.95
CA LYS B 93 -13.01 11.72 3.27
C LYS B 93 -12.17 12.33 2.15
N PHE B 94 -11.18 13.12 2.54
CA PHE B 94 -10.28 13.76 1.60
C PHE B 94 -8.92 13.78 2.28
N ILE B 95 -7.91 13.19 1.63
CA ILE B 95 -6.56 13.13 2.20
C ILE B 95 -5.65 14.06 1.42
N VAL B 96 -4.95 14.94 2.13
CA VAL B 96 -4.08 15.93 1.51
C VAL B 96 -2.67 15.79 2.09
N ARG B 97 -1.65 15.85 1.23
CA ARG B 97 -0.26 15.80 1.68
C ARG B 97 0.66 16.59 0.75
N THR B 98 1.71 17.17 1.32
CA THR B 98 2.78 17.78 0.54
C THR B 98 4.01 16.94 0.71
N VAL B 99 4.73 16.71 -0.39
CA VAL B 99 5.98 15.94 -0.36
C VAL B 99 7.09 16.72 -1.04
N ASP B 100 8.31 16.64 -0.49
CA ASP B 100 9.45 17.32 -1.08
C ASP B 100 10.57 16.32 -1.34
N THR B 101 10.76 16.00 -2.62
CA THR B 101 11.95 15.28 -3.08
C THR B 101 12.56 16.04 -4.27
N GLY B 102 12.47 17.37 -4.20
CA GLY B 102 12.94 18.22 -5.28
C GLY B 102 12.22 17.92 -6.58
N GLY B 103 12.96 17.95 -7.68
CA GLY B 103 12.43 17.65 -9.00
C GLY B 103 11.98 16.21 -9.21
N ALA B 104 12.31 15.31 -8.28
CA ALA B 104 11.78 13.95 -8.32
C ALA B 104 10.32 13.90 -7.84
N GLY B 105 9.87 15.00 -7.23
CA GLY B 105 8.59 15.06 -6.53
C GLY B 105 7.36 14.59 -7.28
N PRO B 106 7.20 15.01 -8.54
CA PRO B 106 6.00 14.58 -9.27
C PRO B 106 5.88 13.07 -9.43
N ILE B 107 7.01 12.39 -9.59
CA ILE B 107 6.98 10.93 -9.76
C ILE B 107 6.92 10.22 -8.39
N THR B 108 7.60 10.77 -7.39
CA THR B 108 7.41 10.33 -5.99
C THR B 108 5.92 10.36 -5.62
N ALA B 109 5.27 11.48 -5.92
CA ALA B 109 3.85 11.64 -5.61
C ALA B 109 2.99 10.64 -6.35
N LEU B 110 3.37 10.35 -7.59
CA LEU B 110 2.66 9.39 -8.42
C LEU B 110 2.68 8.02 -7.77
N GLY B 111 3.83 7.63 -7.23
CA GLY B 111 3.94 6.39 -6.48
C GLY B 111 3.12 6.39 -5.21
N MET B 112 3.11 7.52 -4.51
CA MET B 112 2.25 7.67 -3.33
C MET B 112 0.77 7.55 -3.69
N ALA B 113 0.40 8.07 -4.86
CA ALA B 113 -1.00 8.03 -5.31
C ALA B 113 -1.43 6.58 -5.56
N VAL B 114 -0.58 5.82 -6.24
CA VAL B 114 -0.83 4.40 -6.48
C VAL B 114 -1.04 3.67 -5.15
N ASP B 115 -0.19 3.95 -4.19
CA ASP B 115 -0.34 3.35 -2.87
C ASP B 115 -1.66 3.68 -2.18
N LEU B 116 -2.08 4.94 -2.23
CA LEU B 116 -3.38 5.33 -1.66
C LEU B 116 -4.54 4.56 -2.28
N VAL B 117 -4.46 4.32 -3.59
CA VAL B 117 -5.50 3.57 -4.29
C VAL B 117 -5.46 2.10 -3.92
N ARG B 118 -4.27 1.50 -3.93
CA ARG B 118 -4.14 0.07 -3.62
C ARG B 118 -4.47 -0.30 -2.18
N THR B 119 -4.17 0.59 -1.24
CA THR B 119 -4.55 0.38 0.16
C THR B 119 -5.99 0.81 0.45
N ARG B 120 -6.68 1.31 -0.57
CA ARG B 120 -8.07 1.74 -0.48
C ARG B 120 -8.31 2.93 0.46
N CYS B 121 -7.30 3.78 0.62
CA CYS B 121 -7.44 5.02 1.38
C CYS B 121 -8.12 6.11 0.56
N ALA B 122 -7.97 6.03 -0.76
CA ALA B 122 -8.58 6.99 -1.67
C ALA B 122 -8.71 6.35 -3.05
N GLU B 123 -9.91 6.41 -3.61
CA GLU B 123 -10.19 5.81 -4.92
C GLU B 123 -9.65 6.67 -6.06
N THR B 124 -9.59 7.98 -5.85
CA THR B 124 -9.06 8.91 -6.85
C THR B 124 -8.11 9.90 -6.18
N VAL B 125 -7.05 10.29 -6.88
CA VAL B 125 -5.99 11.14 -6.31
C VAL B 125 -5.52 12.18 -7.31
N ALA B 126 -5.52 13.44 -6.90
CA ALA B 126 -4.94 14.50 -7.70
C ALA B 126 -3.48 14.68 -7.29
N VAL B 127 -2.59 14.81 -8.27
CA VAL B 127 -1.18 15.15 -8.03
C VAL B 127 -0.91 16.47 -8.74
N ILE B 128 -0.45 17.47 -7.98
CA ILE B 128 -0.26 18.83 -8.53
C ILE B 128 1.14 19.37 -8.25
N ALA B 129 1.74 19.98 -9.28
CA ALA B 129 2.97 20.75 -9.15
C ALA B 129 2.79 22.09 -9.84
N ALA B 130 3.19 23.16 -9.18
CA ALA B 130 3.05 24.51 -9.73
C ALA B 130 4.18 25.42 -9.25
N ASP B 131 4.72 26.23 -10.14
CA ASP B 131 5.67 27.28 -9.74
C ASP B 131 5.72 28.44 -10.72
N ALA B 132 6.38 29.52 -10.31
CA ALA B 132 6.49 30.73 -11.11
C ALA B 132 7.87 31.36 -10.95
N VAL B 133 8.89 30.57 -11.24
CA VAL B 133 10.27 30.99 -11.01
C VAL B 133 10.84 31.92 -12.10
N LEU B 134 10.13 32.12 -13.20
CA LEU B 134 10.54 33.12 -14.16
C LEU B 134 9.97 34.48 -13.76
N SER B 135 8.68 34.51 -13.39
CA SER B 135 8.04 35.76 -12.99
C SER B 135 8.57 36.35 -11.68
N MET B 136 9.17 35.52 -10.83
CA MET B 136 9.66 35.99 -9.53
C MET B 136 10.86 36.93 -9.65
N GLY B 137 11.56 36.90 -10.78
CA GLY B 137 12.71 37.78 -11.01
C GLY B 137 14.04 37.09 -10.70
N SER B 138 15.09 37.52 -11.40
CA SER B 138 16.39 36.85 -11.32
C SER B 138 17.06 36.96 -9.97
N GLY B 139 16.90 38.11 -9.31
CA GLY B 139 17.49 38.35 -7.99
C GLY B 139 16.89 37.45 -6.93
N ALA B 140 15.57 37.42 -6.86
CA ALA B 140 14.86 36.56 -5.92
C ALA B 140 15.14 35.08 -6.21
N PHE B 141 15.17 34.70 -7.48
CA PHE B 141 15.42 33.30 -7.83
C PHE B 141 16.82 32.86 -7.41
N ALA B 142 17.82 33.70 -7.70
CA ALA B 142 19.20 33.39 -7.34
C ALA B 142 19.34 33.23 -5.84
N GLU B 143 18.74 34.15 -5.09
CA GLU B 143 18.81 34.11 -3.62
C GLU B 143 18.21 32.83 -3.06
N ARG B 144 16.97 32.52 -3.46
CA ARG B 144 16.25 31.37 -2.91
C ARG B 144 16.80 30.03 -3.40
N SER B 145 17.23 29.96 -4.66
CA SER B 145 17.84 28.74 -5.19
C SER B 145 19.21 28.47 -4.54
N ASN B 146 20.00 29.52 -4.31
CA ASN B 146 21.29 29.37 -3.62
C ASN B 146 21.13 29.00 -2.14
N ALA B 147 20.14 29.62 -1.49
CA ALA B 147 19.83 29.30 -0.09
C ALA B 147 19.37 27.86 0.08
N SER B 148 18.83 27.27 -0.98
CA SER B 148 18.44 25.87 -0.96
C SER B 148 19.63 24.94 -0.70
N LEU B 149 20.86 25.42 -0.94
CA LEU B 149 22.07 24.61 -0.72
C LEU B 149 23.01 25.14 0.37
N ARG B 150 22.48 25.69 1.46
CA ARG B 150 23.34 26.08 2.60
C ARG B 150 24.12 24.89 3.15
N ARG B 151 25.30 25.17 3.68
CA ARG B 151 26.23 24.18 4.22
C ARG B 151 26.87 23.25 3.18
N SER B 152 26.60 23.49 1.91
CA SER B 152 27.19 22.69 0.84
C SER B 152 28.64 23.08 0.58
N GLY B 153 28.95 24.36 0.80
CA GLY B 153 30.27 24.91 0.48
C GLY B 153 30.42 25.23 -1.01
N LEU B 154 29.32 25.17 -1.76
CA LEU B 154 29.35 25.39 -3.20
C LEU B 154 29.37 26.88 -3.52
N PRO B 155 30.18 27.30 -4.51
CA PRO B 155 30.11 28.70 -4.94
C PRO B 155 28.80 28.99 -5.69
N GLU B 156 28.41 30.25 -5.74
CA GLU B 156 27.17 30.65 -6.42
C GLU B 156 27.39 30.80 -7.92
N PRO B 157 26.38 30.42 -8.75
CA PRO B 157 25.13 29.78 -8.35
C PRO B 157 25.37 28.32 -7.96
N CYS B 158 24.80 27.93 -6.81
CA CYS B 158 25.18 26.69 -6.14
C CYS B 158 24.78 25.43 -6.91
N ILE B 159 23.56 25.38 -7.41
CA ILE B 159 23.06 24.16 -8.07
C ILE B 159 23.88 23.84 -9.33
N PRO B 160 24.09 24.83 -10.22
CA PRO B 160 24.96 24.58 -11.38
C PRO B 160 26.38 24.14 -10.98
N HIS B 161 26.96 24.76 -9.95
CA HIS B 161 28.29 24.37 -9.50
C HIS B 161 28.33 22.95 -8.93
N GLY B 162 27.26 22.55 -8.25
CA GLY B 162 27.15 21.18 -7.75
C GLY B 162 27.19 20.15 -8.86
N TYR B 163 26.33 20.34 -9.87
CA TYR B 163 26.33 19.47 -11.04
C TYR B 163 27.64 19.54 -11.83
N ASP B 164 28.22 20.73 -11.88
CA ASP B 164 29.50 20.94 -12.55
C ASP B 164 30.62 20.09 -11.91
N ARG B 165 30.61 19.96 -10.58
CA ARG B 165 31.60 19.13 -9.89
C ARG B 165 31.50 17.66 -10.29
N TYR B 166 30.27 17.16 -10.44
CA TYR B 166 30.04 15.79 -10.90
C TYR B 166 30.44 15.61 -12.36
N ALA B 167 30.17 16.62 -13.18
CA ALA B 167 30.61 16.59 -14.59
C ALA B 167 32.14 16.50 -14.69
N GLN B 168 32.84 17.33 -13.92
CA GLN B 168 34.31 17.28 -13.90
C GLN B 168 34.84 15.92 -13.46
N TRP B 169 34.20 15.35 -12.44
CA TRP B 169 34.54 14.00 -11.99
C TRP B 169 34.37 12.98 -13.12
N TYR B 170 33.26 13.08 -13.86
CA TYR B 170 33.01 12.21 -15.01
C TYR B 170 34.08 12.33 -16.09
N MET B 171 34.53 13.55 -16.34
CA MET B 171 35.55 13.80 -17.36
C MET B 171 36.87 13.14 -16.95
N SER B 172 37.22 13.25 -15.66
CA SER B 172 38.43 12.62 -15.12
C SER B 172 38.33 11.09 -15.02
N ARG B 173 37.16 10.61 -14.61
CA ARG B 173 36.96 9.19 -14.32
C ARG B 173 36.70 8.35 -15.57
N TYR B 174 35.82 8.85 -16.43
CA TYR B 174 35.36 8.08 -17.59
C TYR B 174 35.86 8.62 -18.93
N GLY B 175 36.53 9.77 -18.92
CA GLY B 175 36.98 10.40 -20.15
C GLY B 175 35.90 11.15 -20.91
N LEU B 176 34.84 11.56 -20.21
CA LEU B 176 33.79 12.39 -20.82
C LEU B 176 34.42 13.66 -21.36
N LYS B 177 34.02 14.06 -22.57
CA LYS B 177 34.59 15.23 -23.22
C LYS B 177 33.67 16.44 -23.09
N ARG B 178 34.28 17.62 -23.01
CA ARG B 178 33.55 18.87 -22.84
C ARG B 178 32.48 19.05 -23.91
N GLU B 179 32.82 18.72 -25.15
CA GLU B 179 31.88 18.90 -26.27
C GLU B 179 30.67 17.95 -26.19
N GLN B 180 30.84 16.78 -25.56
CA GLN B 180 29.76 15.82 -25.39
C GLN B 180 28.71 16.34 -24.40
N LEU B 181 29.14 17.12 -23.42
CA LEU B 181 28.19 17.81 -22.53
C LEU B 181 27.39 18.82 -23.35
N ALA B 182 28.08 19.59 -24.19
CA ALA B 182 27.45 20.67 -24.96
C ALA B 182 26.48 20.15 -26.01
N MET B 183 26.65 18.89 -26.42
CA MET B 183 25.76 18.26 -27.38
C MET B 183 24.36 18.03 -26.84
N VAL B 184 24.21 17.95 -25.52
CA VAL B 184 22.90 17.68 -24.91
C VAL B 184 21.89 18.78 -25.27
N PRO B 185 22.21 20.06 -24.99
CA PRO B 185 21.25 21.10 -25.36
C PRO B 185 21.02 21.25 -26.87
N VAL B 186 22.02 20.92 -27.69
CA VAL B 186 21.83 20.91 -29.14
C VAL B 186 20.71 19.93 -29.50
N LEU B 187 20.83 18.70 -29.01
CA LEU B 187 19.81 17.67 -29.27
C LEU B 187 18.44 18.07 -28.71
N MET B 188 18.41 18.58 -27.48
CA MET B 188 17.16 19.02 -26.87
C MET B 188 16.50 20.17 -27.64
N SER B 189 17.32 21.09 -28.15
CA SER B 189 16.82 22.23 -28.92
C SER B 189 16.23 21.80 -30.26
N LYS B 190 16.79 20.73 -30.85
CA LYS B 190 16.20 20.12 -32.05
C LYS B 190 14.80 19.57 -31.75
N MET B 191 14.64 18.97 -30.58
CA MET B 191 13.32 18.48 -30.16
C MET B 191 12.38 19.64 -29.90
N ALA B 192 12.88 20.65 -29.19
CA ALA B 192 12.08 21.82 -28.81
C ALA B 192 11.45 22.53 -30.01
N GLU B 193 12.19 22.59 -31.12
CA GLU B 193 11.71 23.18 -32.38
C GLU B 193 10.37 22.65 -32.86
N ARG B 194 10.10 21.36 -32.62
CA ARG B 194 8.87 20.72 -33.05
C ARG B 194 7.73 20.79 -32.01
N HIS B 195 7.98 21.49 -30.91
CA HIS B 195 6.95 21.74 -29.91
C HIS B 195 6.71 23.25 -29.82
N PRO B 196 5.51 23.71 -30.21
CA PRO B 196 5.26 25.16 -30.22
C PRO B 196 5.31 25.83 -28.83
N GLU B 197 4.96 25.08 -27.79
CA GLU B 197 4.97 25.59 -26.42
C GLU B 197 6.37 25.68 -25.81
N ALA B 198 7.34 24.99 -26.39
CA ALA B 198 8.71 24.99 -25.84
C ALA B 198 9.28 26.40 -25.84
N MET B 199 10.02 26.74 -24.80
CA MET B 199 10.57 28.08 -24.68
C MET B 199 11.71 28.35 -25.66
N CYS B 200 12.47 27.32 -25.98
CA CYS B 200 13.48 27.40 -27.03
C CYS B 200 12.79 27.17 -28.37
N GLN B 201 12.94 28.11 -29.29
N GLN B 201 12.95 28.14 -29.27
CA GLN B 201 12.30 27.93 -30.59
CA GLN B 201 12.30 28.14 -30.58
C GLN B 201 13.22 27.74 -31.76
C GLN B 201 13.21 27.80 -31.75
N LYS B 202 14.50 28.13 -31.60
CA LYS B 202 15.49 27.96 -32.65
C LYS B 202 16.56 27.01 -32.15
N ALA B 203 16.83 25.95 -32.90
CA ALA B 203 17.83 24.96 -32.50
C ALA B 203 19.21 25.59 -32.38
N TYR B 204 20.01 25.14 -31.42
CA TYR B 204 21.36 25.64 -31.22
C TYR B 204 22.35 24.87 -32.09
N THR B 205 23.49 25.48 -32.38
CA THR B 205 24.65 24.76 -32.91
C THR B 205 25.60 24.46 -31.76
N LEU B 206 26.47 23.48 -31.94
CA LEU B 206 27.44 23.13 -30.91
C LEU B 206 28.31 24.33 -30.55
N ASP B 207 28.75 25.07 -31.56
CA ASP B 207 29.54 26.29 -31.35
C ASP B 207 28.81 27.33 -30.52
N GLU B 208 27.52 27.53 -30.77
CA GLU B 208 26.72 28.48 -30.00
C GLU B 208 26.69 28.13 -28.51
N VAL B 209 26.51 26.85 -28.22
CA VAL B 209 26.46 26.38 -26.84
C VAL B 209 27.82 26.61 -26.17
N LEU B 210 28.89 26.20 -26.84
CA LEU B 210 30.25 26.35 -26.32
C LEU B 210 30.69 27.81 -26.19
N HIS B 211 30.15 28.68 -27.04
CA HIS B 211 30.50 30.10 -27.00
C HIS B 211 29.60 30.89 -26.05
N SER B 212 28.50 30.26 -25.58
CA SER B 212 27.58 30.95 -24.68
C SER B 212 28.22 31.19 -23.33
N ARG B 213 27.67 32.16 -22.61
CA ARG B 213 28.18 32.62 -21.33
C ARG B 213 28.45 31.48 -20.34
N CYS B 214 29.65 31.46 -19.77
CA CYS B 214 30.00 30.46 -18.74
C CYS B 214 29.21 30.71 -17.47
N VAL B 215 28.68 29.64 -16.91
CA VAL B 215 27.99 29.71 -15.61
C VAL B 215 28.81 29.00 -14.54
N ALA B 216 29.40 27.87 -14.90
CA ALA B 216 30.32 27.13 -14.05
C ALA B 216 31.44 26.59 -14.94
N PRO B 217 32.53 26.08 -14.33
CA PRO B 217 33.72 25.70 -15.12
C PRO B 217 33.47 24.93 -16.41
N VAL B 218 32.53 23.98 -16.40
CA VAL B 218 32.22 23.20 -17.61
C VAL B 218 30.73 23.22 -17.91
N THR B 219 30.07 24.33 -17.54
CA THR B 219 28.64 24.49 -17.76
C THR B 219 28.36 25.92 -18.24
N ASN B 220 27.86 26.05 -19.46
CA ASN B 220 27.51 27.35 -20.02
C ASN B 220 26.01 27.59 -19.96
N LEU B 221 25.63 28.84 -20.20
CA LEU B 221 24.24 29.29 -20.06
C LEU B 221 23.26 28.39 -20.79
N LEU B 222 23.57 28.06 -22.04
CA LEU B 222 22.67 27.24 -22.86
C LEU B 222 22.58 25.78 -22.42
N GLU B 223 23.45 25.36 -21.49
CA GLU B 223 23.39 24.03 -20.88
C GLU B 223 22.55 24.00 -19.58
N CYS B 224 22.08 25.16 -19.12
CA CYS B 224 21.34 25.25 -17.86
C CYS B 224 19.84 25.10 -18.05
N ALA B 225 19.17 24.50 -17.07
CA ALA B 225 17.71 24.43 -17.04
C ALA B 225 17.11 25.82 -17.24
N ARG B 226 16.06 25.91 -18.06
CA ARG B 226 15.46 27.18 -18.45
C ARG B 226 14.34 27.58 -17.49
N ARG B 227 14.56 28.64 -16.72
CA ARG B 227 13.56 29.15 -15.79
C ARG B 227 12.23 29.42 -16.50
N ALA B 228 11.13 29.06 -15.84
CA ALA B 228 9.80 29.21 -16.42
C ALA B 228 8.73 29.18 -15.32
N ASP B 229 7.54 29.68 -15.64
CA ASP B 229 6.37 29.44 -14.81
C ASP B 229 5.57 28.32 -15.47
N GLY B 230 4.79 27.61 -14.67
CA GLY B 230 3.91 26.57 -15.20
C GLY B 230 3.35 25.69 -14.11
N ALA B 231 2.27 24.99 -14.43
CA ALA B 231 1.70 24.01 -13.51
C ALA B 231 1.12 22.83 -14.29
N VAL B 232 1.14 21.66 -13.65
CA VAL B 232 0.54 20.44 -14.22
C VAL B 232 -0.21 19.72 -13.12
N ALA B 233 -1.35 19.12 -13.47
CA ALA B 233 -2.13 18.32 -12.54
C ALA B 233 -2.44 16.99 -13.20
N LEU B 234 -2.32 15.91 -12.42
CA LEU B 234 -2.66 14.56 -12.87
C LEU B 234 -3.76 14.02 -11.97
N ILE B 235 -4.67 13.25 -12.55
CA ILE B 235 -5.66 12.52 -11.77
C ILE B 235 -5.35 11.04 -11.90
N VAL B 236 -5.26 10.35 -10.77
CA VAL B 236 -4.94 8.94 -10.73
C VAL B 236 -6.14 8.20 -10.15
N SER B 237 -6.51 7.08 -10.76
CA SER B 237 -7.64 6.29 -10.30
C SER B 237 -7.46 4.82 -10.60
N GLY B 238 -8.07 3.97 -9.77
CA GLY B 238 -8.17 2.56 -10.08
C GLY B 238 -8.96 2.38 -11.38
N GLU B 239 -8.54 1.42 -12.19
CA GLU B 239 -9.11 1.18 -13.51
C GLU B 239 -10.60 0.84 -13.44
N ALA B 240 -10.94 -0.11 -12.57
CA ALA B 240 -12.32 -0.56 -12.43
C ALA B 240 -13.21 0.56 -11.91
N HIS B 241 -12.75 1.25 -10.85
CA HIS B 241 -13.48 2.38 -10.29
C HIS B 241 -13.81 3.40 -11.36
N TYR B 242 -12.79 3.75 -12.15
CA TYR B 242 -12.95 4.75 -13.20
C TYR B 242 -13.93 4.31 -14.27
N ALA B 243 -13.78 3.05 -14.71
CA ALA B 243 -14.65 2.47 -15.74
C ALA B 243 -16.13 2.52 -15.33
N GLU B 244 -16.41 2.22 -14.07
CA GLU B 244 -17.78 2.15 -13.58
C GLU B 244 -18.48 3.50 -13.49
N HIS B 245 -17.76 4.54 -13.09
CA HIS B 245 -18.38 5.83 -12.75
C HIS B 245 -18.17 6.94 -13.77
N PHE B 246 -17.04 6.92 -14.48
CA PHE B 246 -16.64 8.06 -15.32
C PHE B 246 -16.35 7.76 -16.79
N ALA B 247 -16.31 6.48 -17.17
CA ALA B 247 -16.02 6.11 -18.56
C ALA B 247 -17.32 5.92 -19.33
N LEU B 256 -7.29 4.99 -26.55
CA LEU B 256 -7.84 5.23 -25.21
C LEU B 256 -6.90 4.74 -24.10
N GLY B 257 -6.45 3.49 -24.22
CA GLY B 257 -5.47 2.90 -23.30
C GLY B 257 -4.25 3.80 -23.09
N GLY B 258 -3.66 4.27 -24.19
CA GLY B 258 -2.49 5.14 -24.14
C GLY B 258 -2.74 6.55 -23.62
N SER B 259 -3.94 7.07 -23.80
CA SER B 259 -4.28 8.40 -23.32
C SER B 259 -4.55 8.42 -21.82
N LYS B 260 -4.85 7.26 -21.25
CA LYS B 260 -5.04 7.10 -19.81
C LYS B 260 -4.20 5.91 -19.32
N PRO B 261 -2.87 6.05 -19.38
CA PRO B 261 -1.99 4.88 -19.22
C PRO B 261 -1.97 4.23 -17.84
N ILE B 262 -1.67 2.93 -17.82
CA ILE B 262 -1.46 2.19 -16.59
C ILE B 262 -0.11 2.61 -15.99
N ILE B 263 -0.09 2.85 -14.68
CA ILE B 263 1.15 3.08 -13.96
C ILE B 263 1.65 1.69 -13.57
N ALA B 264 2.55 1.14 -14.37
CA ALA B 264 3.02 -0.24 -14.19
C ALA B 264 3.91 -0.39 -12.98
N SER B 265 4.75 0.61 -12.72
CA SER B 265 5.60 0.61 -11.54
C SER B 265 6.14 2.01 -11.24
N VAL B 266 6.46 2.24 -9.96
CA VAL B 266 7.18 3.43 -9.52
C VAL B 266 8.23 2.98 -8.50
N ALA B 267 9.43 3.54 -8.58
CA ALA B 267 10.50 3.23 -7.64
C ALA B 267 11.35 4.47 -7.35
N GLU B 268 11.91 4.53 -6.14
CA GLU B 268 12.73 5.66 -5.73
C GLU B 268 14.05 5.22 -5.11
N ALA B 269 14.99 6.15 -5.10
CA ALA B 269 16.25 5.98 -4.41
C ALA B 269 16.83 7.37 -4.18
N SER B 270 17.83 7.47 -3.31
CA SER B 270 18.32 8.78 -2.88
C SER B 270 19.82 8.80 -2.69
N GLY B 271 20.35 10.01 -2.59
CA GLY B 271 21.77 10.26 -2.38
C GLY B 271 21.95 11.58 -1.65
N PRO B 272 23.21 11.94 -1.37
CA PRO B 272 23.45 13.17 -0.64
C PRO B 272 22.93 14.42 -1.36
N LEU B 273 22.55 15.42 -0.57
CA LEU B 273 21.99 16.65 -1.12
C LEU B 273 23.03 17.41 -1.94
N PHE B 274 24.30 17.33 -1.55
CA PHE B 274 25.38 18.00 -2.26
C PHE B 274 26.65 17.13 -2.25
N PRO B 275 27.56 17.37 -3.20
CA PRO B 275 28.75 16.50 -3.27
C PRO B 275 29.72 16.71 -2.12
N PRO B 276 30.60 15.71 -1.87
CA PRO B 276 31.67 15.87 -0.87
C PRO B 276 32.68 16.94 -1.28
N ILE B 282 34.16 11.65 -4.28
CA ILE B 282 33.03 11.20 -5.10
C ILE B 282 33.22 9.75 -5.56
N VAL B 283 32.14 8.96 -5.44
CA VAL B 283 32.15 7.55 -5.81
C VAL B 283 30.90 7.17 -6.60
N PRO B 284 30.97 6.09 -7.40
CA PRO B 284 29.84 5.70 -8.27
C PRO B 284 28.54 5.34 -7.54
N ASP B 285 28.64 4.85 -6.30
CA ASP B 285 27.46 4.47 -5.53
C ASP B 285 26.65 5.68 -5.01
N ILE B 286 27.18 6.89 -5.18
CA ILE B 286 26.42 8.11 -4.88
C ILE B 286 25.19 8.22 -5.78
N PHE B 287 25.32 7.81 -7.03
CA PHE B 287 24.26 7.96 -8.03
C PHE B 287 23.16 6.92 -7.83
N SER B 288 21.92 7.40 -7.72
CA SER B 288 20.79 6.58 -7.30
C SER B 288 19.84 6.21 -8.43
N CYS B 289 19.96 6.85 -9.59
CA CYS B 289 19.03 6.58 -10.70
C CYS B 289 19.06 5.10 -11.11
N ARG B 290 20.24 4.51 -11.16
CA ARG B 290 20.37 3.09 -11.53
C ARG B 290 19.53 2.19 -10.62
N HIS B 291 19.61 2.41 -9.31
CA HIS B 291 18.84 1.62 -8.35
C HIS B 291 17.34 1.78 -8.57
N ALA B 292 16.89 3.01 -8.74
CA ALA B 292 15.47 3.28 -8.97
C ALA B 292 15.00 2.63 -10.27
N ALA B 293 15.80 2.75 -11.33
CA ALA B 293 15.46 2.19 -12.62
C ALA B 293 15.32 0.67 -12.52
N ARG B 294 16.33 0.02 -11.91
CA ARG B 294 16.32 -1.43 -11.75
C ARG B 294 15.07 -1.92 -11.05
N ASP B 295 14.71 -1.27 -9.94
CA ASP B 295 13.53 -1.65 -9.17
C ASP B 295 12.23 -1.40 -9.94
N ALA B 296 12.18 -0.33 -10.72
CA ALA B 296 10.99 -0.05 -11.55
C ALA B 296 10.80 -1.13 -12.63
N PHE B 297 11.90 -1.52 -13.28
CA PHE B 297 11.87 -2.57 -14.29
C PHE B 297 11.44 -3.91 -13.69
N LEU B 298 12.00 -4.25 -12.53
CA LEU B 298 11.61 -5.47 -11.82
C LEU B 298 10.15 -5.51 -11.46
N SER B 299 9.66 -4.45 -10.83
CA SER B 299 8.24 -4.34 -10.47
C SER B 299 7.32 -4.47 -11.68
N ALA B 300 7.73 -3.89 -12.81
CA ALA B 300 6.91 -3.93 -14.03
C ALA B 300 7.11 -5.22 -14.84
N ASN B 301 8.15 -5.99 -14.54
CA ASN B 301 8.52 -7.18 -15.30
C ASN B 301 8.84 -6.84 -16.76
N LEU B 302 9.68 -5.83 -16.96
CA LEU B 302 10.04 -5.36 -18.28
C LEU B 302 11.54 -5.10 -18.34
N ASN B 303 12.06 -4.99 -19.55
CA ASN B 303 13.45 -4.61 -19.77
C ASN B 303 13.51 -3.33 -20.60
N VAL B 304 14.71 -2.78 -20.74
CA VAL B 304 14.87 -1.49 -21.41
C VAL B 304 14.45 -1.60 -22.88
N GLY B 305 14.69 -2.76 -23.49
CA GLY B 305 14.26 -3.02 -24.87
C GLY B 305 12.76 -2.97 -25.09
N ASP B 306 11.98 -3.16 -24.03
CA ASP B 306 10.52 -3.06 -24.10
C ASP B 306 10.02 -1.62 -24.09
N ILE B 307 10.90 -0.66 -23.76
CA ILE B 307 10.52 0.75 -23.63
C ILE B 307 10.90 1.51 -24.90
N HIS B 308 9.94 2.23 -25.47
CA HIS B 308 10.21 2.99 -26.70
C HIS B 308 10.06 4.50 -26.57
N PHE B 309 9.77 4.99 -25.37
CA PHE B 309 9.90 6.43 -25.09
C PHE B 309 10.47 6.64 -23.70
N PHE B 310 11.39 7.60 -23.59
CA PHE B 310 12.03 7.95 -22.34
C PHE B 310 11.90 9.43 -22.07
N GLY B 311 11.28 9.78 -20.95
CA GLY B 311 11.23 11.16 -20.47
C GLY B 311 12.18 11.28 -19.30
N LEU B 312 13.38 11.82 -19.58
CA LEU B 312 14.49 11.78 -18.63
C LEU B 312 14.91 13.17 -18.18
N TYR B 313 14.90 13.39 -16.88
CA TYR B 313 15.28 14.66 -16.27
C TYR B 313 16.65 15.09 -16.79
N ASP B 314 16.76 16.35 -17.17
CA ASP B 314 17.95 16.86 -17.84
C ASP B 314 18.23 18.32 -17.43
N CYS B 315 18.29 18.57 -16.13
CA CYS B 315 18.48 19.93 -15.62
C CYS B 315 19.81 20.51 -16.10
N PHE B 316 20.81 19.64 -16.23
CA PHE B 316 22.09 19.94 -16.85
C PHE B 316 22.55 18.73 -17.68
N PRO B 317 23.48 18.92 -18.63
CA PRO B 317 23.87 17.82 -19.50
C PRO B 317 24.31 16.57 -18.76
N ILE B 318 25.07 16.74 -17.67
CA ILE B 318 25.55 15.58 -16.91
C ILE B 318 24.39 14.73 -16.34
N CYS B 319 23.25 15.37 -16.06
CA CYS B 319 22.07 14.63 -15.58
C CYS B 319 21.54 13.68 -16.65
N LEU B 320 21.44 14.15 -17.89
CA LEU B 320 20.94 13.31 -18.97
C LEU B 320 21.96 12.21 -19.34
N ILE B 321 23.24 12.55 -19.32
CA ILE B 321 24.31 11.60 -19.59
C ILE B 321 24.26 10.45 -18.57
N GLN B 322 24.11 10.79 -17.29
CA GLN B 322 23.97 9.81 -16.23
C GLN B 322 22.69 8.98 -16.39
N ALA B 323 21.61 9.66 -16.77
CA ALA B 323 20.30 9.01 -16.91
C ALA B 323 20.26 7.92 -17.98
N VAL B 324 20.80 8.20 -19.16
CA VAL B 324 20.78 7.21 -20.24
C VAL B 324 21.58 5.95 -19.85
N GLU B 325 22.67 6.14 -19.11
CA GLU B 325 23.45 5.02 -18.57
C GLU B 325 22.62 4.23 -17.57
N ALA B 326 22.02 4.95 -16.62
CA ALA B 326 21.29 4.35 -15.51
C ALA B 326 20.11 3.48 -15.98
N VAL B 327 19.36 3.95 -16.98
CA VAL B 327 18.20 3.21 -17.47
C VAL B 327 18.58 2.10 -18.46
N GLY B 328 19.85 2.04 -18.86
CA GLY B 328 20.34 0.95 -19.70
C GLY B 328 20.36 1.22 -21.19
N LEU B 329 20.25 2.48 -21.60
CA LEU B 329 20.35 2.83 -23.02
C LEU B 329 21.78 2.75 -23.55
N CYS B 330 22.75 2.79 -22.65
CA CYS B 330 24.13 2.59 -23.01
C CYS B 330 24.91 2.15 -21.77
N PRO B 331 26.15 1.67 -21.95
CA PRO B 331 26.95 1.23 -20.80
C PRO B 331 27.38 2.37 -19.87
N GLU B 332 27.69 2.02 -18.62
CA GLU B 332 28.17 2.99 -17.64
C GLU B 332 29.40 3.70 -18.15
N GLY B 333 29.47 5.01 -17.91
CA GLY B 333 30.58 5.85 -18.36
C GLY B 333 30.57 6.21 -19.83
N LYS B 334 29.60 5.71 -20.61
CA LYS B 334 29.56 5.91 -22.06
C LYS B 334 28.43 6.85 -22.52
N GLY B 335 27.74 7.51 -21.58
CA GLY B 335 26.64 8.39 -21.94
C GLY B 335 27.03 9.54 -22.85
N GLY B 336 28.25 10.04 -22.68
CA GLY B 336 28.77 11.11 -23.54
C GLY B 336 28.91 10.67 -24.98
N GLU B 337 29.30 9.42 -25.17
CA GLU B 337 29.46 8.83 -26.50
C GLU B 337 28.11 8.57 -27.15
N PHE B 338 27.13 8.22 -26.32
CA PHE B 338 25.74 8.07 -26.75
C PHE B 338 25.23 9.40 -27.36
N MET B 339 25.54 10.52 -26.70
CA MET B 339 25.16 11.83 -27.22
C MET B 339 25.88 12.13 -28.54
N GLU B 340 27.17 11.82 -28.61
CA GLU B 340 27.97 12.14 -29.79
C GLU B 340 27.51 11.38 -31.02
N THR B 341 27.20 10.10 -30.86
CA THR B 341 26.69 9.31 -31.99
C THR B 341 25.36 9.88 -32.50
N ALA B 342 24.47 10.28 -31.60
CA ALA B 342 23.19 10.87 -31.99
C ALA B 342 23.41 12.23 -32.69
N TYR B 343 24.35 13.01 -32.15
CA TYR B 343 24.69 14.30 -32.74
C TYR B 343 25.25 14.12 -34.14
N ASN B 344 26.24 13.24 -34.28
CA ASN B 344 26.84 12.92 -35.57
C ASN B 344 25.82 12.44 -36.60
N GLU B 345 24.86 11.63 -36.17
CA GLU B 345 23.83 11.12 -37.08
C GLU B 345 22.89 12.25 -37.51
N MET B 346 22.57 13.14 -36.59
CA MET B 346 21.80 14.34 -36.89
C MET B 346 22.50 15.15 -38.00
N LEU B 347 23.80 15.40 -37.83
CA LEU B 347 24.58 16.16 -38.82
C LEU B 347 24.58 15.49 -40.20
N ASN B 348 24.73 14.15 -40.22
CA ASN B 348 24.72 13.40 -41.47
C ASN B 348 23.32 13.21 -42.06
N ASN B 349 22.29 13.57 -41.31
CA ASN B 349 20.90 13.48 -41.77
C ASN B 349 20.34 14.87 -42.11
N GLY B 350 21.20 15.74 -42.64
CA GLY B 350 20.80 17.09 -43.03
C GLY B 350 20.37 17.97 -41.87
N GLY B 351 20.94 17.73 -40.69
CA GLY B 351 20.59 18.48 -39.48
C GLY B 351 19.28 18.09 -38.83
N VAL B 352 18.65 17.02 -39.30
CA VAL B 352 17.36 16.57 -38.76
C VAL B 352 17.58 15.48 -37.70
N LEU B 353 17.06 15.72 -36.50
CA LEU B 353 17.11 14.73 -35.43
C LEU B 353 15.86 13.86 -35.50
N ASP B 354 16.03 12.62 -35.97
CA ASP B 354 14.94 11.67 -36.12
C ASP B 354 14.57 11.10 -34.75
N PRO B 355 13.31 11.32 -34.30
CA PRO B 355 12.88 10.82 -32.99
C PRO B 355 13.09 9.32 -32.79
N SER B 356 12.91 8.52 -33.84
CA SER B 356 13.07 7.07 -33.73
C SER B 356 14.49 6.64 -33.38
N LYS B 357 15.48 7.46 -33.74
CA LYS B 357 16.88 7.16 -33.39
C LYS B 357 17.32 7.81 -32.07
N PHE B 358 16.46 8.65 -31.49
CA PHE B 358 16.74 9.30 -30.22
C PHE B 358 15.42 9.55 -29.49
N PRO B 359 14.79 8.47 -28.98
CA PRO B 359 13.43 8.52 -28.47
C PRO B 359 13.37 9.05 -27.02
N ILE B 360 13.90 10.26 -26.84
CA ILE B 360 14.14 10.83 -25.54
C ILE B 360 13.75 12.29 -25.54
N ASN B 361 12.93 12.70 -24.58
CA ASN B 361 12.63 14.11 -24.34
C ASN B 361 12.22 14.83 -25.63
N THR B 362 11.25 14.27 -26.32
CA THR B 362 10.81 14.82 -27.60
C THR B 362 10.18 16.21 -27.45
N HIS B 363 9.91 16.63 -26.21
CA HIS B 363 9.40 17.96 -25.91
C HIS B 363 10.51 19.02 -25.76
N GLY B 364 11.73 18.59 -25.47
CA GLY B 364 12.88 19.50 -25.30
C GLY B 364 13.47 19.53 -23.90
N GLY B 365 12.79 18.90 -22.94
CA GLY B 365 13.27 18.78 -21.56
C GLY B 365 13.42 20.10 -20.81
N LEU B 366 14.12 20.05 -19.69
CA LEU B 366 14.33 21.22 -18.85
C LEU B 366 15.21 22.25 -19.56
N GLN B 367 16.07 21.74 -20.43
CA GLN B 367 16.98 22.55 -21.24
C GLN B 367 16.25 23.51 -22.17
N CYS B 368 15.27 22.99 -22.88
CA CYS B 368 14.69 23.72 -24.02
C CYS B 368 13.17 23.82 -24.03
N PHE B 369 12.47 22.95 -23.30
CA PHE B 369 11.04 23.12 -23.07
C PHE B 369 10.81 24.12 -21.95
N GLY B 370 11.37 23.83 -20.78
CA GLY B 370 11.28 24.75 -19.64
C GLY B 370 11.27 24.04 -18.29
N ALA B 371 11.62 24.77 -17.24
CA ALA B 371 11.87 24.19 -15.92
C ALA B 371 11.33 25.04 -14.76
N PRO B 372 10.05 24.85 -14.40
CA PRO B 372 9.49 25.52 -13.22
C PRO B 372 9.83 24.80 -11.91
N TRP B 373 11.10 24.85 -11.52
CA TRP B 373 11.58 24.28 -10.24
C TRP B 373 11.24 22.77 -10.10
N GLU B 374 10.28 22.41 -9.24
CA GLU B 374 9.94 20.98 -9.02
C GLU B 374 8.87 20.43 -9.97
N VAL B 375 8.41 21.27 -10.89
CA VAL B 375 7.36 20.88 -11.85
C VAL B 375 7.77 19.96 -13.00
N PRO B 376 8.96 20.20 -13.63
CA PRO B 376 9.17 19.68 -14.99
C PRO B 376 9.24 18.16 -15.21
N ALA B 377 9.37 17.36 -14.16
CA ALA B 377 9.20 15.91 -14.33
C ALA B 377 7.76 15.59 -14.79
N MET B 378 6.82 16.48 -14.48
CA MET B 378 5.47 16.40 -15.01
C MET B 378 5.42 16.42 -16.54
N TYR B 379 6.31 17.19 -17.17
CA TYR B 379 6.35 17.27 -18.64
C TYR B 379 6.92 16.01 -19.29
N ASN B 380 7.75 15.27 -18.55
CA ASN B 380 8.14 13.94 -18.99
C ASN B 380 6.92 13.03 -19.06
N ILE B 381 6.06 13.13 -18.05
CA ILE B 381 4.82 12.33 -17.99
C ILE B 381 3.84 12.74 -19.10
N THR B 382 3.65 14.05 -19.27
CA THR B 382 2.72 14.53 -20.30
C THR B 382 3.22 14.21 -21.71
N GLU B 383 4.54 14.29 -21.93
CA GLU B 383 5.09 13.94 -23.25
C GLU B 383 4.98 12.43 -23.50
N ALA B 384 5.15 11.63 -22.44
CA ALA B 384 4.99 10.18 -22.55
C ALA B 384 3.55 9.83 -22.94
N ILE B 385 2.60 10.47 -22.30
CA ILE B 385 1.18 10.25 -22.58
C ILE B 385 0.85 10.62 -24.03
N ALA B 386 1.40 11.74 -24.50
CA ALA B 386 1.20 12.18 -25.89
C ALA B 386 1.74 11.14 -26.88
N GLN B 387 2.93 10.61 -26.59
CA GLN B 387 3.53 9.60 -27.44
C GLN B 387 2.71 8.29 -27.43
N LEU B 388 2.33 7.84 -26.23
CA LEU B 388 1.55 6.61 -26.08
C LEU B 388 0.17 6.69 -26.74
N SER B 389 -0.42 7.87 -26.74
CA SER B 389 -1.77 8.05 -27.30
C SER B 389 -1.74 8.47 -28.78
N GLU B 390 -0.55 8.56 -29.35
CA GLU B 390 -0.36 9.01 -30.74
C GLU B 390 -0.88 10.45 -30.94
N GLU B 391 -0.59 11.32 -29.97
CA GLU B 391 -1.00 12.72 -30.03
C GLU B 391 0.20 13.65 -29.92
N ALA B 392 1.39 13.17 -30.28
CA ALA B 392 2.62 13.95 -30.17
C ALA B 392 2.97 14.70 -31.46
N GLY B 393 2.12 14.59 -32.48
CA GLY B 393 2.23 15.41 -33.69
C GLY B 393 3.49 15.18 -34.50
N ASP B 394 4.20 16.28 -34.77
CA ASP B 394 5.48 16.21 -35.48
C ASP B 394 6.58 15.49 -34.76
N ARG B 395 6.39 15.31 -33.47
CA ARG B 395 7.37 14.65 -32.63
C ARG B 395 7.03 13.17 -32.50
N GLN B 396 5.91 12.75 -33.10
CA GLN B 396 5.37 11.42 -32.86
C GLN B 396 6.29 10.28 -33.29
N LEU B 397 6.44 9.30 -32.41
CA LEU B 397 7.24 8.12 -32.71
C LEU B 397 6.39 7.07 -33.43
N THR B 398 6.97 6.46 -34.46
CA THR B 398 6.32 5.38 -35.22
C THR B 398 7.25 4.17 -35.22
N PRO B 399 6.72 2.97 -34.92
CA PRO B 399 5.34 2.70 -34.52
C PRO B 399 5.03 3.32 -33.16
N VAL B 400 3.74 3.35 -32.80
CA VAL B 400 3.33 4.00 -31.58
C VAL B 400 3.93 3.22 -30.41
N PRO B 401 4.66 3.91 -29.50
CA PRO B 401 5.19 3.21 -28.33
C PRO B 401 4.08 2.64 -27.46
N LYS B 402 4.26 1.41 -26.97
CA LYS B 402 3.30 0.81 -26.06
C LYS B 402 3.70 1.04 -24.61
N ARG B 403 4.97 1.40 -24.38
CA ARG B 403 5.51 1.52 -23.04
C ARG B 403 6.48 2.71 -22.97
N ALA B 404 6.46 3.40 -21.84
CA ALA B 404 7.31 4.57 -21.65
C ALA B 404 7.91 4.55 -20.25
N LEU B 405 9.07 5.18 -20.12
CA LEU B 405 9.72 5.33 -18.83
C LEU B 405 9.95 6.81 -18.58
N VAL B 406 9.60 7.27 -17.39
CA VAL B 406 9.86 8.66 -16.98
C VAL B 406 10.72 8.71 -15.72
N TYR B 407 11.56 9.74 -15.64
CA TYR B 407 12.56 9.84 -14.59
C TYR B 407 12.60 11.26 -14.07
N GLY B 408 12.50 11.39 -12.74
CA GLY B 408 12.62 12.66 -12.05
C GLY B 408 13.83 12.66 -11.14
N ASN B 409 14.50 13.80 -11.04
CA ASN B 409 15.70 13.94 -10.25
C ASN B 409 15.58 15.20 -9.40
N GLY B 410 15.98 15.09 -8.14
CA GLY B 410 15.92 16.22 -7.22
C GLY B 410 17.27 16.50 -6.60
N GLY B 411 17.46 17.74 -6.18
CA GLY B 411 18.69 18.14 -5.52
C GLY B 411 19.84 18.10 -6.50
N ILE B 412 20.97 17.57 -6.06
CA ILE B 412 22.11 17.35 -6.92
C ILE B 412 22.35 15.84 -6.95
N PHE B 413 21.65 15.16 -7.85
CA PHE B 413 21.56 13.69 -7.86
C PHE B 413 21.17 13.13 -6.49
N SER B 414 20.28 13.83 -5.80
CA SER B 414 19.93 13.52 -4.41
C SER B 414 18.68 12.65 -4.30
N ALA B 415 17.80 12.74 -5.29
CA ALA B 415 16.57 11.99 -5.32
C ALA B 415 16.35 11.49 -6.72
N SER B 416 16.03 10.21 -6.85
CA SER B 416 15.69 9.59 -8.11
C SER B 416 14.30 8.99 -8.01
N SER B 417 13.46 9.28 -8.99
CA SER B 417 12.14 8.65 -9.08
C SER B 417 11.90 8.20 -10.51
N VAL B 418 11.48 6.95 -10.68
CA VAL B 418 11.31 6.36 -11.99
C VAL B 418 9.95 5.68 -12.03
N ALA B 419 9.21 5.92 -13.09
CA ALA B 419 7.93 5.26 -13.31
C ALA B 419 7.88 4.68 -14.70
N ILE B 420 7.14 3.58 -14.86
CA ILE B 420 6.91 3.00 -16.16
C ILE B 420 5.41 3.06 -16.43
N LEU B 421 5.07 3.60 -17.60
CA LEU B 421 3.69 3.76 -18.03
C LEU B 421 3.43 2.89 -19.25
N ILE B 422 2.35 2.13 -19.23
CA ILE B 422 1.99 1.28 -20.34
C ILE B 422 0.54 1.50 -20.77
N SER B 423 0.28 1.31 -22.06
CA SER B 423 -1.06 1.56 -22.61
C SER B 423 -2.06 0.49 -22.16
N ASP B 424 -1.64 -0.77 -22.21
CA ASP B 424 -2.51 -1.89 -21.83
C ASP B 424 -1.64 -3.07 -21.36
N SER C 19 -58.63 19.25 41.75
CA SER C 19 -59.78 19.41 40.81
C SER C 19 -60.84 18.33 41.02
N GLN C 20 -60.46 17.08 40.78
CA GLN C 20 -61.43 15.99 40.68
C GLN C 20 -61.36 15.18 41.97
N VAL C 21 -62.52 14.82 42.51
CA VAL C 21 -62.61 14.09 43.76
C VAL C 21 -62.36 12.60 43.50
N VAL C 22 -61.37 12.05 44.22
CA VAL C 22 -60.95 10.66 44.06
C VAL C 22 -61.16 9.94 45.39
N ARG C 23 -61.73 8.74 45.33
CA ARG C 23 -62.09 7.97 46.51
C ARG C 23 -61.47 6.58 46.49
N ILE C 24 -61.27 6.01 47.68
CA ILE C 24 -60.97 4.59 47.81
C ILE C 24 -62.31 3.86 47.85
N VAL C 25 -62.63 3.13 46.80
CA VAL C 25 -63.97 2.57 46.62
C VAL C 25 -64.04 1.07 46.89
N GLY C 26 -62.88 0.45 47.12
CA GLY C 26 -62.82 -0.96 47.44
C GLY C 26 -61.61 -1.28 48.28
N VAL C 27 -61.80 -2.10 49.31
CA VAL C 27 -60.71 -2.63 50.14
C VAL C 27 -60.88 -4.15 50.22
N GLY C 28 -59.77 -4.86 50.08
CA GLY C 28 -59.75 -6.31 50.27
C GLY C 28 -58.45 -6.70 50.92
N ARG C 29 -58.49 -7.74 51.74
CA ARG C 29 -57.26 -8.25 52.34
C ARG C 29 -57.38 -9.70 52.76
N THR C 30 -56.22 -10.32 52.95
CA THR C 30 -56.14 -11.66 53.47
C THR C 30 -56.07 -11.57 54.99
N GLY C 31 -55.98 -12.72 55.64
CA GLY C 31 -55.61 -12.79 57.05
C GLY C 31 -54.16 -12.39 57.21
N ILE C 32 -53.67 -12.43 58.44
CA ILE C 32 -52.28 -12.10 58.73
C ILE C 32 -51.68 -13.16 59.65
N GLY C 33 -50.43 -13.52 59.38
CA GLY C 33 -49.72 -14.50 60.21
C GLY C 33 -48.93 -15.45 59.33
N LYS C 34 -48.92 -16.72 59.72
CA LYS C 34 -48.22 -17.75 58.95
C LYS C 34 -49.24 -18.49 58.11
N LEU C 35 -49.37 -18.10 56.85
CA LEU C 35 -50.46 -18.55 55.98
C LEU C 35 -50.08 -19.67 55.03
N HIS C 36 -48.79 -19.94 54.87
CA HIS C 36 -48.29 -20.96 53.94
C HIS C 36 -48.90 -20.83 52.54
N LYS C 37 -48.96 -19.61 52.02
CA LYS C 37 -49.43 -19.37 50.67
C LYS C 37 -48.39 -18.57 49.90
N SER C 38 -48.39 -18.71 48.59
CA SER C 38 -47.47 -17.94 47.75
C SER C 38 -47.89 -16.47 47.77
N VAL C 39 -46.93 -15.58 47.48
CA VAL C 39 -47.20 -14.15 47.40
C VAL C 39 -48.22 -13.87 46.29
N ASP C 40 -48.06 -14.54 45.15
CA ASP C 40 -49.04 -14.47 44.05
C ASP C 40 -50.46 -14.81 44.49
N GLU C 41 -50.59 -15.89 45.24
CA GLU C 41 -51.89 -16.32 45.76
C GLU C 41 -52.51 -15.29 46.68
N LEU C 42 -51.70 -14.75 47.58
CA LEU C 42 -52.17 -13.74 48.54
C LEU C 42 -52.62 -12.47 47.80
N ALA C 43 -51.82 -12.03 46.83
CA ALA C 43 -52.13 -10.83 46.05
C ALA C 43 -53.43 -11.01 45.28
N ALA C 44 -53.58 -12.15 44.62
CA ALA C 44 -54.78 -12.47 43.85
C ALA C 44 -56.03 -12.51 44.72
N SER C 45 -55.94 -13.15 45.89
CA SER C 45 -57.04 -13.16 46.87
C SER C 45 -57.45 -11.77 47.33
N ALA C 46 -56.47 -10.96 47.73
CA ALA C 46 -56.75 -9.59 48.18
C ALA C 46 -57.48 -8.79 47.10
N LEU C 47 -57.02 -8.91 45.86
CA LEU C 47 -57.61 -8.18 44.75
C LEU C 47 -59.04 -8.60 44.48
N LYS C 48 -59.29 -9.91 44.50
CA LYS C 48 -60.65 -10.44 44.33
C LYS C 48 -61.59 -9.89 45.40
N CYS C 49 -61.12 -9.88 46.64
CA CYS C 49 -61.86 -9.33 47.78
C CYS C 49 -62.17 -7.83 47.56
N ALA C 50 -61.17 -7.07 47.11
CA ALA C 50 -61.33 -5.63 46.88
C ALA C 50 -62.34 -5.34 45.76
N LEU C 51 -62.34 -6.15 44.71
CA LEU C 51 -63.29 -6.00 43.61
C LEU C 51 -64.73 -6.25 44.05
N VAL C 52 -64.94 -7.32 44.83
CA VAL C 52 -66.25 -7.59 45.42
C VAL C 52 -66.69 -6.43 46.33
N ASP C 53 -65.76 -5.91 47.14
CA ASP C 53 -66.03 -4.77 48.01
C ASP C 53 -66.42 -3.51 47.23
N ALA C 54 -65.85 -3.34 46.04
CA ALA C 54 -66.13 -2.19 45.18
C ALA C 54 -67.34 -2.39 44.26
N ASN C 55 -67.91 -3.60 44.25
CA ASN C 55 -68.99 -3.96 43.33
C ASN C 55 -68.51 -3.86 41.88
N MET C 56 -67.30 -4.37 41.63
CA MET C 56 -66.66 -4.29 40.33
C MET C 56 -66.17 -5.66 39.90
N LYS C 57 -65.88 -5.78 38.61
CA LYS C 57 -65.23 -6.98 38.08
C LYS C 57 -63.87 -6.59 37.50
N GLN C 58 -63.03 -7.59 37.26
CA GLN C 58 -61.68 -7.38 36.68
C GLN C 58 -61.67 -6.39 35.51
N CYS C 59 -62.59 -6.59 34.58
CA CYS C 59 -62.65 -5.77 33.36
C CYS C 59 -62.91 -4.29 33.63
N ASP C 60 -63.37 -3.95 34.83
CA ASP C 60 -63.57 -2.55 35.21
C ASP C 60 -62.27 -1.86 35.65
N LEU C 61 -61.19 -2.63 35.86
CA LEU C 61 -59.90 -2.04 36.25
C LEU C 61 -59.16 -1.50 35.04
N GLN C 62 -58.59 -0.30 35.17
CA GLN C 62 -57.80 0.31 34.10
C GLN C 62 -56.33 0.47 34.46
N ALA C 63 -55.96 0.17 35.69
CA ALA C 63 -54.56 0.22 36.10
C ALA C 63 -54.30 -0.61 37.36
N LEU C 64 -53.04 -0.98 37.54
CA LEU C 64 -52.61 -1.74 38.69
C LEU C 64 -51.22 -1.27 39.11
N ILE C 65 -51.07 -0.91 40.38
CA ILE C 65 -49.79 -0.53 40.95
C ILE C 65 -49.47 -1.49 42.09
N ALA C 66 -48.27 -2.03 42.10
CA ALA C 66 -47.84 -2.91 43.18
C ALA C 66 -46.48 -2.51 43.72
N VAL C 67 -46.12 -3.11 44.84
CA VAL C 67 -44.83 -2.90 45.49
C VAL C 67 -44.10 -4.24 45.54
N PRO C 68 -42.77 -4.22 45.68
CA PRO C 68 -42.03 -5.49 45.66
C PRO C 68 -42.25 -6.36 46.90
N SER C 69 -41.95 -7.65 46.74
CA SER C 69 -41.99 -8.61 47.82
C SER C 69 -40.56 -9.06 48.17
N LEU C 70 -40.28 -9.22 49.46
CA LEU C 70 -39.00 -9.76 49.91
C LEU C 70 -38.99 -11.29 49.83
N ALA C 71 -40.13 -11.91 50.14
CA ALA C 71 -40.25 -13.38 50.14
C ALA C 71 -40.15 -13.97 48.74
N SER C 72 -40.76 -13.31 47.76
CA SER C 72 -40.68 -13.75 46.38
C SER C 72 -40.39 -12.57 45.47
N PRO C 73 -39.12 -12.13 45.42
CA PRO C 73 -38.80 -11.02 44.53
C PRO C 73 -39.00 -11.42 43.07
N GLN C 74 -39.64 -10.55 42.30
CA GLN C 74 -39.94 -10.80 40.91
C GLN C 74 -39.62 -9.55 40.12
N PHE C 75 -38.94 -9.75 38.99
CA PHE C 75 -38.82 -8.74 37.96
C PHE C 75 -40.22 -8.27 37.55
N MET C 76 -40.40 -6.95 37.44
CA MET C 76 -41.69 -6.37 37.06
C MET C 76 -42.83 -7.01 37.87
N GLN C 77 -42.72 -6.87 39.20
CA GLN C 77 -43.61 -7.54 40.15
C GLN C 77 -45.10 -7.35 39.83
N ALA C 78 -45.49 -6.10 39.57
CA ALA C 78 -46.89 -5.79 39.26
C ALA C 78 -47.39 -6.55 38.03
N HIS C 79 -46.57 -6.59 36.97
CA HIS C 79 -46.90 -7.32 35.76
C HIS C 79 -46.99 -8.81 36.01
N HIS C 80 -46.07 -9.33 36.81
CA HIS C 80 -46.07 -10.76 37.17
C HIS C 80 -47.38 -11.14 37.89
N ILE C 81 -47.76 -10.33 38.88
CA ILE C 81 -48.99 -10.55 39.64
C ILE C 81 -50.21 -10.50 38.72
N ALA C 82 -50.29 -9.45 37.90
CA ALA C 82 -51.40 -9.27 36.98
C ALA C 82 -51.54 -10.41 35.97
N THR C 83 -50.40 -10.94 35.54
CA THR C 83 -50.38 -12.04 34.57
C THR C 83 -50.84 -13.35 35.20
N VAL C 84 -50.24 -13.71 36.33
CA VAL C 84 -50.61 -14.96 37.02
C VAL C 84 -52.04 -14.93 37.55
N ALA C 85 -52.54 -13.74 37.87
CA ALA C 85 -53.90 -13.56 38.37
C ALA C 85 -54.94 -13.57 37.24
N GLY C 86 -54.50 -13.60 35.99
CA GLY C 86 -55.41 -13.71 34.84
C GLY C 86 -56.11 -12.44 34.43
N LEU C 87 -55.46 -11.29 34.62
CA LEU C 87 -56.05 -10.01 34.20
C LEU C 87 -55.95 -9.79 32.69
N PHE C 88 -55.02 -10.49 32.04
CA PHE C 88 -54.86 -10.41 30.58
C PHE C 88 -55.44 -11.66 29.91
N PRO C 89 -55.92 -11.53 28.66
CA PRO C 89 -55.99 -10.31 27.86
C PRO C 89 -57.06 -9.34 28.37
N THR C 90 -56.89 -8.07 28.02
CA THR C 90 -57.79 -7.02 28.47
C THR C 90 -58.43 -6.34 27.26
N LYS C 91 -59.66 -5.89 27.41
CA LYS C 91 -60.35 -5.26 26.29
C LYS C 91 -59.79 -3.86 25.99
N GLY C 92 -59.68 -3.01 27.01
CA GLY C 92 -59.21 -1.63 26.82
C GLY C 92 -57.76 -1.44 27.24
N LYS C 93 -57.39 -0.19 27.51
CA LYS C 93 -56.08 0.14 28.04
C LYS C 93 -55.97 -0.29 29.49
N PHE C 94 -54.76 -0.74 29.86
CA PHE C 94 -54.48 -1.18 31.20
C PHE C 94 -53.04 -0.76 31.50
N ILE C 95 -52.84 0.03 32.54
CA ILE C 95 -51.50 0.52 32.90
C ILE C 95 -51.02 -0.17 34.17
N VAL C 96 -49.83 -0.75 34.11
CA VAL C 96 -49.29 -1.52 35.21
C VAL C 96 -47.92 -0.97 35.59
N ARG C 97 -47.65 -0.87 36.88
CA ARG C 97 -46.41 -0.31 37.36
C ARG C 97 -46.03 -0.87 38.73
N THR C 98 -44.74 -1.07 38.96
CA THR C 98 -44.23 -1.42 40.28
C THR C 98 -43.43 -0.24 40.80
N VAL C 99 -43.62 0.09 42.08
CA VAL C 99 -42.89 1.18 42.71
C VAL C 99 -42.25 0.70 44.00
N ASP C 100 -41.04 1.17 44.28
CA ASP C 100 -40.33 0.81 45.51
C ASP C 100 -39.95 2.07 46.28
N THR C 101 -40.66 2.32 47.37
CA THR C 101 -40.24 3.29 48.39
C THR C 101 -40.31 2.64 49.76
N GLY C 102 -39.96 1.35 49.80
CA GLY C 102 -40.03 0.58 51.03
C GLY C 102 -41.44 0.55 51.60
N GLY C 103 -41.53 0.62 52.92
CA GLY C 103 -42.79 0.66 53.61
C GLY C 103 -43.65 1.89 53.37
N ALA C 104 -43.09 2.93 52.75
CA ALA C 104 -43.90 4.08 52.30
C ALA C 104 -44.70 3.74 51.04
N GLY C 105 -44.37 2.62 50.41
CA GLY C 105 -44.89 2.25 49.10
C GLY C 105 -46.39 2.30 48.91
N PRO C 106 -47.16 1.74 49.86
CA PRO C 106 -48.61 1.73 49.66
C PRO C 106 -49.23 3.12 49.56
N ILE C 107 -48.67 4.08 50.30
CA ILE C 107 -49.18 5.46 50.27
C ILE C 107 -48.61 6.23 49.07
N THR C 108 -47.34 6.00 48.74
CA THR C 108 -46.78 6.47 47.46
C THR C 108 -47.66 6.05 46.28
N ALA C 109 -48.03 4.77 46.25
CA ALA C 109 -48.84 4.23 45.16
C ALA C 109 -50.21 4.86 45.14
N LEU C 110 -50.76 5.12 46.32
CA LEU C 110 -52.05 5.78 46.46
C LEU C 110 -52.03 7.17 45.81
N GLY C 111 -50.94 7.91 46.03
CA GLY C 111 -50.75 9.20 45.37
C GLY C 111 -50.58 9.08 43.86
N MET C 112 -49.88 8.04 43.42
CA MET C 112 -49.76 7.77 41.98
C MET C 112 -51.10 7.42 41.36
N ALA C 113 -51.94 6.71 42.12
CA ALA C 113 -53.27 6.32 41.64
C ALA C 113 -54.14 7.56 41.43
N VAL C 114 -54.12 8.47 42.40
CA VAL C 114 -54.85 9.73 42.28
C VAL C 114 -54.42 10.48 41.03
N ASP C 115 -53.12 10.54 40.81
CA ASP C 115 -52.62 11.19 39.60
C ASP C 115 -53.09 10.57 38.30
N LEU C 116 -53.09 9.23 38.22
CA LEU C 116 -53.60 8.55 37.03
C LEU C 116 -55.06 8.89 36.75
N VAL C 117 -55.85 9.02 37.81
CA VAL C 117 -57.26 9.38 37.67
C VAL C 117 -57.41 10.85 37.24
N ARG C 118 -56.69 11.75 37.88
CA ARG C 118 -56.80 13.18 37.57
C ARG C 118 -56.29 13.57 36.20
N THR C 119 -55.25 12.88 35.73
CA THR C 119 -54.74 13.10 34.36
C THR C 119 -55.53 12.31 33.32
N ARG C 120 -56.52 11.55 33.77
CA ARG C 120 -57.40 10.75 32.90
C ARG C 120 -56.68 9.62 32.14
N CYS C 121 -55.60 9.10 32.71
CA CYS C 121 -54.89 7.95 32.16
C CYS C 121 -55.58 6.64 32.53
N ALA C 122 -56.28 6.64 33.66
CA ALA C 122 -57.05 5.48 34.10
C ALA C 122 -58.15 5.94 35.05
N GLU C 123 -59.37 5.49 34.79
CA GLU C 123 -60.52 5.87 35.60
C GLU C 123 -60.57 5.11 36.92
N THR C 124 -60.04 3.88 36.93
CA THR C 124 -59.99 3.07 38.13
C THR C 124 -58.59 2.46 38.27
N VAL C 125 -58.12 2.32 39.51
CA VAL C 125 -56.75 1.86 39.78
C VAL C 125 -56.71 0.91 40.97
N ALA C 126 -56.11 -0.25 40.77
CA ALA C 126 -55.88 -1.18 41.86
C ALA C 126 -54.47 -0.91 42.43
N VAL C 127 -54.37 -0.87 43.74
CA VAL C 127 -53.08 -0.78 44.42
C VAL C 127 -52.94 -2.03 45.29
N ILE C 128 -51.86 -2.78 45.08
CA ILE C 128 -51.67 -4.05 45.76
C ILE C 128 -50.31 -4.14 46.44
N ALA C 129 -50.32 -4.64 47.67
CA ALA C 129 -49.10 -5.02 48.39
C ALA C 129 -49.29 -6.43 48.95
N ALA C 130 -48.29 -7.28 48.78
CA ALA C 130 -48.35 -8.65 49.27
C ALA C 130 -46.97 -9.15 49.67
N ASP C 131 -46.87 -9.86 50.80
CA ASP C 131 -45.62 -10.54 51.15
C ASP C 131 -45.86 -11.72 52.08
N ALA C 132 -44.82 -12.53 52.26
CA ALA C 132 -44.89 -13.73 53.09
C ALA C 132 -43.58 -13.91 53.86
N VAL C 133 -43.21 -12.89 54.62
CA VAL C 133 -41.92 -12.89 55.31
C VAL C 133 -41.89 -13.70 56.61
N LEU C 134 -43.02 -14.19 57.07
CA LEU C 134 -43.01 -15.12 58.19
C LEU C 134 -42.83 -16.54 57.67
N SER C 135 -43.55 -16.90 56.62
CA SER C 135 -43.46 -18.25 56.03
C SER C 135 -42.11 -18.54 55.37
N MET C 136 -41.38 -17.50 54.97
CA MET C 136 -40.10 -17.69 54.29
C MET C 136 -39.02 -18.28 55.21
N GLY C 137 -39.19 -18.14 56.52
CA GLY C 137 -38.23 -18.66 57.49
C GLY C 137 -37.25 -17.61 57.97
N SER C 138 -36.76 -17.77 59.21
CA SER C 138 -35.92 -16.75 59.84
C SER C 138 -34.58 -16.56 59.18
N GLY C 139 -33.99 -17.65 58.68
CA GLY C 139 -32.68 -17.59 58.03
C GLY C 139 -32.73 -16.81 56.74
N ALA C 140 -33.70 -17.15 55.88
CA ALA C 140 -33.89 -16.45 54.61
C ALA C 140 -34.26 -14.99 54.83
N PHE C 141 -35.12 -14.71 55.82
CA PHE C 141 -35.53 -13.34 56.11
C PHE C 141 -34.35 -12.49 56.58
N ALA C 142 -33.55 -13.02 57.49
CA ALA C 142 -32.39 -12.32 58.01
C ALA C 142 -31.42 -12.00 56.88
N GLU C 143 -31.15 -12.98 56.02
CA GLU C 143 -30.24 -12.80 54.91
C GLU C 143 -30.69 -11.70 53.95
N ARG C 144 -31.95 -11.79 53.50
CA ARG C 144 -32.47 -10.85 52.51
C ARG C 144 -32.71 -9.45 53.09
N SER C 145 -33.17 -9.37 54.32
CA SER C 145 -33.37 -8.08 54.98
C SER C 145 -32.04 -7.37 55.26
N ASN C 146 -31.02 -8.13 55.66
CA ASN C 146 -29.68 -7.57 55.88
C ASN C 146 -29.02 -7.15 54.57
N ALA C 147 -29.18 -7.95 53.53
CA ALA C 147 -28.65 -7.63 52.20
C ALA C 147 -29.30 -6.37 51.64
N SER C 148 -30.50 -6.05 52.08
CA SER C 148 -31.16 -4.82 51.67
C SER C 148 -30.38 -3.56 52.08
N LEU C 149 -29.46 -3.70 53.05
CA LEU C 149 -28.65 -2.58 53.51
C LEU C 149 -27.15 -2.72 53.30
N ARG C 150 -26.72 -3.29 52.17
CA ARG C 150 -25.29 -3.32 51.83
C ARG C 150 -24.72 -1.91 51.73
N ARG C 151 -23.44 -1.80 52.06
CA ARG C 151 -22.69 -0.54 52.08
C ARG C 151 -23.09 0.44 53.18
N SER C 152 -24.00 0.02 54.07
CA SER C 152 -24.43 0.86 55.17
C SER C 152 -23.39 0.87 56.30
N GLY C 153 -22.67 -0.25 56.45
CA GLY C 153 -21.73 -0.44 57.56
C GLY C 153 -22.42 -0.83 58.85
N LEU C 154 -23.72 -1.15 58.77
CA LEU C 154 -24.50 -1.46 59.96
C LEU C 154 -24.28 -2.91 60.38
N PRO C 155 -24.15 -3.17 61.70
CA PRO C 155 -24.07 -4.56 62.15
C PRO C 155 -25.42 -5.26 61.99
N GLU C 156 -25.39 -6.58 61.92
CA GLU C 156 -26.61 -7.38 61.75
C GLU C 156 -27.32 -7.59 63.09
N PRO C 157 -28.67 -7.58 63.09
CA PRO C 157 -29.55 -7.29 61.97
C PRO C 157 -29.53 -5.80 61.65
N CYS C 158 -29.37 -5.48 60.36
CA CYS C 158 -29.03 -4.13 59.92
C CYS C 158 -30.14 -3.10 60.16
N ILE C 159 -31.38 -3.45 59.81
CA ILE C 159 -32.48 -2.48 59.92
C ILE C 159 -32.72 -2.04 61.38
N PRO C 160 -32.82 -3.02 62.31
CA PRO C 160 -32.94 -2.64 63.72
C PRO C 160 -31.77 -1.78 64.22
N HIS C 161 -30.54 -2.11 63.80
CA HIS C 161 -29.37 -1.33 64.21
C HIS C 161 -29.39 0.10 63.63
N GLY C 162 -29.89 0.25 62.42
CA GLY C 162 -30.05 1.56 61.80
C GLY C 162 -30.98 2.45 62.60
N TYR C 163 -32.17 1.94 62.91
CA TYR C 163 -33.13 2.68 63.75
C TYR C 163 -32.60 2.90 65.16
N ASP C 164 -31.86 1.91 65.67
CA ASP C 164 -31.24 2.03 66.99
C ASP C 164 -30.26 3.21 67.07
N ARG C 165 -29.51 3.44 66.00
CA ARG C 165 -28.57 4.58 65.95
C ARG C 165 -29.29 5.92 66.05
N TYR C 166 -30.44 6.03 65.40
CA TYR C 166 -31.27 7.24 65.47
C TYR C 166 -31.91 7.40 66.84
N ALA C 167 -32.31 6.29 67.45
CA ALA C 167 -32.85 6.32 68.82
C ALA C 167 -31.79 6.82 69.83
N GLN C 168 -30.57 6.30 69.72
CA GLN C 168 -29.47 6.75 70.58
C GLN C 168 -29.18 8.24 70.40
N TRP C 169 -29.21 8.70 69.15
CA TRP C 169 -29.06 10.13 68.85
C TRP C 169 -30.15 10.96 69.54
N TYR C 170 -31.39 10.48 69.47
CA TYR C 170 -32.51 11.13 70.15
C TYR C 170 -32.33 11.24 71.66
N MET C 171 -31.81 10.17 72.26
CA MET C 171 -31.59 10.14 73.70
C MET C 171 -30.54 11.18 74.10
N SER C 172 -29.49 11.28 73.31
CA SER C 172 -28.44 12.28 73.55
C SER C 172 -28.85 13.71 73.24
N ARG C 173 -29.61 13.88 72.16
CA ARG C 173 -29.97 15.20 71.66
C ARG C 173 -31.14 15.81 72.41
N TYR C 174 -32.19 15.03 72.62
CA TYR C 174 -33.44 15.53 73.18
C TYR C 174 -33.73 15.02 74.60
N GLY C 175 -32.90 14.13 75.11
CA GLY C 175 -33.13 13.53 76.43
C GLY C 175 -34.19 12.45 76.46
N LEU C 176 -34.45 11.82 75.31
CA LEU C 176 -35.37 10.68 75.24
C LEU C 176 -34.88 9.60 76.19
N LYS C 177 -35.80 9.01 76.95
CA LYS C 177 -35.44 7.98 77.92
C LYS C 177 -35.71 6.58 77.39
N ARG C 178 -34.88 5.63 77.82
CA ARG C 178 -34.98 4.25 77.38
C ARG C 178 -36.38 3.68 77.61
N GLU C 179 -36.97 3.97 78.76
CA GLU C 179 -38.30 3.45 79.10
C GLU C 179 -39.41 4.01 78.21
N GLN C 180 -39.22 5.22 77.70
CA GLN C 180 -40.21 5.84 76.82
C GLN C 180 -40.26 5.15 75.44
N LEU C 181 -39.12 4.61 75.00
CA LEU C 181 -39.10 3.76 73.82
C LEU C 181 -39.92 2.50 74.09
N ALA C 182 -39.68 1.88 75.24
CA ALA C 182 -40.33 0.61 75.59
C ALA C 182 -41.84 0.74 75.79
N MET C 183 -42.29 1.96 76.09
CA MET C 183 -43.72 2.22 76.25
C MET C 183 -44.51 2.10 74.95
N VAL C 184 -43.85 2.24 73.81
CA VAL C 184 -44.52 2.19 72.52
C VAL C 184 -45.21 0.82 72.30
N PRO C 185 -44.44 -0.28 72.40
CA PRO C 185 -45.11 -1.58 72.24
C PRO C 185 -46.13 -1.92 73.31
N VAL C 186 -45.97 -1.38 74.53
CA VAL C 186 -46.99 -1.56 75.57
C VAL C 186 -48.32 -0.98 75.07
N LEU C 187 -48.28 0.28 74.63
CA LEU C 187 -49.48 0.95 74.11
C LEU C 187 -50.06 0.23 72.91
N MET C 188 -49.20 -0.15 71.95
CA MET C 188 -49.65 -0.87 70.76
C MET C 188 -50.29 -2.23 71.11
N SER C 189 -49.73 -2.91 72.10
CA SER C 189 -50.25 -4.22 72.53
C SER C 189 -51.63 -4.10 73.19
N LYS C 190 -51.86 -2.97 73.86
CA LYS C 190 -53.18 -2.66 74.42
C LYS C 190 -54.21 -2.50 73.29
N MET C 191 -53.80 -1.88 72.19
CA MET C 191 -54.66 -1.73 71.03
C MET C 191 -54.88 -3.10 70.37
N ALA C 192 -53.80 -3.86 70.21
CA ALA C 192 -53.86 -5.16 69.54
C ALA C 192 -54.84 -6.13 70.20
N GLU C 193 -54.94 -6.07 71.53
CA GLU C 193 -55.89 -6.88 72.30
C GLU C 193 -57.34 -6.79 71.81
N ARG C 194 -57.74 -5.62 71.34
CA ARG C 194 -59.10 -5.39 70.87
C ARG C 194 -59.31 -5.69 69.38
N HIS C 195 -58.27 -6.19 68.72
CA HIS C 195 -58.36 -6.63 67.32
C HIS C 195 -58.06 -8.13 67.27
N PRO C 196 -59.07 -8.95 66.91
CA PRO C 196 -58.86 -10.41 66.93
C PRO C 196 -57.80 -10.93 65.94
N GLU C 197 -57.66 -10.22 64.82
CA GLU C 197 -56.68 -10.59 63.80
C GLU C 197 -55.23 -10.23 64.17
N ALA C 198 -55.04 -9.33 65.13
CA ALA C 198 -53.70 -8.89 65.50
C ALA C 198 -52.87 -10.07 65.99
N MET C 199 -51.60 -10.10 65.64
CA MET C 199 -50.75 -11.22 66.03
C MET C 199 -50.41 -11.22 67.51
N CYS C 200 -50.31 -10.04 68.11
CA CYS C 200 -50.18 -9.93 69.56
C CYS C 200 -51.56 -10.05 70.18
N GLN C 201 -51.71 -11.00 71.09
CA GLN C 201 -52.99 -11.30 71.74
C GLN C 201 -53.10 -10.82 73.17
N LYS C 202 -51.96 -10.76 73.85
CA LYS C 202 -51.92 -10.41 75.26
C LYS C 202 -51.07 -9.15 75.40
N ALA C 203 -51.61 -8.12 76.07
CA ALA C 203 -50.89 -6.86 76.24
C ALA C 203 -49.61 -7.08 77.05
N TYR C 204 -48.57 -6.34 76.71
CA TYR C 204 -47.29 -6.41 77.42
C TYR C 204 -47.29 -5.48 78.62
N THR C 205 -46.43 -5.77 79.60
CA THR C 205 -46.10 -4.81 80.64
C THR C 205 -44.78 -4.14 80.26
N LEU C 206 -44.51 -2.97 80.82
CA LEU C 206 -43.25 -2.27 80.56
C LEU C 206 -42.05 -3.16 80.91
N ASP C 207 -42.12 -3.82 82.06
CA ASP C 207 -41.06 -4.73 82.49
C ASP C 207 -40.81 -5.86 81.49
N GLU C 208 -41.89 -6.44 80.94
CA GLU C 208 -41.75 -7.51 79.95
C GLU C 208 -40.99 -7.04 78.71
N VAL C 209 -41.30 -5.84 78.25
CA VAL C 209 -40.63 -5.28 77.08
C VAL C 209 -39.15 -5.07 77.38
N LEU C 210 -38.87 -4.44 78.52
CA LEU C 210 -37.49 -4.15 78.93
C LEU C 210 -36.68 -5.40 79.25
N HIS C 211 -37.36 -6.47 79.68
CA HIS C 211 -36.68 -7.72 80.01
C HIS C 211 -36.57 -8.65 78.80
N SER C 212 -37.28 -8.32 77.71
CA SER C 212 -37.24 -9.15 76.51
C SER C 212 -35.87 -9.08 75.83
N ARG C 213 -35.59 -10.10 75.04
CA ARG C 213 -34.30 -10.27 74.37
C ARG C 213 -33.82 -9.02 73.65
N CYS C 214 -32.58 -8.62 73.92
CA CYS C 214 -31.98 -7.48 73.21
C CYS C 214 -31.73 -7.82 71.75
N VAL C 215 -32.09 -6.90 70.87
CA VAL C 215 -31.80 -7.04 69.44
C VAL C 215 -30.73 -6.04 69.01
N ALA C 216 -30.82 -4.82 69.54
CA ALA C 216 -29.83 -3.79 69.33
C ALA C 216 -29.67 -3.02 70.64
N PRO C 217 -28.62 -2.17 70.77
CA PRO C 217 -28.31 -1.54 72.06
C PRO C 217 -29.49 -0.98 72.85
N VAL C 218 -30.45 -0.35 72.19
CA VAL C 218 -31.62 0.19 72.87
C VAL C 218 -32.92 -0.28 72.21
N THR C 219 -32.90 -1.49 71.65
CA THR C 219 -34.05 -2.07 70.99
C THR C 219 -34.16 -3.54 71.35
N ASN C 220 -35.23 -3.93 72.02
CA ASN C 220 -35.47 -5.31 72.38
C ASN C 220 -36.49 -5.97 71.46
N LEU C 221 -36.57 -7.30 71.56
CA LEU C 221 -37.40 -8.09 70.67
C LEU C 221 -38.83 -7.58 70.56
N LEU C 222 -39.44 -7.28 71.71
CA LEU C 222 -40.83 -6.83 71.74
C LEU C 222 -41.04 -5.41 71.17
N GLU C 223 -39.95 -4.69 70.93
CA GLU C 223 -39.99 -3.38 70.26
C GLU C 223 -39.85 -3.47 68.73
N CYS C 224 -39.61 -4.67 68.20
CA CYS C 224 -39.37 -4.85 66.77
C CYS C 224 -40.65 -5.15 66.00
N ALA C 225 -40.73 -4.68 64.75
CA ALA C 225 -41.83 -5.02 63.85
C ALA C 225 -42.01 -6.55 63.80
N ARG C 226 -43.26 -6.99 63.85
CA ARG C 226 -43.59 -8.41 63.93
C ARG C 226 -43.73 -9.03 62.53
N ARG C 227 -42.81 -9.91 62.18
CA ARG C 227 -42.86 -10.60 60.88
C ARG C 227 -44.21 -11.30 60.67
N ALA C 228 -44.73 -11.21 59.45
CA ALA C 228 -46.03 -11.78 59.13
C ALA C 228 -46.18 -11.96 57.62
N ASP C 229 -47.12 -12.80 57.21
CA ASP C 229 -47.56 -12.84 55.83
C ASP C 229 -48.86 -12.06 55.76
N GLY C 230 -49.16 -11.53 54.58
CA GLY C 230 -50.43 -10.84 54.37
C GLY C 230 -50.44 -10.07 53.08
N ALA C 231 -51.64 -9.73 52.60
CA ALA C 231 -51.77 -8.89 51.43
C ALA C 231 -53.01 -8.00 51.57
N VAL C 232 -52.94 -6.82 50.98
CA VAL C 232 -54.06 -5.87 50.93
C VAL C 232 -54.16 -5.30 49.53
N ALA C 233 -55.38 -5.09 49.07
CA ALA C 233 -55.63 -4.48 47.78
C ALA C 233 -56.64 -3.34 47.98
N LEU C 234 -56.37 -2.22 47.32
CA LEU C 234 -57.26 -1.06 47.33
C LEU C 234 -57.70 -0.78 45.91
N ILE C 235 -58.94 -0.35 45.75
CA ILE C 235 -59.41 0.13 44.45
C ILE C 235 -59.67 1.64 44.60
N VAL C 236 -59.11 2.42 43.68
CA VAL C 236 -59.25 3.86 43.68
C VAL C 236 -59.98 4.28 42.42
N SER C 237 -60.94 5.20 42.56
CA SER C 237 -61.73 5.67 41.43
C SER C 237 -62.18 7.10 41.62
N GLY C 238 -62.36 7.81 40.51
CA GLY C 238 -63.03 9.11 40.55
C GLY C 238 -64.44 8.94 41.07
N GLU C 239 -64.89 9.90 41.87
CA GLU C 239 -66.18 9.86 42.54
C GLU C 239 -67.34 9.77 41.57
N ALA C 240 -67.34 10.64 40.57
CA ALA C 240 -68.40 10.71 39.58
C ALA C 240 -68.45 9.42 38.75
N HIS C 241 -67.29 8.99 38.27
CA HIS C 241 -67.18 7.75 37.50
C HIS C 241 -67.79 6.58 38.27
N TYR C 242 -67.41 6.47 39.54
CA TYR C 242 -67.87 5.38 40.39
C TYR C 242 -69.38 5.45 40.61
N ALA C 243 -69.88 6.64 40.90
CA ALA C 243 -71.32 6.86 41.13
C ALA C 243 -72.17 6.44 39.93
N GLU C 244 -71.69 6.76 38.72
CA GLU C 244 -72.44 6.47 37.50
C GLU C 244 -72.54 4.99 37.15
N HIS C 245 -71.47 4.24 37.39
CA HIS C 245 -71.37 2.86 36.89
C HIS C 245 -71.53 1.77 37.95
N PHE C 246 -71.11 2.05 39.18
CA PHE C 246 -71.00 1.00 40.21
C PHE C 246 -71.75 1.25 41.53
N ALA C 247 -72.30 2.45 41.72
CA ALA C 247 -73.04 2.76 42.94
C ALA C 247 -74.53 2.51 42.72
N LEU C 256 -71.70 4.62 51.79
CA LEU C 256 -71.28 5.49 52.91
C LEU C 256 -69.96 6.22 52.61
N GLY C 257 -70.00 7.51 52.87
CA GLY C 257 -68.88 8.40 52.68
C GLY C 257 -67.61 7.91 53.34
N GLY C 258 -67.70 7.53 54.61
CA GLY C 258 -66.54 7.04 55.37
C GLY C 258 -66.02 5.67 54.96
N SER C 259 -66.90 4.82 54.43
CA SER C 259 -66.49 3.48 53.99
C SER C 259 -65.79 3.51 52.64
N LYS C 260 -65.99 4.59 51.88
CA LYS C 260 -65.31 4.81 50.62
C LYS C 260 -64.70 6.23 50.60
N PRO C 261 -63.71 6.48 51.46
CA PRO C 261 -63.28 7.84 51.74
C PRO C 261 -62.61 8.59 50.59
N ILE C 262 -62.73 9.91 50.62
CA ILE C 262 -62.03 10.78 49.71
C ILE C 262 -60.55 10.82 50.08
N ILE C 263 -59.68 10.70 49.08
CA ILE C 263 -58.25 10.91 49.28
C ILE C 263 -58.03 12.42 49.11
N ALA C 264 -58.01 13.13 50.22
CA ALA C 264 -57.93 14.60 50.21
C ALA C 264 -56.56 15.10 49.78
N SER C 265 -55.50 14.41 50.19
CA SER C 265 -54.15 14.76 49.75
C SER C 265 -53.18 13.60 49.99
N VAL C 266 -52.10 13.58 49.21
CA VAL C 266 -50.97 12.69 49.40
C VAL C 266 -49.68 13.49 49.17
N ALA C 267 -48.69 13.29 50.03
CA ALA C 267 -47.41 13.99 49.89
C ALA C 267 -46.25 13.07 50.30
N GLU C 268 -45.09 13.29 49.69
CA GLU C 268 -43.91 12.48 49.97
C GLU C 268 -42.69 13.33 50.24
N ALA C 269 -41.72 12.72 50.90
CA ALA C 269 -40.40 13.31 51.09
C ALA C 269 -39.45 12.17 51.42
N SER C 270 -38.14 12.43 51.33
CA SER C 270 -37.16 11.35 51.40
C SER C 270 -35.91 11.76 52.15
N GLY C 271 -35.13 10.75 52.51
CA GLY C 271 -33.86 10.93 53.20
C GLY C 271 -32.93 9.78 52.87
N PRO C 272 -31.72 9.79 53.46
CA PRO C 272 -30.75 8.76 53.11
C PRO C 272 -31.22 7.36 53.49
N LEU C 273 -30.78 6.37 52.74
CA LEU C 273 -31.17 4.98 52.97
C LEU C 273 -30.67 4.47 54.33
N PHE C 274 -29.50 4.94 54.77
CA PHE C 274 -28.94 4.56 56.05
C PHE C 274 -28.22 5.75 56.71
N PRO C 275 -28.04 5.70 58.04
CA PRO C 275 -27.45 6.85 58.72
C PRO C 275 -25.96 7.04 58.42
N PRO C 276 -25.44 8.26 58.64
CA PRO C 276 -23.99 8.49 58.51
C PRO C 276 -23.19 7.69 59.54
N GLY C 277 -21.93 7.39 59.22
CA GLY C 277 -21.06 6.65 60.14
C GLY C 277 -20.81 7.36 61.44
N ILE C 282 -25.34 12.94 62.28
CA ILE C 282 -26.80 12.98 62.20
C ILE C 282 -27.35 14.36 62.54
N VAL C 283 -28.30 14.83 61.73
CA VAL C 283 -28.85 16.18 61.86
C VAL C 283 -30.39 16.13 61.66
N PRO C 284 -31.13 17.10 62.25
CA PRO C 284 -32.61 17.06 62.22
C PRO C 284 -33.25 17.10 60.84
N ASP C 285 -32.57 17.70 59.86
CA ASP C 285 -33.10 17.80 58.50
C ASP C 285 -33.06 16.47 57.74
N ILE C 286 -32.44 15.44 58.32
CA ILE C 286 -32.48 14.10 57.75
C ILE C 286 -33.90 13.54 57.74
N PHE C 287 -34.68 13.87 58.77
CA PHE C 287 -36.03 13.34 58.95
C PHE C 287 -37.02 14.04 58.02
N SER C 288 -37.75 13.24 57.25
CA SER C 288 -38.57 13.75 56.15
C SER C 288 -40.08 13.75 56.44
N CYS C 289 -40.51 13.06 57.50
CA CYS C 289 -41.95 12.96 57.80
C CYS C 289 -42.59 14.34 57.99
N ARG C 290 -41.89 15.25 58.67
CA ARG C 290 -42.42 16.60 58.89
C ARG C 290 -42.74 17.30 57.58
N HIS C 291 -41.83 17.23 56.61
CA HIS C 291 -42.06 17.85 55.30
C HIS C 291 -43.27 17.26 54.60
N ALA C 292 -43.36 15.93 54.60
CA ALA C 292 -44.48 15.25 53.95
C ALA C 292 -45.80 15.63 54.63
N ALA C 293 -45.80 15.65 55.95
CA ALA C 293 -47.00 15.96 56.71
C ALA C 293 -47.47 17.38 56.41
N ARG C 294 -46.54 18.34 56.46
CA ARG C 294 -46.84 19.73 56.17
C ARG C 294 -47.49 19.91 54.80
N ASP C 295 -46.89 19.29 53.78
CA ASP C 295 -47.42 19.39 52.43
C ASP C 295 -48.80 18.71 52.27
N ALA C 296 -49.01 17.59 52.97
CA ALA C 296 -50.31 16.93 52.94
C ALA C 296 -51.40 17.81 53.57
N PHE C 297 -51.08 18.41 54.70
CA PHE C 297 -52.00 19.34 55.38
C PHE C 297 -52.33 20.55 54.50
N LEU C 298 -51.30 21.13 53.88
CA LEU C 298 -51.46 22.26 52.94
C LEU C 298 -52.38 21.91 51.77
N SER C 299 -52.08 20.81 51.10
CA SER C 299 -52.90 20.32 49.97
C SER C 299 -54.35 20.09 50.37
N ALA C 300 -54.58 19.55 51.56
CA ALA C 300 -55.94 19.24 52.03
C ALA C 300 -56.64 20.44 52.66
N ASN C 301 -55.89 21.51 52.96
CA ASN C 301 -56.41 22.69 53.65
C ASN C 301 -56.96 22.33 55.04
N LEU C 302 -56.17 21.60 55.81
CA LEU C 302 -56.56 21.13 57.13
C LEU C 302 -55.40 21.30 58.10
N ASN C 303 -55.72 21.24 59.40
CA ASN C 303 -54.70 21.25 60.45
C ASN C 303 -54.79 19.97 61.26
N VAL C 304 -53.83 19.78 62.16
CA VAL C 304 -53.76 18.54 62.93
C VAL C 304 -55.00 18.39 63.84
N GLY C 305 -55.51 19.51 64.33
CA GLY C 305 -56.72 19.53 65.14
C GLY C 305 -57.97 19.04 64.41
N ASP C 306 -57.96 19.09 63.08
CA ASP C 306 -59.07 18.57 62.28
C ASP C 306 -59.04 17.04 62.12
N ILE C 307 -57.92 16.41 62.48
CA ILE C 307 -57.72 14.96 62.32
C ILE C 307 -57.99 14.24 63.63
N HIS C 308 -58.85 13.22 63.59
CA HIS C 308 -59.19 12.48 64.81
C HIS C 308 -58.81 11.01 64.77
N PHE C 309 -58.16 10.56 63.69
CA PHE C 309 -57.49 9.26 63.70
C PHE C 309 -56.16 9.33 62.96
N PHE C 310 -55.16 8.70 63.55
CA PHE C 310 -53.83 8.66 62.97
C PHE C 310 -53.37 7.20 62.83
N GLY C 311 -53.06 6.81 61.60
CA GLY C 311 -52.42 5.53 61.33
C GLY C 311 -50.96 5.78 60.99
N LEU C 312 -50.09 5.57 61.97
CA LEU C 312 -48.70 6.01 61.88
C LEU C 312 -47.73 4.82 61.91
N TYR C 313 -46.89 4.74 60.89
CA TYR C 313 -45.88 3.69 60.77
C TYR C 313 -45.05 3.62 62.05
N ASP C 314 -44.85 2.42 62.55
CA ASP C 314 -44.22 2.20 63.84
C ASP C 314 -43.38 0.93 63.83
N CYS C 315 -42.48 0.80 62.85
CA CYS C 315 -41.64 -0.39 62.71
C CYS C 315 -40.75 -0.60 63.96
N PHE C 316 -40.34 0.51 64.57
CA PHE C 316 -39.66 0.52 65.87
C PHE C 316 -40.17 1.74 66.67
N PRO C 317 -39.99 1.73 68.01
CA PRO C 317 -40.52 2.81 68.81
C PRO C 317 -40.08 4.20 68.35
N ILE C 318 -38.83 4.34 67.97
CA ILE C 318 -38.33 5.65 67.52
C ILE C 318 -39.08 6.19 66.31
N CYS C 319 -39.59 5.29 65.46
CA CYS C 319 -40.38 5.69 64.30
C CYS C 319 -41.68 6.36 64.73
N LEU C 320 -42.38 5.78 65.71
CA LEU C 320 -43.64 6.35 66.18
C LEU C 320 -43.41 7.66 66.96
N ILE C 321 -42.33 7.68 67.75
CA ILE C 321 -41.98 8.88 68.51
C ILE C 321 -41.71 10.04 67.55
N GLN C 322 -40.96 9.78 66.50
CA GLN C 322 -40.68 10.78 65.46
C GLN C 322 -41.97 11.20 64.72
N ALA C 323 -42.83 10.22 64.44
CA ALA C 323 -44.07 10.45 63.71
C ALA C 323 -45.04 11.39 64.43
N VAL C 324 -45.27 11.18 65.72
CA VAL C 324 -46.22 12.02 66.46
C VAL C 324 -45.73 13.48 66.52
N GLU C 325 -44.42 13.67 66.60
CA GLU C 325 -43.82 15.01 66.53
C GLU C 325 -44.05 15.62 65.16
N ALA C 326 -43.73 14.85 64.11
CA ALA C 326 -43.79 15.31 62.74
C ALA C 326 -45.19 15.77 62.31
N VAL C 327 -46.22 15.03 62.70
CA VAL C 327 -47.59 15.35 62.32
C VAL C 327 -48.22 16.42 63.20
N GLY C 328 -47.52 16.82 64.27
CA GLY C 328 -47.97 17.92 65.12
C GLY C 328 -48.78 17.54 66.34
N LEU C 329 -48.75 16.27 66.74
CA LEU C 329 -49.44 15.85 67.96
C LEU C 329 -48.70 16.27 69.23
N CYS C 330 -47.41 16.58 69.10
CA CYS C 330 -46.64 17.13 70.20
C CYS C 330 -45.44 17.87 69.63
N PRO C 331 -44.74 18.66 70.48
CA PRO C 331 -43.57 19.41 69.98
C PRO C 331 -42.37 18.52 69.63
N GLU C 332 -41.49 19.06 68.78
CA GLU C 332 -40.27 18.35 68.39
C GLU C 332 -39.44 17.98 69.60
N GLY C 333 -38.90 16.76 69.59
CA GLY C 333 -38.12 16.24 70.71
C GLY C 333 -38.90 15.77 71.92
N LYS C 334 -40.23 15.90 71.89
CA LYS C 334 -41.09 15.56 73.03
C LYS C 334 -41.95 14.29 72.83
N GLY C 335 -41.72 13.56 71.74
CA GLY C 335 -42.52 12.38 71.44
C GLY C 335 -42.45 11.30 72.51
N GLY C 336 -41.30 11.20 73.17
CA GLY C 336 -41.12 10.24 74.27
C GLY C 336 -42.01 10.58 75.45
N GLU C 337 -42.17 11.88 75.71
CA GLU C 337 -43.02 12.36 76.81
C GLU C 337 -44.49 12.16 76.48
N PHE C 338 -44.83 12.30 75.21
CA PHE C 338 -46.17 12.01 74.71
C PHE C 338 -46.55 10.55 75.01
N MET C 339 -45.62 9.63 74.79
CA MET C 339 -45.85 8.22 75.11
C MET C 339 -46.03 8.01 76.62
N GLU C 340 -45.19 8.67 77.42
CA GLU C 340 -45.20 8.49 78.87
C GLU C 340 -46.49 8.98 79.50
N THR C 341 -46.99 10.13 79.05
CA THR C 341 -48.26 10.63 79.56
C THR C 341 -49.41 9.67 79.22
N ALA C 342 -49.43 9.14 78.01
CA ALA C 342 -50.45 8.16 77.62
C ALA C 342 -50.33 6.86 78.43
N TYR C 343 -49.10 6.41 78.65
CA TYR C 343 -48.82 5.23 79.46
C TYR C 343 -49.29 5.43 80.90
N ASN C 344 -48.89 6.55 81.50
CA ASN C 344 -49.30 6.90 82.86
C ASN C 344 -50.81 6.98 83.02
N GLU C 345 -51.49 7.52 82.02
CA GLU C 345 -52.95 7.64 82.08
C GLU C 345 -53.60 6.26 81.98
N MET C 346 -53.04 5.40 81.13
CA MET C 346 -53.49 4.01 81.04
C MET C 346 -53.40 3.33 82.41
N LEU C 347 -52.26 3.47 83.08
CA LEU C 347 -52.07 2.88 84.42
C LEU C 347 -53.07 3.41 85.44
N ASN C 348 -53.34 4.71 85.41
CA ASN C 348 -54.31 5.32 86.32
C ASN C 348 -55.77 5.06 85.94
N ASN C 349 -55.99 4.50 84.75
CA ASN C 349 -57.33 4.15 84.28
C ASN C 349 -57.56 2.63 84.35
N GLY C 350 -57.00 2.00 85.38
CA GLY C 350 -57.16 0.56 85.58
C GLY C 350 -56.55 -0.30 84.49
N GLY C 351 -55.47 0.19 83.88
CA GLY C 351 -54.81 -0.52 82.79
C GLY C 351 -55.50 -0.46 81.44
N VAL C 352 -56.56 0.35 81.33
CA VAL C 352 -57.31 0.47 80.08
C VAL C 352 -56.81 1.65 79.26
N LEU C 353 -56.41 1.38 78.02
CA LEU C 353 -56.02 2.44 77.09
C LEU C 353 -57.24 2.93 76.32
N ASP C 354 -57.72 4.11 76.67
CA ASP C 354 -58.91 4.69 76.03
C ASP C 354 -58.52 5.25 74.66
N PRO C 355 -59.13 4.72 73.57
CA PRO C 355 -58.80 5.20 72.21
C PRO C 355 -58.94 6.71 72.03
N SER C 356 -59.93 7.32 72.68
CA SER C 356 -60.15 8.77 72.53
C SER C 356 -58.99 9.62 73.07
N LYS C 357 -58.24 9.08 74.03
CA LYS C 357 -57.07 9.78 74.56
C LYS C 357 -55.75 9.41 73.84
N PHE C 358 -55.82 8.42 72.95
CA PHE C 358 -54.66 7.98 72.18
C PHE C 358 -55.16 7.44 70.84
N PRO C 359 -55.61 8.34 69.95
CA PRO C 359 -56.32 7.95 68.72
C PRO C 359 -55.35 7.55 67.59
N ILE C 360 -54.50 6.57 67.90
CA ILE C 360 -53.38 6.22 67.07
C ILE C 360 -53.27 4.69 66.98
N ASN C 361 -53.19 4.17 65.76
CA ASN C 361 -52.88 2.75 65.55
C ASN C 361 -53.76 1.82 66.37
N THR C 362 -55.07 2.02 66.30
CA THR C 362 -56.01 1.27 67.10
C THR C 362 -56.03 -0.22 66.74
N HIS C 363 -55.36 -0.58 65.64
CA HIS C 363 -55.17 -1.98 65.25
C HIS C 363 -53.95 -2.66 65.89
N GLY C 364 -52.99 -1.86 66.35
CA GLY C 364 -51.78 -2.39 67.01
C GLY C 364 -50.48 -2.13 66.25
N GLY C 365 -50.59 -1.64 65.02
CA GLY C 365 -49.44 -1.28 64.20
C GLY C 365 -48.52 -2.44 63.80
N LEU C 366 -47.33 -2.09 63.34
CA LEU C 366 -46.34 -3.08 62.94
C LEU C 366 -45.84 -3.87 64.13
N GLN C 367 -45.86 -3.21 65.29
CA GLN C 367 -45.43 -3.81 66.57
C GLN C 367 -46.26 -5.01 66.96
N CYS C 368 -47.58 -4.86 66.89
CA CYS C 368 -48.49 -5.81 67.53
C CYS C 368 -49.61 -6.34 66.62
N PHE C 369 -49.93 -5.64 65.53
CA PHE C 369 -50.81 -6.19 64.52
C PHE C 369 -50.01 -7.12 63.60
N GLY C 370 -48.97 -6.59 62.97
CA GLY C 370 -48.10 -7.38 62.10
C GLY C 370 -47.50 -6.59 60.96
N ALA C 371 -46.40 -7.10 60.41
CA ALA C 371 -45.59 -6.37 59.44
C ALA C 371 -45.05 -7.23 58.30
N PRO C 372 -45.85 -7.39 57.23
CA PRO C 372 -45.37 -8.07 56.03
C PRO C 372 -44.52 -7.16 55.11
N TRP C 373 -43.32 -6.82 55.57
CA TRP C 373 -42.36 -6.03 54.79
C TRP C 373 -42.95 -4.69 54.30
N GLU C 374 -43.25 -4.52 53.02
CA GLU C 374 -43.74 -3.24 52.49
C GLU C 374 -45.27 -3.11 52.54
N VAL C 375 -45.94 -4.12 53.08
CA VAL C 375 -47.41 -4.11 53.18
C VAL C 375 -48.05 -3.21 54.24
N PRO C 376 -47.49 -3.16 55.47
CA PRO C 376 -48.29 -2.74 56.61
C PRO C 376 -48.79 -1.29 56.69
N ALA C 377 -48.29 -0.38 55.84
CA ALA C 377 -48.92 0.94 55.73
C ALA C 377 -50.34 0.79 55.19
N MET C 378 -50.62 -0.31 54.48
CA MET C 378 -51.99 -0.67 54.09
C MET C 378 -52.93 -0.82 55.28
N TYR C 379 -52.43 -1.37 56.39
CA TYR C 379 -53.26 -1.56 57.58
C TYR C 379 -53.57 -0.25 58.32
N ASN C 380 -52.72 0.76 58.15
CA ASN C 380 -53.06 2.10 58.59
C ASN C 380 -54.28 2.61 57.82
N ILE C 381 -54.29 2.35 56.51
CA ILE C 381 -55.38 2.78 55.65
C ILE C 381 -56.66 2.01 55.99
N THR C 382 -56.55 0.70 56.16
CA THR C 382 -57.73 -0.12 56.46
C THR C 382 -58.30 0.19 57.85
N GLU C 383 -57.43 0.48 58.82
CA GLU C 383 -57.91 0.86 60.14
C GLU C 383 -58.56 2.25 60.11
N ALA C 384 -58.01 3.16 59.31
CA ALA C 384 -58.61 4.49 59.14
C ALA C 384 -60.01 4.39 58.54
N ILE C 385 -60.15 3.55 57.52
CA ILE C 385 -61.46 3.32 56.88
C ILE C 385 -62.46 2.76 57.88
N ALA C 386 -62.04 1.80 58.69
CA ALA C 386 -62.90 1.21 59.72
C ALA C 386 -63.38 2.27 60.71
N GLN C 387 -62.46 3.13 61.14
CA GLN C 387 -62.81 4.21 62.07
C GLN C 387 -63.76 5.22 61.44
N LEU C 388 -63.46 5.64 60.22
CA LEU C 388 -64.29 6.62 59.48
C LEU C 388 -65.70 6.09 59.18
N SER C 389 -65.82 4.79 58.96
CA SER C 389 -67.11 4.20 58.62
C SER C 389 -67.87 3.66 59.84
N GLU C 390 -67.31 3.87 61.04
CA GLU C 390 -67.86 3.37 62.28
C GLU C 390 -67.97 1.84 62.30
N GLU C 391 -66.94 1.17 61.80
CA GLU C 391 -66.89 -0.28 61.75
C GLU C 391 -65.65 -0.83 62.47
N ALA C 392 -65.12 -0.05 63.41
CA ALA C 392 -63.92 -0.45 64.15
C ALA C 392 -64.23 -1.18 65.47
N GLY C 393 -65.51 -1.41 65.74
CA GLY C 393 -65.94 -2.26 66.85
C GLY C 393 -65.55 -1.77 68.24
N ASP C 394 -64.87 -2.63 68.99
CA ASP C 394 -64.36 -2.27 70.32
C ASP C 394 -63.31 -1.21 70.34
N ARG C 395 -62.72 -0.97 69.17
CA ARG C 395 -61.66 0.00 69.03
C ARG C 395 -62.25 1.34 68.58
N GLN C 396 -63.56 1.37 68.34
CA GLN C 396 -64.20 2.52 67.67
C GLN C 396 -64.08 3.83 68.45
N LEU C 397 -63.70 4.89 67.74
CA LEU C 397 -63.61 6.22 68.33
C LEU C 397 -64.96 6.89 68.28
N THR C 398 -65.33 7.55 69.38
CA THR C 398 -66.57 8.32 69.48
C THR C 398 -66.21 9.74 69.92
N PRO C 399 -66.74 10.77 69.23
CA PRO C 399 -67.61 10.68 68.06
C PRO C 399 -66.86 10.11 66.86
N VAL C 400 -67.60 9.75 65.81
CA VAL C 400 -67.00 9.12 64.64
C VAL C 400 -66.06 10.14 64.00
N PRO C 401 -64.77 9.77 63.80
CA PRO C 401 -63.86 10.69 63.11
C PRO C 401 -64.34 11.00 61.70
N LYS C 402 -64.25 12.25 61.28
CA LYS C 402 -64.59 12.66 59.92
C LYS C 402 -63.34 12.66 59.02
N ARG C 403 -62.17 12.69 59.64
CA ARG C 403 -60.91 12.84 58.91
C ARG C 403 -59.82 12.00 59.57
N ALA C 404 -58.95 11.43 58.75
CA ALA C 404 -57.88 10.58 59.22
C ALA C 404 -56.59 10.88 58.48
N LEU C 405 -55.48 10.63 59.14
CA LEU C 405 -54.17 10.78 58.52
C LEU C 405 -53.44 9.46 58.62
N VAL C 406 -52.85 9.03 57.50
CA VAL C 406 -52.03 7.82 57.47
C VAL C 406 -50.61 8.15 57.02
N TYR C 407 -49.66 7.42 57.56
CA TYR C 407 -48.24 7.68 57.35
C TYR C 407 -47.50 6.37 57.09
N GLY C 408 -46.74 6.34 55.98
CA GLY C 408 -45.89 5.21 55.64
C GLY C 408 -44.43 5.65 55.65
N ASN C 409 -43.56 4.76 56.11
CA ASN C 409 -42.14 5.04 56.20
C ASN C 409 -41.37 3.87 55.58
N GLY C 410 -40.35 4.20 54.81
CA GLY C 410 -39.52 3.18 54.15
C GLY C 410 -38.06 3.34 54.50
N GLY C 411 -37.33 2.24 54.39
CA GLY C 411 -35.89 2.26 54.65
C GLY C 411 -35.62 2.53 56.11
N ILE C 412 -34.65 3.40 56.38
CA ILE C 412 -34.38 3.85 57.73
C ILE C 412 -34.63 5.37 57.74
N PHE C 413 -35.89 5.74 57.97
CA PHE C 413 -36.37 7.13 57.78
C PHE C 413 -36.01 7.66 56.39
N SER C 414 -36.06 6.80 55.38
CA SER C 414 -35.57 7.13 54.04
C SER C 414 -36.67 7.63 53.11
N ALA C 415 -37.90 7.21 53.39
CA ALA C 415 -39.06 7.57 52.59
C ALA C 415 -40.22 7.86 53.52
N SER C 416 -40.88 8.98 53.30
CA SER C 416 -42.07 9.37 54.05
C SER C 416 -43.20 9.58 53.07
N SER C 417 -44.35 8.97 53.37
CA SER C 417 -45.56 9.16 52.58
C SER C 417 -46.72 9.40 53.53
N VAL C 418 -47.48 10.45 53.28
CA VAL C 418 -48.56 10.86 54.17
C VAL C 418 -49.79 11.12 53.30
N ALA C 419 -50.93 10.57 53.73
CA ALA C 419 -52.20 10.83 53.05
C ALA C 419 -53.24 11.24 54.07
N ILE C 420 -54.18 12.05 53.62
CA ILE C 420 -55.30 12.43 54.46
C ILE C 420 -56.56 11.92 53.78
N LEU C 421 -57.37 11.20 54.56
CA LEU C 421 -58.62 10.63 54.09
C LEU C 421 -59.78 11.30 54.81
N ILE C 422 -60.79 11.71 54.06
CA ILE C 422 -61.98 12.33 54.65
C ILE C 422 -63.26 11.66 54.13
N SER C 423 -64.29 11.67 54.97
CA SER C 423 -65.55 11.00 54.63
C SER C 423 -66.32 11.77 53.57
N ASP C 424 -66.37 13.10 53.70
CA ASP C 424 -67.11 13.95 52.77
C ASP C 424 -66.57 15.38 52.67
N SER D 19 -50.72 22.24 31.07
CA SER D 19 -50.75 23.47 31.92
C SER D 19 -49.41 24.22 31.95
N GLN D 20 -48.33 23.49 32.22
CA GLN D 20 -46.97 24.06 32.30
C GLN D 20 -45.96 23.35 31.37
N VAL D 21 -45.10 24.12 30.74
CA VAL D 21 -44.11 23.59 29.81
C VAL D 21 -42.91 23.01 30.58
N VAL D 22 -42.61 21.74 30.32
CA VAL D 22 -41.55 21.03 31.01
C VAL D 22 -40.52 20.58 29.97
N ARG D 23 -39.23 20.77 30.30
CA ARG D 23 -38.15 20.48 29.38
C ARG D 23 -37.13 19.53 30.00
N ILE D 24 -36.42 18.80 29.14
CA ILE D 24 -35.22 18.07 29.55
C ILE D 24 -34.07 19.07 29.44
N VAL D 25 -33.54 19.50 30.58
CA VAL D 25 -32.57 20.60 30.62
C VAL D 25 -31.13 20.13 30.84
N GLY D 26 -30.94 18.84 31.08
CA GLY D 26 -29.61 18.27 31.26
C GLY D 26 -29.59 16.81 30.88
N VAL D 27 -28.54 16.42 30.15
CA VAL D 27 -28.28 15.03 29.81
C VAL D 27 -26.84 14.70 30.18
N GLY D 28 -26.63 13.54 30.78
CA GLY D 28 -25.30 13.04 31.08
C GLY D 28 -25.27 11.55 30.91
N ARG D 29 -24.13 11.01 30.49
CA ARG D 29 -23.98 9.56 30.40
C ARG D 29 -22.53 9.12 30.47
N THR D 30 -22.37 7.84 30.75
CA THR D 30 -21.07 7.21 30.74
C THR D 30 -20.82 6.67 29.33
N GLY D 31 -19.67 6.05 29.13
CA GLY D 31 -19.43 5.26 27.95
C GLY D 31 -20.29 4.01 27.99
N ILE D 32 -20.14 3.16 26.99
CA ILE D 32 -20.88 1.91 26.92
C ILE D 32 -19.95 0.77 26.54
N GLY D 33 -20.14 -0.38 27.19
CA GLY D 33 -19.34 -1.56 26.91
C GLY D 33 -18.97 -2.27 28.20
N LYS D 34 -17.74 -2.76 28.26
CA LYS D 34 -17.24 -3.45 29.43
C LYS D 34 -16.39 -2.46 30.23
N LEU D 35 -17.00 -1.85 31.23
CA LEU D 35 -16.40 -0.71 31.92
C LEU D 35 -15.73 -1.07 33.26
N HIS D 36 -16.00 -2.26 33.78
CA HIS D 36 -15.48 -2.71 35.08
C HIS D 36 -15.68 -1.66 36.19
N LYS D 37 -16.89 -1.09 36.25
CA LYS D 37 -17.24 -0.17 37.31
C LYS D 37 -18.53 -0.63 37.98
N SER D 38 -18.70 -0.27 39.24
CA SER D 38 -19.92 -0.60 39.96
C SER D 38 -21.10 0.20 39.37
N VAL D 39 -22.30 -0.32 39.56
CA VAL D 39 -23.51 0.36 39.10
C VAL D 39 -23.63 1.73 39.80
N ASP D 40 -23.36 1.77 41.10
CA ASP D 40 -23.32 3.02 41.86
C ASP D 40 -22.37 4.06 41.25
N GLU D 41 -21.17 3.63 40.88
CA GLU D 41 -20.16 4.50 40.25
C GLU D 41 -20.66 5.06 38.92
N LEU D 42 -21.27 4.19 38.11
CA LEU D 42 -21.80 4.60 36.81
C LEU D 42 -22.94 5.60 36.96
N ALA D 43 -23.85 5.31 37.88
CA ALA D 43 -24.99 6.19 38.15
C ALA D 43 -24.52 7.58 38.60
N ALA D 44 -23.58 7.60 39.54
CA ALA D 44 -23.04 8.84 40.08
C ALA D 44 -22.36 9.67 39.01
N SER D 45 -21.55 9.03 38.16
CA SER D 45 -20.90 9.71 37.03
C SER D 45 -21.90 10.33 36.06
N ALA D 46 -22.90 9.55 35.66
CA ALA D 46 -23.93 10.05 34.74
C ALA D 46 -24.63 11.28 35.32
N LEU D 47 -24.97 11.23 36.60
CA LEU D 47 -25.66 12.34 37.25
C LEU D 47 -24.81 13.61 37.32
N LYS D 48 -23.53 13.44 37.68
CA LYS D 48 -22.60 14.57 37.68
C LYS D 48 -22.52 15.23 36.31
N CYS D 49 -22.43 14.40 35.27
CA CYS D 49 -22.37 14.88 33.89
CA CYS D 49 -22.39 14.93 33.91
C CYS D 49 -23.64 15.68 33.56
N ALA D 50 -24.80 15.12 33.94
CA ALA D 50 -26.09 15.76 33.63
C ALA D 50 -26.23 17.11 34.32
N LEU D 51 -25.75 17.22 35.55
CA LEU D 51 -25.79 18.47 36.30
C LEU D 51 -24.92 19.56 35.65
N VAL D 52 -23.72 19.18 35.22
CA VAL D 52 -22.85 20.10 34.48
C VAL D 52 -23.50 20.54 33.16
N ASP D 53 -24.13 19.58 32.47
CA ASP D 53 -24.87 19.88 31.23
C ASP D 53 -26.05 20.84 31.47
N ALA D 54 -26.68 20.76 32.64
CA ALA D 54 -27.80 21.62 32.99
C ALA D 54 -27.39 22.96 33.63
N ASN D 55 -26.09 23.13 33.89
CA ASN D 55 -25.57 24.29 34.61
C ASN D 55 -26.16 24.36 36.02
N MET D 56 -26.22 23.19 36.68
CA MET D 56 -26.81 23.07 38.00
C MET D 56 -25.86 22.37 38.95
N LYS D 57 -26.14 22.48 40.24
CA LYS D 57 -25.43 21.72 41.27
C LYS D 57 -26.42 20.79 41.97
N GLN D 58 -25.88 19.82 42.72
CA GLN D 58 -26.69 18.86 43.48
C GLN D 58 -27.85 19.50 44.23
N CYS D 59 -27.55 20.58 44.94
CA CYS D 59 -28.53 21.25 45.79
C CYS D 59 -29.72 21.82 45.00
N ASP D 60 -29.58 21.93 43.68
CA ASP D 60 -30.69 22.41 42.84
C ASP D 60 -31.69 21.30 42.50
N LEU D 61 -31.34 20.04 42.79
CA LEU D 61 -32.26 18.91 42.54
C LEU D 61 -33.30 18.80 43.65
N GLN D 62 -34.56 18.58 43.27
CA GLN D 62 -35.64 18.39 44.24
C GLN D 62 -36.26 16.99 44.19
N ALA D 63 -35.85 16.18 43.22
CA ALA D 63 -36.31 14.80 43.15
C ALA D 63 -35.37 13.92 42.32
N LEU D 64 -35.47 12.62 42.56
CA LEU D 64 -34.68 11.65 41.83
C LEU D 64 -35.52 10.39 41.61
N ILE D 65 -35.60 9.96 40.36
CA ILE D 65 -36.28 8.71 40.00
C ILE D 65 -35.28 7.79 39.34
N ALA D 66 -35.25 6.53 39.76
CA ALA D 66 -34.37 5.55 39.17
C ALA D 66 -35.11 4.26 38.84
N VAL D 67 -34.43 3.39 38.10
CA VAL D 67 -34.97 2.09 37.74
C VAL D 67 -34.02 1.03 38.31
N PRO D 68 -34.51 -0.20 38.50
CA PRO D 68 -33.64 -1.24 39.05
C PRO D 68 -32.49 -1.70 38.14
N SER D 69 -31.48 -2.30 38.77
CA SER D 69 -30.35 -2.89 38.07
C SER D 69 -30.40 -4.41 38.21
N LEU D 70 -30.06 -5.13 37.14
CA LEU D 70 -29.93 -6.59 37.18
C LEU D 70 -28.58 -7.01 37.77
N ALA D 71 -27.54 -6.26 37.43
CA ALA D 71 -26.18 -6.58 37.89
C ALA D 71 -26.00 -6.39 39.39
N SER D 72 -26.59 -5.34 39.93
CA SER D 72 -26.53 -5.08 41.37
C SER D 72 -27.91 -4.71 41.91
N PRO D 73 -28.78 -5.71 42.07
CA PRO D 73 -30.11 -5.39 42.59
C PRO D 73 -30.01 -4.87 44.02
N GLN D 74 -30.72 -3.78 44.28
CA GLN D 74 -30.69 -3.14 45.60
C GLN D 74 -32.12 -2.81 46.00
N PHE D 75 -32.44 -3.12 47.25
CA PHE D 75 -33.63 -2.59 47.92
C PHE D 75 -33.64 -1.06 47.82
N MET D 76 -34.78 -0.48 47.44
CA MET D 76 -34.92 0.98 47.31
C MET D 76 -33.75 1.57 46.52
N GLN D 77 -33.62 1.08 45.27
CA GLN D 77 -32.45 1.37 44.42
C GLN D 77 -32.15 2.87 44.31
N ALA D 78 -33.18 3.67 44.06
CA ALA D 78 -33.00 5.12 43.93
C ALA D 78 -32.41 5.74 45.17
N HIS D 79 -32.91 5.33 46.33
CA HIS D 79 -32.42 5.82 47.61
C HIS D 79 -30.98 5.40 47.83
N HIS D 80 -30.67 4.14 47.49
CA HIS D 80 -29.31 3.63 47.62
C HIS D 80 -28.33 4.46 46.79
N ILE D 81 -28.70 4.72 45.54
CA ILE D 81 -27.88 5.52 44.62
C ILE D 81 -27.67 6.93 45.16
N ALA D 82 -28.77 7.57 45.55
CA ALA D 82 -28.73 8.93 46.10
C ALA D 82 -27.87 9.04 47.36
N THR D 83 -27.90 8.00 48.19
CA THR D 83 -27.16 7.98 49.45
C THR D 83 -25.66 7.81 49.18
N VAL D 84 -25.30 6.80 48.40
CA VAL D 84 -23.91 6.51 48.08
C VAL D 84 -23.28 7.64 47.26
N ALA D 85 -24.09 8.35 46.47
CA ALA D 85 -23.62 9.48 45.67
C ALA D 85 -23.48 10.79 46.46
N GLY D 86 -23.90 10.78 47.73
CA GLY D 86 -23.71 11.93 48.61
C GLY D 86 -24.69 13.07 48.42
N LEU D 87 -25.93 12.76 48.02
CA LEU D 87 -26.95 13.80 47.86
C LEU D 87 -27.54 14.25 49.20
N PHE D 88 -27.39 13.43 50.24
CA PHE D 88 -27.85 13.79 51.58
C PHE D 88 -26.65 14.17 52.46
N PRO D 89 -26.87 15.06 53.45
CA PRO D 89 -28.12 15.72 53.79
C PRO D 89 -28.50 16.79 52.76
N THR D 90 -29.78 17.13 52.71
CA THR D 90 -30.30 18.10 51.75
C THR D 90 -30.95 19.25 52.51
N LYS D 91 -30.87 20.44 51.94
CA LYS D 91 -31.43 21.61 52.64
C LYS D 91 -32.97 21.61 52.57
N GLY D 92 -33.56 21.43 51.38
CA GLY D 92 -35.00 21.45 51.22
C GLY D 92 -35.61 20.06 51.10
N LYS D 93 -36.82 20.01 50.54
CA LYS D 93 -37.49 18.75 50.25
C LYS D 93 -36.81 18.04 49.07
N PHE D 94 -36.77 16.72 49.15
CA PHE D 94 -36.18 15.90 48.13
C PHE D 94 -37.02 14.63 48.04
N ILE D 95 -37.58 14.34 46.87
CA ILE D 95 -38.43 13.16 46.69
C ILE D 95 -37.68 12.13 45.86
N VAL D 96 -37.63 10.89 46.36
CA VAL D 96 -36.89 9.82 45.70
C VAL D 96 -37.83 8.63 45.48
N ARG D 97 -37.77 8.00 44.30
CA ARG D 97 -38.58 6.81 43.96
C ARG D 97 -37.86 5.92 42.99
N THR D 98 -38.11 4.62 43.12
CA THR D 98 -37.69 3.65 42.15
C THR D 98 -38.93 3.10 41.46
N VAL D 99 -38.87 2.96 40.14
CA VAL D 99 -39.99 2.42 39.37
C VAL D 99 -39.50 1.29 38.48
N ASP D 100 -40.31 0.24 38.36
CA ASP D 100 -39.96 -0.90 37.50
C ASP D 100 -41.06 -1.14 36.46
N THR D 101 -40.77 -0.77 35.22
CA THR D 101 -41.57 -1.19 34.06
C THR D 101 -40.63 -1.76 33.01
N GLY D 102 -39.59 -2.44 33.47
CA GLY D 102 -38.60 -3.02 32.58
C GLY D 102 -37.93 -1.94 31.74
N GLY D 103 -37.66 -2.27 30.48
CA GLY D 103 -37.05 -1.34 29.56
C GLY D 103 -37.89 -0.12 29.19
N ALA D 104 -39.17 -0.12 29.56
CA ALA D 104 -40.01 1.07 29.40
C ALA D 104 -39.72 2.10 30.49
N GLY D 105 -38.97 1.69 31.52
CA GLY D 105 -38.75 2.48 32.72
C GLY D 105 -38.29 3.90 32.53
N PRO D 106 -37.28 4.13 31.68
CA PRO D 106 -36.77 5.51 31.54
C PRO D 106 -37.82 6.49 31.04
N ILE D 107 -38.71 6.03 30.17
CA ILE D 107 -39.77 6.90 29.63
C ILE D 107 -40.95 6.99 30.62
N THR D 108 -41.28 5.88 31.28
CA THR D 108 -42.21 5.91 32.42
C THR D 108 -41.79 6.97 33.44
N ALA D 109 -40.51 6.94 33.81
CA ALA D 109 -39.97 7.87 34.81
C ALA D 109 -40.04 9.30 34.31
N LEU D 110 -39.81 9.48 33.02
CA LEU D 110 -39.89 10.80 32.40
C LEU D 110 -41.30 11.38 32.55
N GLY D 111 -42.32 10.54 32.35
CA GLY D 111 -43.70 10.95 32.57
C GLY D 111 -43.98 11.27 34.04
N MET D 112 -43.41 10.46 34.95
CA MET D 112 -43.54 10.74 36.38
C MET D 112 -42.86 12.04 36.77
N ALA D 113 -41.74 12.35 36.12
CA ALA D 113 -41.01 13.60 36.38
C ALA D 113 -41.86 14.81 35.97
N VAL D 114 -42.46 14.74 34.78
CA VAL D 114 -43.37 15.81 34.32
C VAL D 114 -44.50 16.03 35.34
N ASP D 115 -45.10 14.94 35.81
CA ASP D 115 -46.16 14.98 36.83
C ASP D 115 -45.70 15.68 38.13
N LEU D 116 -44.51 15.35 38.62
CA LEU D 116 -43.96 16.02 39.81
C LEU D 116 -43.80 17.53 39.63
N VAL D 117 -43.39 17.95 38.44
CA VAL D 117 -43.22 19.37 38.13
C VAL D 117 -44.58 20.06 38.02
N ARG D 118 -45.51 19.46 37.29
CA ARG D 118 -46.82 20.07 37.08
C ARG D 118 -47.68 20.17 38.35
N THR D 119 -47.54 19.19 39.25
CA THR D 119 -48.23 19.23 40.53
C THR D 119 -47.47 20.03 41.58
N ARG D 120 -46.32 20.58 41.19
CA ARG D 120 -45.47 21.40 42.05
C ARG D 120 -44.89 20.68 43.27
N CYS D 121 -44.72 19.36 43.16
CA CYS D 121 -44.05 18.58 44.20
C CYS D 121 -42.54 18.72 44.13
N ALA D 122 -42.02 18.99 42.93
CA ALA D 122 -40.59 19.20 42.72
C ALA D 122 -40.37 20.02 41.46
N GLU D 123 -39.58 21.07 41.57
CA GLU D 123 -39.32 21.97 40.45
C GLU D 123 -38.32 21.37 39.47
N THR D 124 -37.40 20.54 39.98
CA THR D 124 -36.41 19.87 39.15
C THR D 124 -36.35 18.38 39.53
N VAL D 125 -36.12 17.52 38.54
CA VAL D 125 -36.15 16.06 38.75
C VAL D 125 -35.04 15.38 37.98
N ALA D 126 -34.24 14.57 38.67
CA ALA D 126 -33.25 13.73 38.01
C ALA D 126 -33.88 12.35 37.72
N VAL D 127 -33.65 11.85 36.51
CA VAL D 127 -34.06 10.49 36.14
C VAL D 127 -32.80 9.72 35.78
N ILE D 128 -32.56 8.59 36.47
CA ILE D 128 -31.32 7.85 36.31
C ILE D 128 -31.59 6.37 36.02
N ALA D 129 -30.85 5.83 35.05
CA ALA D 129 -30.81 4.39 34.80
C ALA D 129 -29.34 3.99 34.69
N ALA D 130 -28.98 2.88 35.35
CA ALA D 130 -27.61 2.38 35.33
C ALA D 130 -27.58 0.86 35.45
N ASP D 131 -26.72 0.21 34.68
CA ASP D 131 -26.49 -1.22 34.84
C ASP D 131 -25.13 -1.65 34.32
N ALA D 132 -24.75 -2.88 34.64
CA ALA D 132 -23.44 -3.44 34.26
C ALA D 132 -23.58 -4.91 33.89
N VAL D 133 -24.48 -5.20 32.94
CA VAL D 133 -24.80 -6.59 32.60
C VAL D 133 -23.78 -7.27 31.68
N LEU D 134 -22.81 -6.52 31.16
CA LEU D 134 -21.72 -7.15 30.44
C LEU D 134 -20.62 -7.58 31.42
N SER D 135 -20.27 -6.68 32.35
CA SER D 135 -19.23 -6.98 33.35
C SER D 135 -19.62 -8.07 34.35
N MET D 136 -20.92 -8.30 34.54
CA MET D 136 -21.38 -9.29 35.52
C MET D 136 -21.06 -10.74 35.09
N GLY D 137 -20.83 -10.97 33.80
CA GLY D 137 -20.47 -12.30 33.31
C GLY D 137 -21.67 -13.04 32.74
N SER D 138 -21.42 -13.92 31.78
CA SER D 138 -22.48 -14.59 31.04
C SER D 138 -23.32 -15.53 31.88
N GLY D 139 -22.67 -16.22 32.83
CA GLY D 139 -23.36 -17.16 33.70
C GLY D 139 -24.34 -16.47 34.64
N ALA D 140 -23.87 -15.43 35.31
CA ALA D 140 -24.72 -14.65 36.20
C ALA D 140 -25.85 -13.97 35.43
N PHE D 141 -25.54 -13.44 34.24
CA PHE D 141 -26.57 -12.76 33.44
C PHE D 141 -27.67 -13.72 33.00
N ALA D 142 -27.27 -14.89 32.51
CA ALA D 142 -28.22 -15.91 32.06
C ALA D 142 -29.13 -16.34 33.22
N GLU D 143 -28.53 -16.58 34.38
CA GLU D 143 -29.28 -17.00 35.56
C GLU D 143 -30.34 -15.95 35.96
N ARG D 144 -29.90 -14.71 36.12
CA ARG D 144 -30.78 -13.64 36.61
C ARG D 144 -31.81 -13.22 35.57
N SER D 145 -31.42 -13.18 34.31
CA SER D 145 -32.35 -12.83 33.24
C SER D 145 -33.41 -13.91 33.05
N ASN D 146 -33.01 -15.19 33.16
CA ASN D 146 -33.97 -16.30 33.07
C ASN D 146 -34.90 -16.37 34.29
N ALA D 147 -34.35 -16.11 35.47
CA ALA D 147 -35.16 -16.07 36.70
C ALA D 147 -36.19 -14.94 36.65
N SER D 148 -35.92 -13.90 35.87
CA SER D 148 -36.89 -12.82 35.70
C SER D 148 -38.20 -13.31 35.08
N LEU D 149 -38.19 -14.47 34.43
CA LEU D 149 -39.39 -15.03 33.80
C LEU D 149 -39.88 -16.36 34.40
N ARG D 150 -39.78 -16.54 35.72
CA ARG D 150 -40.37 -17.73 36.35
C ARG D 150 -41.86 -17.82 36.11
N ARG D 151 -42.35 -19.05 36.05
CA ARG D 151 -43.76 -19.37 35.79
C ARG D 151 -44.23 -19.09 34.36
N SER D 152 -43.31 -18.67 33.49
CA SER D 152 -43.65 -18.40 32.10
C SER D 152 -43.78 -19.68 31.29
N GLY D 153 -43.02 -20.70 31.68
CA GLY D 153 -42.94 -21.95 30.94
C GLY D 153 -42.03 -21.86 29.72
N LEU D 154 -41.28 -20.76 29.61
CA LEU D 154 -40.42 -20.52 28.45
C LEU D 154 -39.11 -21.29 28.60
N PRO D 155 -38.62 -21.90 27.50
CA PRO D 155 -37.28 -22.50 27.56
C PRO D 155 -36.19 -21.44 27.64
N GLU D 156 -35.03 -21.82 28.16
CA GLU D 156 -33.90 -20.91 28.29
C GLU D 156 -33.14 -20.75 26.96
N PRO D 157 -32.64 -19.53 26.65
CA PRO D 157 -32.84 -18.29 27.42
C PRO D 157 -34.26 -17.78 27.22
N CYS D 158 -34.91 -17.42 28.33
CA CYS D 158 -36.34 -17.19 28.36
C CYS D 158 -36.80 -15.96 27.58
N ILE D 159 -36.11 -14.83 27.73
CA ILE D 159 -36.55 -13.60 27.08
C ILE D 159 -36.51 -13.72 25.55
N PRO D 160 -35.37 -14.18 24.98
CA PRO D 160 -35.35 -14.44 23.54
C PRO D 160 -36.43 -15.41 23.06
N HIS D 161 -36.67 -16.48 23.82
CA HIS D 161 -37.73 -17.44 23.44
C HIS D 161 -39.13 -16.83 23.50
N GLY D 162 -39.37 -15.95 24.46
CA GLY D 162 -40.62 -15.22 24.56
C GLY D 162 -40.90 -14.38 23.33
N TYR D 163 -39.93 -13.56 22.95
CA TYR D 163 -40.04 -12.75 21.73
C TYR D 163 -40.11 -13.61 20.47
N ASP D 164 -39.37 -14.72 20.48
CA ASP D 164 -39.40 -15.67 19.38
C ASP D 164 -40.80 -16.23 19.13
N ARG D 165 -41.55 -16.51 20.20
CA ARG D 165 -42.91 -17.02 20.07
C ARG D 165 -43.83 -16.01 19.38
N TYR D 166 -43.66 -14.73 19.71
CA TYR D 166 -44.43 -13.67 19.06
C TYR D 166 -44.02 -13.50 17.60
N ALA D 167 -42.72 -13.63 17.32
CA ALA D 167 -42.24 -13.58 15.94
C ALA D 167 -42.85 -14.70 15.09
N GLN D 168 -42.85 -15.93 15.62
CA GLN D 168 -43.46 -17.06 14.92
C GLN D 168 -44.95 -16.84 14.67
N TRP D 169 -45.65 -16.29 15.66
CA TRP D 169 -47.05 -15.92 15.50
C TRP D 169 -47.23 -14.91 14.36
N TYR D 170 -46.36 -13.91 14.30
CA TYR D 170 -46.38 -12.92 13.21
C TYR D 170 -46.17 -13.54 11.84
N MET D 171 -45.26 -14.50 11.75
CA MET D 171 -44.99 -15.19 10.50
C MET D 171 -46.22 -15.95 10.02
N SER D 172 -46.90 -16.63 10.95
CA SER D 172 -48.12 -17.39 10.65
C SER D 172 -49.33 -16.49 10.36
N ARG D 173 -49.44 -15.40 11.11
CA ARG D 173 -50.62 -14.54 11.07
C ARG D 173 -50.57 -13.53 9.91
N TYR D 174 -49.41 -12.89 9.75
CA TYR D 174 -49.27 -11.79 8.79
C TYR D 174 -48.38 -12.12 7.58
N GLY D 175 -47.75 -13.30 7.59
CA GLY D 175 -46.84 -13.68 6.53
C GLY D 175 -45.45 -13.05 6.63
N LEU D 176 -45.07 -12.62 7.83
CA LEU D 176 -43.71 -12.10 8.06
C LEU D 176 -42.70 -13.16 7.65
N LYS D 177 -41.64 -12.74 6.96
CA LYS D 177 -40.62 -13.68 6.47
C LYS D 177 -39.38 -13.66 7.36
N ARG D 178 -38.73 -14.82 7.47
CA ARG D 178 -37.55 -14.98 8.30
C ARG D 178 -36.47 -13.96 7.97
N GLU D 179 -36.24 -13.71 6.68
CA GLU D 179 -35.20 -12.77 6.25
C GLU D 179 -35.51 -11.31 6.65
N GLN D 180 -36.80 -10.97 6.75
CA GLN D 180 -37.21 -9.62 7.13
C GLN D 180 -36.89 -9.34 8.61
N LEU D 181 -36.93 -10.37 9.44
CA LEU D 181 -36.44 -10.26 10.81
C LEU D 181 -34.94 -9.96 10.80
N ALA D 182 -34.19 -10.71 9.99
CA ALA D 182 -32.73 -10.61 9.95
C ALA D 182 -32.24 -9.27 9.39
N MET D 183 -33.09 -8.60 8.60
CA MET D 183 -32.78 -7.30 8.06
C MET D 183 -32.67 -6.21 9.12
N VAL D 184 -33.32 -6.41 10.27
CA VAL D 184 -33.32 -5.38 11.32
C VAL D 184 -31.91 -5.09 11.83
N PRO D 185 -31.16 -6.13 12.26
CA PRO D 185 -29.79 -5.85 12.70
C PRO D 185 -28.86 -5.34 11.58
N VAL D 186 -29.12 -5.71 10.33
CA VAL D 186 -28.34 -5.17 9.21
C VAL D 186 -28.50 -3.65 9.19
N LEU D 187 -29.75 -3.19 9.19
CA LEU D 187 -30.05 -1.76 9.17
C LEU D 187 -29.48 -1.04 10.38
N MET D 188 -29.68 -1.61 11.57
CA MET D 188 -29.13 -1.06 12.80
C MET D 188 -27.60 -0.97 12.78
N SER D 189 -26.95 -1.99 12.22
CA SER D 189 -25.48 -2.01 12.14
C SER D 189 -24.94 -0.93 11.19
N LYS D 190 -25.70 -0.63 10.15
CA LYS D 190 -25.37 0.48 9.25
C LYS D 190 -25.41 1.81 9.99
N MET D 191 -26.38 1.96 10.88
CA MET D 191 -26.47 3.15 11.72
C MET D 191 -25.32 3.18 12.73
N ALA D 192 -25.08 2.04 13.38
CA ALA D 192 -24.02 1.92 14.39
C ALA D 192 -22.65 2.35 13.88
N GLU D 193 -22.35 2.02 12.63
CA GLU D 193 -21.08 2.39 11.99
C GLU D 193 -20.72 3.87 12.09
N ARG D 194 -21.75 4.72 12.05
CA ARG D 194 -21.55 6.16 12.09
C ARG D 194 -21.55 6.73 13.52
N HIS D 195 -21.64 5.87 14.53
CA HIS D 195 -21.54 6.27 15.93
C HIS D 195 -20.29 5.59 16.53
N PRO D 196 -19.28 6.37 16.92
CA PRO D 196 -18.03 5.77 17.41
C PRO D 196 -18.17 4.99 18.73
N GLU D 197 -19.12 5.40 19.55
CA GLU D 197 -19.41 4.72 20.83
C GLU D 197 -20.19 3.42 20.68
N ALA D 198 -20.85 3.21 19.55
CA ALA D 198 -21.64 1.99 19.36
C ALA D 198 -20.77 0.75 19.47
N MET D 199 -21.29 -0.30 20.09
CA MET D 199 -20.51 -1.52 20.29
C MET D 199 -20.27 -2.29 18.99
N CYS D 200 -21.23 -2.22 18.07
CA CYS D 200 -21.04 -2.77 16.73
C CYS D 200 -20.30 -1.73 15.91
N GLN D 201 -19.17 -2.10 15.35
CA GLN D 201 -18.41 -1.14 14.55
C GLN D 201 -18.33 -1.46 13.06
N LYS D 202 -18.65 -2.70 12.68
CA LYS D 202 -18.65 -3.11 11.28
C LYS D 202 -20.06 -3.58 10.92
N ALA D 203 -20.63 -3.01 9.86
CA ALA D 203 -22.00 -3.36 9.46
C ALA D 203 -22.08 -4.83 9.07
N TYR D 204 -23.21 -5.47 9.37
CA TYR D 204 -23.43 -6.86 9.03
C TYR D 204 -24.00 -6.98 7.63
N THR D 205 -23.81 -8.15 7.01
CA THR D 205 -24.56 -8.52 5.82
C THR D 205 -25.73 -9.40 6.25
N LEU D 206 -26.75 -9.49 5.40
CA LEU D 206 -27.90 -10.35 5.70
C LEU D 206 -27.46 -11.80 5.93
N ASP D 207 -26.56 -12.28 5.08
CA ASP D 207 -26.01 -13.64 5.21
C ASP D 207 -25.30 -13.86 6.55
N GLU D 208 -24.53 -12.88 7.01
CA GLU D 208 -23.85 -12.99 8.30
C GLU D 208 -24.84 -13.14 9.46
N VAL D 209 -25.93 -12.39 9.43
CA VAL D 209 -26.95 -12.47 10.46
C VAL D 209 -27.60 -13.85 10.43
N LEU D 210 -28.00 -14.29 9.25
CA LEU D 210 -28.68 -15.58 9.08
C LEU D 210 -27.76 -16.78 9.36
N HIS D 211 -26.46 -16.59 9.17
CA HIS D 211 -25.48 -17.66 9.43
C HIS D 211 -24.99 -17.62 10.87
N SER D 212 -25.29 -16.56 11.61
CA SER D 212 -24.85 -16.45 12.99
C SER D 212 -25.58 -17.45 13.89
N ARG D 213 -24.95 -17.74 15.02
CA ARG D 213 -25.42 -18.74 15.97
C ARG D 213 -26.89 -18.59 16.33
N CYS D 214 -27.63 -19.69 16.23
CA CYS D 214 -29.04 -19.71 16.60
C CYS D 214 -29.22 -19.59 18.12
N VAL D 215 -30.13 -18.73 18.55
CA VAL D 215 -30.44 -18.55 19.97
C VAL D 215 -31.84 -19.10 20.27
N ALA D 216 -32.78 -18.84 19.37
CA ALA D 216 -34.14 -19.37 19.45
C ALA D 216 -34.57 -19.70 18.02
N PRO D 217 -35.69 -20.43 17.85
CA PRO D 217 -36.07 -20.95 16.54
C PRO D 217 -35.95 -19.98 15.36
N VAL D 218 -36.32 -18.72 15.55
CA VAL D 218 -36.21 -17.73 14.49
C VAL D 218 -35.45 -16.48 14.95
N THR D 219 -34.50 -16.68 15.87
CA THR D 219 -33.72 -15.57 16.42
C THR D 219 -32.27 -16.03 16.56
N ASN D 220 -31.37 -15.38 15.83
CA ASN D 220 -29.95 -15.68 15.90
C ASN D 220 -29.21 -14.65 16.73
N LEU D 221 -27.95 -14.96 17.07
CA LEU D 221 -27.15 -14.15 17.97
C LEU D 221 -27.11 -12.68 17.58
N LEU D 222 -26.88 -12.41 16.30
CA LEU D 222 -26.76 -11.02 15.84
C LEU D 222 -28.10 -10.26 15.83
N GLU D 223 -29.21 -10.97 16.07
CA GLU D 223 -30.53 -10.35 16.23
C GLU D 223 -30.86 -10.03 17.70
N CYS D 224 -30.00 -10.43 18.63
CA CYS D 224 -30.26 -10.24 20.07
C CYS D 224 -29.70 -8.91 20.59
N ALA D 225 -30.40 -8.31 21.55
CA ALA D 225 -29.90 -7.12 22.23
C ALA D 225 -28.47 -7.38 22.75
N ARG D 226 -27.61 -6.39 22.56
CA ARG D 226 -26.19 -6.54 22.87
C ARG D 226 -25.92 -6.14 24.31
N ARG D 227 -25.56 -7.12 25.14
CA ARG D 227 -25.22 -6.87 26.54
C ARG D 227 -24.14 -5.79 26.65
N ALA D 228 -24.30 -4.90 27.63
CA ALA D 228 -23.38 -3.78 27.83
C ALA D 228 -23.51 -3.23 29.24
N ASP D 229 -22.50 -2.49 29.69
CA ASP D 229 -22.62 -1.65 30.87
C ASP D 229 -22.87 -0.22 30.39
N GLY D 230 -23.49 0.58 31.23
CA GLY D 230 -23.70 1.99 30.92
C GLY D 230 -24.69 2.65 31.85
N ALA D 231 -24.66 3.98 31.91
CA ALA D 231 -25.63 4.72 32.67
C ALA D 231 -25.94 6.04 31.98
N VAL D 232 -27.18 6.51 32.16
CA VAL D 232 -27.62 7.80 31.64
C VAL D 232 -28.42 8.51 32.72
N ALA D 233 -28.26 9.83 32.79
CA ALA D 233 -29.02 10.65 33.70
C ALA D 233 -29.64 11.82 32.93
N LEU D 234 -30.90 12.12 33.22
CA LEU D 234 -31.62 13.26 32.64
C LEU D 234 -32.04 14.19 33.75
N ILE D 235 -32.01 15.49 33.49
CA ILE D 235 -32.58 16.46 34.41
C ILE D 235 -33.79 17.08 33.75
N VAL D 236 -34.91 17.11 34.46
CA VAL D 236 -36.16 17.64 33.95
C VAL D 236 -36.54 18.84 34.82
N SER D 237 -36.98 19.91 34.17
CA SER D 237 -37.36 21.12 34.88
C SER D 237 -38.45 21.90 34.14
N GLY D 238 -39.27 22.62 34.89
CA GLY D 238 -40.19 23.58 34.29
C GLY D 238 -39.39 24.63 33.54
N GLU D 239 -39.92 25.05 32.39
CA GLU D 239 -39.25 25.99 31.50
C GLU D 239 -38.96 27.33 32.18
N ALA D 240 -39.98 27.90 32.81
CA ALA D 240 -39.86 29.20 33.47
C ALA D 240 -38.89 29.15 34.64
N HIS D 241 -39.04 28.12 35.47
CA HIS D 241 -38.14 27.90 36.60
C HIS D 241 -36.68 27.86 36.13
N TYR D 242 -36.42 27.09 35.10
CA TYR D 242 -35.08 26.93 34.56
C TYR D 242 -34.53 28.23 34.00
N ALA D 243 -35.36 28.94 33.23
CA ALA D 243 -34.98 30.21 32.63
C ALA D 243 -34.57 31.24 33.67
N GLU D 244 -35.29 31.30 34.78
CA GLU D 244 -35.04 32.29 35.84
C GLU D 244 -33.74 32.06 36.60
N HIS D 245 -33.40 30.80 36.88
CA HIS D 245 -32.31 30.48 37.81
C HIS D 245 -31.03 29.96 37.16
N PHE D 246 -31.16 29.27 36.02
CA PHE D 246 -30.02 28.54 35.44
C PHE D 246 -29.67 28.87 33.98
N ALA D 247 -30.50 29.66 33.30
CA ALA D 247 -30.24 30.02 31.91
C ALA D 247 -29.51 31.36 31.85
N ARG D 254 -31.47 28.94 18.43
CA ARG D 254 -31.80 27.99 17.37
C ARG D 254 -31.57 26.56 17.84
N HIS D 255 -30.33 26.24 18.20
CA HIS D 255 -29.96 24.91 18.69
C HIS D 255 -30.30 24.73 20.18
N LEU D 256 -30.71 25.80 20.85
CA LEU D 256 -30.91 25.80 22.28
C LEU D 256 -32.20 25.06 22.60
N GLY D 257 -33.29 25.43 21.93
CA GLY D 257 -34.57 24.75 22.08
C GLY D 257 -34.44 23.24 21.91
N GLY D 258 -33.77 22.81 20.85
CA GLY D 258 -33.58 21.38 20.57
C GLY D 258 -32.64 20.65 21.52
N SER D 259 -31.68 21.36 22.09
CA SER D 259 -30.73 20.75 23.02
C SER D 259 -31.34 20.55 24.41
N LYS D 260 -32.42 21.30 24.69
CA LYS D 260 -33.17 21.16 25.93
C LYS D 260 -34.65 21.04 25.60
N PRO D 261 -35.05 19.92 24.96
CA PRO D 261 -36.37 19.83 24.35
C PRO D 261 -37.56 19.83 25.32
N ILE D 262 -38.70 20.29 24.83
CA ILE D 262 -39.95 20.21 25.55
C ILE D 262 -40.45 18.76 25.52
N ILE D 263 -40.90 18.27 26.67
CA ILE D 263 -41.57 16.97 26.74
C ILE D 263 -43.05 17.25 26.45
N ALA D 264 -43.44 17.06 25.20
CA ALA D 264 -44.78 17.42 24.73
C ALA D 264 -45.85 16.48 25.27
N SER D 265 -45.51 15.20 25.37
CA SER D 265 -46.42 14.22 25.95
C SER D 265 -45.68 12.94 26.33
N VAL D 266 -46.25 12.22 27.30
CA VAL D 266 -45.81 10.87 27.66
C VAL D 266 -47.06 10.01 27.88
N ALA D 267 -47.05 8.78 27.39
CA ALA D 267 -48.18 7.87 27.58
C ALA D 267 -47.69 6.44 27.78
N GLU D 268 -48.45 5.65 28.53
CA GLU D 268 -48.10 4.26 28.79
C GLU D 268 -49.26 3.31 28.55
N ALA D 269 -48.91 2.05 28.36
CA ALA D 269 -49.88 0.96 28.29
C ALA D 269 -49.13 -0.33 28.59
N SER D 270 -49.86 -1.41 28.88
CA SER D 270 -49.24 -2.64 29.37
C SER D 270 -49.90 -3.89 28.81
N GLY D 271 -49.20 -5.00 28.98
CA GLY D 271 -49.66 -6.32 28.56
C GLY D 271 -49.04 -7.38 29.44
N PRO D 272 -49.36 -8.66 29.16
CA PRO D 272 -48.89 -9.74 30.02
C PRO D 272 -47.37 -9.83 30.02
N LEU D 273 -46.82 -10.29 31.14
CA LEU D 273 -45.38 -10.41 31.30
C LEU D 273 -44.78 -11.44 30.34
N PHE D 274 -45.53 -12.50 30.04
CA PHE D 274 -45.09 -13.52 29.10
C PHE D 274 -46.27 -14.04 28.26
N PRO D 275 -45.98 -14.64 27.10
CA PRO D 275 -47.08 -15.06 26.22
C PRO D 275 -47.87 -16.25 26.77
N PRO D 276 -49.10 -16.46 26.28
CA PRO D 276 -49.87 -17.65 26.64
C PRO D 276 -49.24 -18.95 26.10
N ASP D 281 -52.96 -18.90 22.29
CA ASP D 281 -54.00 -17.90 22.59
C ASP D 281 -53.53 -16.46 22.37
N ILE D 282 -52.58 -16.27 21.44
CA ILE D 282 -52.01 -14.97 21.18
C ILE D 282 -52.99 -14.19 20.29
N VAL D 283 -53.24 -12.95 20.69
CA VAL D 283 -54.18 -12.07 19.98
C VAL D 283 -53.59 -10.66 19.82
N PRO D 284 -54.07 -9.91 18.81
CA PRO D 284 -53.52 -8.58 18.53
C PRO D 284 -53.64 -7.55 19.66
N ASP D 285 -54.67 -7.69 20.50
CA ASP D 285 -54.88 -6.75 21.60
C ASP D 285 -53.87 -6.92 22.75
N ILE D 286 -53.05 -7.96 22.70
CA ILE D 286 -51.94 -8.13 23.65
C ILE D 286 -50.93 -6.99 23.53
N PHE D 287 -50.71 -6.53 22.30
CA PHE D 287 -49.69 -5.51 22.02
C PHE D 287 -50.17 -4.12 22.42
N SER D 288 -49.37 -3.44 23.23
CA SER D 288 -49.78 -2.20 23.88
C SER D 288 -49.15 -0.93 23.28
N CYS D 289 -48.13 -1.08 22.44
CA CYS D 289 -47.45 0.08 21.87
C CYS D 289 -48.41 0.99 21.09
N ARG D 290 -49.33 0.40 20.32
CA ARG D 290 -50.29 1.21 19.54
C ARG D 290 -51.12 2.12 20.44
N HIS D 291 -51.60 1.59 21.57
CA HIS D 291 -52.38 2.39 22.52
C HIS D 291 -51.56 3.55 23.09
N ALA D 292 -50.34 3.26 23.53
CA ALA D 292 -49.46 4.28 24.08
C ALA D 292 -49.15 5.36 23.05
N ALA D 293 -48.86 4.93 21.81
CA ALA D 293 -48.53 5.86 20.75
C ALA D 293 -49.70 6.79 20.48
N ARG D 294 -50.88 6.20 20.32
CA ARG D 294 -52.10 6.98 20.04
C ARG D 294 -52.33 8.05 21.10
N ASP D 295 -52.22 7.68 22.37
CA ASP D 295 -52.44 8.62 23.46
C ASP D 295 -51.36 9.71 23.51
N ALA D 296 -50.12 9.36 23.20
CA ALA D 296 -49.04 10.35 23.16
C ALA D 296 -49.28 11.38 22.06
N PHE D 297 -49.69 10.90 20.88
CA PHE D 297 -50.01 11.79 19.76
C PHE D 297 -51.19 12.72 20.09
N LEU D 298 -52.23 12.16 20.70
CA LEU D 298 -53.41 12.93 21.13
C LEU D 298 -53.03 14.03 22.12
N SER D 299 -52.30 13.66 23.17
CA SER D 299 -51.83 14.62 24.17
C SER D 299 -50.98 15.74 23.58
N ALA D 300 -50.14 15.40 22.60
CA ALA D 300 -49.25 16.38 21.98
C ALA D 300 -49.92 17.15 20.85
N ASN D 301 -51.09 16.68 20.38
CA ASN D 301 -51.79 17.27 19.24
C ASN D 301 -50.94 17.23 17.96
N LEU D 302 -50.38 16.05 17.68
CA LEU D 302 -49.52 15.84 16.53
C LEU D 302 -49.88 14.55 15.84
N ASN D 303 -49.41 14.39 14.61
CA ASN D 303 -49.55 13.14 13.87
C ASN D 303 -48.18 12.61 13.52
N VAL D 304 -48.14 11.38 12.98
CA VAL D 304 -46.87 10.72 12.69
C VAL D 304 -46.08 11.49 11.64
N GLY D 305 -46.78 12.11 10.70
CA GLY D 305 -46.15 12.94 9.68
C GLY D 305 -45.41 14.16 10.23
N ASP D 306 -45.77 14.60 11.43
CA ASP D 306 -45.08 15.72 12.09
C ASP D 306 -43.77 15.31 12.75
N ILE D 307 -43.54 14.00 12.88
CA ILE D 307 -42.34 13.46 13.56
C ILE D 307 -41.29 13.09 12.52
N HIS D 308 -40.07 13.59 12.71
CA HIS D 308 -38.98 13.29 11.77
C HIS D 308 -37.81 12.54 12.37
N PHE D 309 -37.90 12.17 13.64
CA PHE D 309 -36.98 11.17 14.22
C PHE D 309 -37.71 10.24 15.16
N PHE D 310 -37.39 8.95 15.06
CA PHE D 310 -37.99 7.92 15.89
C PHE D 310 -36.88 7.13 16.60
N GLY D 311 -36.93 7.13 17.93
CA GLY D 311 -36.07 6.28 18.75
C GLY D 311 -36.92 5.15 19.29
N LEU D 312 -36.82 3.99 18.66
CA LEU D 312 -37.73 2.89 18.90
C LEU D 312 -37.02 1.66 19.47
N TYR D 313 -37.51 1.19 20.61
CA TYR D 313 -36.95 0.03 21.30
C TYR D 313 -36.90 -1.15 20.34
N ASP D 314 -35.76 -1.84 20.32
CA ASP D 314 -35.50 -2.88 19.35
C ASP D 314 -34.67 -4.01 19.96
N CYS D 315 -35.12 -4.54 21.09
CA CYS D 315 -34.39 -5.61 21.79
C CYS D 315 -34.22 -6.85 20.91
N PHE D 316 -35.24 -7.11 20.08
CA PHE D 316 -35.19 -8.13 19.05
C PHE D 316 -35.91 -7.59 17.81
N PRO D 317 -35.65 -8.17 16.62
CA PRO D 317 -36.26 -7.63 15.41
C PRO D 317 -37.76 -7.48 15.48
N ILE D 318 -38.46 -8.46 16.06
CA ILE D 318 -39.91 -8.40 16.15
C ILE D 318 -40.40 -7.17 16.92
N CYS D 319 -39.60 -6.71 17.88
CA CYS D 319 -39.94 -5.50 18.63
C CYS D 319 -39.97 -4.26 17.73
N LEU D 320 -38.96 -4.12 16.87
CA LEU D 320 -38.91 -2.96 15.97
C LEU D 320 -39.99 -3.06 14.89
N ILE D 321 -40.22 -4.27 14.38
CA ILE D 321 -41.25 -4.51 13.38
C ILE D 321 -42.61 -4.10 13.93
N GLN D 322 -42.90 -4.51 15.16
CA GLN D 322 -44.14 -4.15 15.84
C GLN D 322 -44.22 -2.62 16.09
N ALA D 323 -43.09 -2.04 16.47
CA ALA D 323 -43.01 -0.61 16.78
C ALA D 323 -43.34 0.30 15.61
N VAL D 324 -42.76 0.03 14.43
CA VAL D 324 -42.99 0.89 13.27
C VAL D 324 -44.47 0.85 12.86
N GLU D 325 -45.11 -0.31 13.02
CA GLU D 325 -46.54 -0.45 12.77
C GLU D 325 -47.33 0.37 13.79
N ALA D 326 -47.00 0.21 15.06
CA ALA D 326 -47.71 0.85 16.16
C ALA D 326 -47.71 2.38 16.09
N VAL D 327 -46.56 2.96 15.74
CA VAL D 327 -46.44 4.42 15.69
C VAL D 327 -46.98 5.00 14.38
N GLY D 328 -47.34 4.15 13.43
CA GLY D 328 -47.96 4.59 12.18
C GLY D 328 -47.04 4.82 11.00
N LEU D 329 -45.81 4.30 11.06
CA LEU D 329 -44.89 4.40 9.93
C LEU D 329 -45.25 3.45 8.78
N CYS D 330 -46.04 2.42 9.09
CA CYS D 330 -46.55 1.52 8.07
C CYS D 330 -47.79 0.81 8.61
N PRO D 331 -48.56 0.14 7.74
CA PRO D 331 -49.78 -0.54 8.21
C PRO D 331 -49.51 -1.75 9.09
N GLU D 332 -50.50 -2.12 9.89
CA GLU D 332 -50.42 -3.29 10.77
C GLU D 332 -50.10 -4.53 9.96
N GLY D 333 -49.21 -5.37 10.49
CA GLY D 333 -48.77 -6.58 9.82
C GLY D 333 -47.75 -6.40 8.69
N LYS D 334 -47.40 -5.16 8.38
CA LYS D 334 -46.52 -4.86 7.24
C LYS D 334 -45.12 -4.38 7.65
N GLY D 335 -44.81 -4.44 8.94
CA GLY D 335 -43.50 -3.96 9.42
C GLY D 335 -42.31 -4.67 8.82
N GLY D 336 -42.47 -5.95 8.50
CA GLY D 336 -41.42 -6.73 7.84
C GLY D 336 -41.12 -6.23 6.43
N GLU D 337 -42.18 -5.80 5.74
CA GLU D 337 -42.05 -5.24 4.39
C GLU D 337 -41.41 -3.86 4.43
N PHE D 338 -41.70 -3.10 5.48
CA PHE D 338 -41.07 -1.81 5.72
C PHE D 338 -39.54 -1.99 5.85
N MET D 339 -39.10 -3.02 6.57
CA MET D 339 -37.68 -3.31 6.69
C MET D 339 -37.07 -3.70 5.33
N GLU D 340 -37.77 -4.54 4.57
CA GLU D 340 -37.26 -5.04 3.30
C GLU D 340 -37.09 -3.93 2.27
N THR D 341 -38.03 -3.02 2.18
CA THR D 341 -37.89 -1.88 1.30
C THR D 341 -36.68 -1.02 1.64
N ALA D 342 -36.49 -0.76 2.92
CA ALA D 342 -35.34 0.03 3.37
C ALA D 342 -34.04 -0.70 3.08
N TYR D 343 -34.04 -2.01 3.30
CA TYR D 343 -32.88 -2.86 3.01
C TYR D 343 -32.54 -2.83 1.51
N ASN D 344 -33.56 -3.08 0.68
CA ASN D 344 -33.40 -3.05 -0.77
C ASN D 344 -32.89 -1.71 -1.28
N GLU D 345 -33.37 -0.62 -0.69
CA GLU D 345 -32.93 0.70 -1.12
C GLU D 345 -31.47 0.95 -0.72
N MET D 346 -31.09 0.46 0.46
CA MET D 346 -29.71 0.51 0.91
C MET D 346 -28.80 -0.20 -0.09
N LEU D 347 -29.19 -1.41 -0.51
CA LEU D 347 -28.41 -2.17 -1.49
C LEU D 347 -28.28 -1.45 -2.83
N ASN D 348 -29.36 -0.83 -3.30
CA ASN D 348 -29.36 -0.08 -4.55
C ASN D 348 -28.67 1.30 -4.44
N ASN D 349 -28.36 1.72 -3.21
CA ASN D 349 -27.67 2.98 -2.96
C ASN D 349 -26.20 2.75 -2.60
N GLY D 350 -25.59 1.73 -3.20
CA GLY D 350 -24.19 1.40 -2.95
C GLY D 350 -23.89 0.96 -1.52
N GLY D 351 -24.87 0.31 -0.89
CA GLY D 351 -24.73 -0.14 0.49
C GLY D 351 -24.85 0.94 1.55
N VAL D 352 -25.22 2.16 1.16
CA VAL D 352 -25.34 3.29 2.10
C VAL D 352 -26.77 3.44 2.57
N LEU D 353 -26.97 3.39 3.89
CA LEU D 353 -28.28 3.62 4.49
C LEU D 353 -28.44 5.11 4.77
N ASP D 354 -29.25 5.78 3.95
CA ASP D 354 -29.48 7.21 4.08
C ASP D 354 -30.45 7.47 5.25
N PRO D 355 -30.00 8.20 6.29
CA PRO D 355 -30.86 8.48 7.45
C PRO D 355 -32.22 9.10 7.09
N SER D 356 -32.26 9.96 6.08
CA SER D 356 -33.50 10.62 5.69
C SER D 356 -34.58 9.64 5.18
N LYS D 357 -34.15 8.51 4.64
CA LYS D 357 -35.09 7.47 4.18
C LYS D 357 -35.41 6.42 5.24
N PHE D 358 -34.69 6.48 6.37
CA PHE D 358 -34.91 5.54 7.48
C PHE D 358 -34.55 6.27 8.78
N PRO D 359 -35.39 7.23 9.19
CA PRO D 359 -35.07 8.14 10.29
C PRO D 359 -35.34 7.50 11.66
N ILE D 360 -34.71 6.36 11.90
CA ILE D 360 -34.99 5.51 13.04
C ILE D 360 -33.70 5.00 13.64
N ASN D 361 -33.54 5.16 14.95
CA ASN D 361 -32.42 4.55 15.68
C ASN D 361 -31.07 4.81 15.03
N THR D 362 -30.79 6.09 14.75
CA THR D 362 -29.57 6.46 14.05
C THR D 362 -28.30 6.15 14.87
N HIS D 363 -28.48 5.81 16.14
CA HIS D 363 -27.37 5.37 17.01
C HIS D 363 -27.06 3.88 16.90
N GLY D 364 -28.01 3.09 16.42
CA GLY D 364 -27.84 1.63 16.28
C GLY D 364 -28.72 0.77 17.18
N GLY D 365 -29.42 1.42 18.11
CA GLY D 365 -30.37 0.72 19.00
C GLY D 365 -29.76 -0.31 19.93
N LEU D 366 -30.63 -1.13 20.53
CA LEU D 366 -30.20 -2.19 21.44
C LEU D 366 -29.38 -3.25 20.71
N GLN D 367 -29.67 -3.40 19.42
CA GLN D 367 -29.01 -4.37 18.55
C GLN D 367 -27.52 -4.09 18.40
N CYS D 368 -27.19 -2.84 18.14
CA CYS D 368 -25.86 -2.49 17.66
C CYS D 368 -25.18 -1.34 18.40
N PHE D 369 -25.96 -0.50 19.09
CA PHE D 369 -25.37 0.46 20.01
C PHE D 369 -25.05 -0.22 21.33
N GLY D 370 -26.06 -0.82 21.97
CA GLY D 370 -25.87 -1.58 23.20
C GLY D 370 -27.08 -1.54 24.13
N ALA D 371 -27.15 -2.51 25.04
CA ALA D 371 -28.33 -2.71 25.87
C ALA D 371 -28.01 -3.08 27.32
N PRO D 372 -27.82 -2.07 28.18
CA PRO D 372 -27.68 -2.32 29.61
C PRO D 372 -29.04 -2.52 30.35
N TRP D 373 -29.69 -3.64 30.08
CA TRP D 373 -30.93 -4.04 30.75
C TRP D 373 -32.04 -2.98 30.63
N GLU D 374 -32.38 -2.25 31.70
CA GLU D 374 -33.46 -1.25 31.65
C GLU D 374 -33.00 0.15 31.22
N VAL D 375 -31.71 0.29 30.90
CA VAL D 375 -31.14 1.59 30.49
C VAL D 375 -31.46 2.09 29.07
N PRO D 376 -31.45 1.20 28.06
CA PRO D 376 -31.26 1.69 26.69
C PRO D 376 -32.37 2.55 26.05
N ALA D 377 -33.56 2.62 26.63
CA ALA D 377 -34.54 3.60 26.16
C ALA D 377 -34.01 5.02 26.39
N MET D 378 -33.09 5.17 27.34
CA MET D 378 -32.34 6.42 27.50
C MET D 378 -31.59 6.86 26.24
N TYR D 379 -31.02 5.89 25.52
CA TYR D 379 -30.27 6.21 24.31
C TYR D 379 -31.16 6.63 23.15
N ASN D 380 -32.41 6.22 23.17
CA ASN D 380 -33.40 6.77 22.24
C ASN D 380 -33.60 8.25 22.51
N ILE D 381 -33.67 8.61 23.79
CA ILE D 381 -33.83 9.99 24.20
C ILE D 381 -32.58 10.82 23.86
N THR D 382 -31.39 10.28 24.16
CA THR D 382 -30.16 11.01 23.89
C THR D 382 -29.90 11.17 22.39
N GLU D 383 -30.25 10.16 21.60
CA GLU D 383 -30.10 10.27 20.16
C GLU D 383 -31.11 11.27 19.58
N ALA D 384 -32.32 11.30 20.14
CA ALA D 384 -33.34 12.27 19.72
C ALA D 384 -32.87 13.70 19.98
N ILE D 385 -32.30 13.92 21.16
CA ILE D 385 -31.77 15.23 21.53
C ILE D 385 -30.65 15.67 20.60
N ALA D 386 -29.75 14.74 20.26
CA ALA D 386 -28.66 15.02 19.33
C ALA D 386 -29.19 15.43 17.96
N GLN D 387 -30.21 14.72 17.49
CA GLN D 387 -30.82 15.04 16.20
C GLN D 387 -31.52 16.41 16.25
N LEU D 388 -32.31 16.65 17.30
CA LEU D 388 -33.05 17.91 17.44
C LEU D 388 -32.12 19.12 17.57
N SER D 389 -30.96 18.92 18.18
CA SER D 389 -30.03 20.03 18.42
C SER D 389 -28.98 20.16 17.32
N GLU D 390 -29.10 19.32 16.28
CA GLU D 390 -28.14 19.29 15.17
C GLU D 390 -26.73 18.94 15.64
N GLU D 391 -26.64 17.97 16.55
CA GLU D 391 -25.36 17.53 17.09
C GLU D 391 -25.15 16.04 16.86
N ALA D 392 -25.83 15.48 15.86
CA ALA D 392 -25.76 14.04 15.57
C ALA D 392 -24.68 13.69 14.54
N GLY D 393 -23.94 14.70 14.08
CA GLY D 393 -22.75 14.48 13.24
C GLY D 393 -23.01 13.84 11.89
N ASP D 394 -22.30 12.76 11.61
CA ASP D 394 -22.45 12.01 10.35
C ASP D 394 -23.79 11.25 10.28
N ARG D 395 -24.52 11.18 11.40
CA ARG D 395 -25.85 10.58 11.45
C ARG D 395 -26.95 11.64 11.29
N GLN D 396 -26.57 12.92 11.22
CA GLN D 396 -27.50 14.02 11.31
C GLN D 396 -28.54 14.05 10.19
N LEU D 397 -29.80 14.23 10.57
CA LEU D 397 -30.89 14.34 9.62
C LEU D 397 -31.00 15.79 9.14
N THR D 398 -31.21 15.95 7.83
CA THR D 398 -31.42 17.26 7.22
C THR D 398 -32.73 17.22 6.43
N PRO D 399 -33.60 18.22 6.60
CA PRO D 399 -33.47 19.35 7.52
C PRO D 399 -33.51 18.89 8.97
N VAL D 400 -33.16 19.78 9.89
CA VAL D 400 -33.10 19.43 11.30
C VAL D 400 -34.51 19.08 11.77
N PRO D 401 -34.71 17.87 12.34
CA PRO D 401 -36.03 17.54 12.87
C PRO D 401 -36.46 18.51 13.98
N LYS D 402 -37.73 18.92 13.95
CA LYS D 402 -38.28 19.76 15.01
C LYS D 402 -38.94 18.92 16.10
N ARG D 403 -39.28 17.68 15.78
CA ARG D 403 -40.05 16.82 16.67
C ARG D 403 -39.55 15.39 16.58
N ALA D 404 -39.55 14.71 17.72
CA ALA D 404 -39.08 13.34 17.81
C ALA D 404 -40.01 12.50 18.67
N LEU D 405 -40.04 11.20 18.41
CA LEU D 405 -40.80 10.26 19.20
C LEU D 405 -39.86 9.19 19.71
N VAL D 406 -39.94 8.90 21.00
CA VAL D 406 -39.17 7.82 21.61
C VAL D 406 -40.09 6.78 22.25
N TYR D 407 -39.66 5.53 22.21
CA TYR D 407 -40.48 4.40 22.63
C TYR D 407 -39.64 3.44 23.45
N GLY D 408 -40.14 3.11 24.64
CA GLY D 408 -39.52 2.11 25.53
C GLY D 408 -40.45 0.93 25.70
N ASN D 409 -39.86 -0.27 25.78
CA ASN D 409 -40.61 -1.50 25.91
C ASN D 409 -40.00 -2.32 27.03
N GLY D 410 -40.85 -2.92 27.87
CA GLY D 410 -40.40 -3.75 28.98
C GLY D 410 -41.00 -5.13 28.94
N GLY D 411 -40.31 -6.08 29.55
CA GLY D 411 -40.79 -7.46 29.63
C GLY D 411 -40.78 -8.08 28.25
N ILE D 412 -41.86 -8.80 27.93
CA ILE D 412 -42.05 -9.34 26.60
C ILE D 412 -43.32 -8.69 26.04
N PHE D 413 -43.14 -7.52 25.42
CA PHE D 413 -44.24 -6.62 25.04
C PHE D 413 -45.19 -6.36 26.22
N SER D 414 -44.62 -6.25 27.42
CA SER D 414 -45.42 -6.15 28.65
C SER D 414 -45.67 -4.71 29.09
N ALA D 415 -44.78 -3.82 28.70
CA ALA D 415 -44.87 -2.40 29.07
C ALA D 415 -44.49 -1.58 27.86
N SER D 416 -45.31 -0.58 27.56
CA SER D 416 -45.04 0.36 26.48
C SER D 416 -45.03 1.76 27.05
N SER D 417 -43.99 2.52 26.72
CA SER D 417 -43.91 3.93 27.11
C SER D 417 -43.47 4.75 25.91
N VAL D 418 -44.20 5.82 25.62
CA VAL D 418 -43.97 6.63 24.43
C VAL D 418 -43.94 8.09 24.85
N ALA D 419 -42.93 8.83 24.40
CA ALA D 419 -42.85 10.25 24.65
C ALA D 419 -42.60 10.98 23.35
N ILE D 420 -43.07 12.22 23.28
CA ILE D 420 -42.81 13.07 22.15
C ILE D 420 -42.03 14.28 22.66
N LEU D 421 -40.90 14.56 21.99
CA LEU D 421 -40.03 15.67 22.33
C LEU D 421 -40.04 16.68 21.20
N ILE D 422 -40.20 17.95 21.53
CA ILE D 422 -40.19 19.01 20.52
C ILE D 422 -39.23 20.14 20.92
N SER D 423 -38.65 20.79 19.93
CA SER D 423 -37.68 21.85 20.18
C SER D 423 -38.36 23.12 20.72
N ASP D 424 -39.49 23.50 20.14
CA ASP D 424 -40.20 24.72 20.56
C ASP D 424 -41.71 24.67 20.31
N GLN E 20 59.30 -19.44 -40.71
CA GLN E 20 59.24 -20.91 -40.97
C GLN E 20 58.75 -21.20 -42.38
N VAL E 21 59.40 -22.15 -43.05
CA VAL E 21 59.06 -22.48 -44.43
C VAL E 21 57.85 -23.42 -44.46
N VAL E 22 56.82 -23.02 -45.20
CA VAL E 22 55.56 -23.74 -45.27
C VAL E 22 55.33 -24.14 -46.71
N ARG E 23 54.93 -25.40 -46.93
CA ARG E 23 54.76 -25.96 -48.26
C ARG E 23 53.36 -26.53 -48.46
N ILE E 24 52.92 -26.58 -49.71
CA ILE E 24 51.74 -27.35 -50.10
C ILE E 24 52.24 -28.78 -50.37
N VAL E 25 51.90 -29.71 -49.49
CA VAL E 25 52.49 -31.07 -49.53
C VAL E 25 51.54 -32.12 -50.09
N GLY E 26 50.29 -31.74 -50.34
CA GLY E 26 49.31 -32.64 -50.92
C GLY E 26 48.27 -31.89 -51.71
N VAL E 27 47.94 -32.42 -52.89
CA VAL E 27 46.88 -31.89 -53.73
C VAL E 27 45.97 -33.05 -54.11
N GLY E 28 44.66 -32.84 -54.04
CA GLY E 28 43.69 -33.81 -54.50
C GLY E 28 42.51 -33.09 -55.12
N ARG E 29 41.89 -33.71 -56.11
CA ARG E 29 40.70 -33.13 -56.71
C ARG E 29 39.84 -34.17 -57.40
N THR E 30 38.60 -33.78 -57.64
CA THR E 30 37.67 -34.58 -58.40
C THR E 30 37.78 -34.17 -59.87
N GLY E 31 36.98 -34.81 -60.71
CA GLY E 31 36.81 -34.35 -62.08
C GLY E 31 36.03 -33.05 -62.06
N ILE E 32 35.74 -32.52 -63.24
CA ILE E 32 34.97 -31.29 -63.37
C ILE E 32 33.90 -31.46 -64.42
N GLY E 33 32.72 -30.94 -64.15
CA GLY E 33 31.61 -30.99 -65.08
C GLY E 33 30.31 -31.29 -64.37
N LYS E 34 29.47 -32.12 -64.99
CA LYS E 34 28.20 -32.50 -64.39
C LYS E 34 28.36 -33.89 -63.78
N LEU E 35 28.62 -33.92 -62.47
CA LEU E 35 29.06 -35.14 -61.80
C LEU E 35 27.94 -35.88 -61.04
N HIS E 36 26.80 -35.21 -60.86
CA HIS E 36 25.67 -35.77 -60.10
C HIS E 36 26.08 -36.36 -58.75
N LYS E 37 26.91 -35.62 -58.02
CA LYS E 37 27.31 -36.02 -56.67
C LYS E 37 27.04 -34.88 -55.70
N SER E 38 26.83 -35.22 -54.43
CA SER E 38 26.62 -34.21 -53.41
C SER E 38 27.91 -33.44 -53.17
N VAL E 39 27.79 -32.23 -52.66
CA VAL E 39 28.95 -31.40 -52.32
C VAL E 39 29.79 -32.11 -51.25
N ASP E 40 29.14 -32.69 -50.25
CA ASP E 40 29.81 -33.50 -49.23
C ASP E 40 30.64 -34.64 -49.83
N GLU E 41 30.06 -35.37 -50.78
CA GLU E 41 30.76 -36.45 -51.48
C GLU E 41 32.00 -35.97 -52.24
N LEU E 42 31.84 -34.84 -52.94
CA LEU E 42 32.96 -34.27 -53.71
C LEU E 42 34.08 -33.81 -52.78
N ALA E 43 33.71 -33.14 -51.69
CA ALA E 43 34.69 -32.64 -50.71
C ALA E 43 35.47 -33.79 -50.09
N ALA E 44 34.74 -34.84 -49.69
CA ALA E 44 35.35 -36.01 -49.07
C ALA E 44 36.31 -36.72 -50.01
N SER E 45 35.90 -36.90 -51.27
CA SER E 45 36.78 -37.47 -52.30
C SER E 45 38.06 -36.68 -52.53
N ALA E 46 37.93 -35.37 -52.69
CA ALA E 46 39.10 -34.51 -52.88
C ALA E 46 40.07 -34.63 -51.72
N LEU E 47 39.56 -34.63 -50.49
CA LEU E 47 40.39 -34.71 -49.30
C LEU E 47 41.13 -36.05 -49.20
N LYS E 48 40.42 -37.15 -49.49
CA LYS E 48 41.04 -38.47 -49.53
C LYS E 48 42.19 -38.52 -50.54
N CYS E 49 41.96 -37.95 -51.71
CA CYS E 49 43.01 -37.88 -52.74
CA CYS E 49 42.97 -37.87 -52.76
C CYS E 49 44.19 -37.06 -52.27
N ALA E 50 43.93 -35.93 -51.64
CA ALA E 50 45.02 -35.05 -51.15
C ALA E 50 45.86 -35.74 -50.08
N LEU E 51 45.22 -36.50 -49.21
CA LEU E 51 45.93 -37.24 -48.16
C LEU E 51 46.84 -38.33 -48.74
N VAL E 52 46.34 -39.07 -49.73
CA VAL E 52 47.17 -40.05 -50.45
C VAL E 52 48.35 -39.36 -51.15
N ASP E 53 48.08 -38.21 -51.78
CA ASP E 53 49.13 -37.42 -52.43
C ASP E 53 50.20 -36.93 -51.45
N ALA E 54 49.80 -36.65 -50.21
CA ALA E 54 50.73 -36.18 -49.17
C ALA E 54 51.39 -37.31 -48.39
N ASN E 55 50.97 -38.55 -48.64
CA ASN E 55 51.44 -39.72 -47.90
C ASN E 55 51.04 -39.60 -46.42
N MET E 56 49.80 -39.18 -46.19
CA MET E 56 49.29 -38.93 -44.86
C MET E 56 47.96 -39.65 -44.67
N LYS E 57 47.56 -39.79 -43.41
CA LYS E 57 46.24 -40.29 -43.07
C LYS E 57 45.46 -39.20 -42.34
N GLN E 58 44.14 -39.38 -42.22
CA GLN E 58 43.26 -38.43 -41.53
C GLN E 58 43.82 -37.94 -40.22
N CYS E 59 44.28 -38.88 -39.40
CA CYS E 59 44.78 -38.57 -38.05
C CYS E 59 46.00 -37.65 -38.05
N ASP E 60 46.65 -37.48 -39.20
CA ASP E 60 47.79 -36.55 -39.31
C ASP E 60 47.35 -35.10 -39.52
N LEU E 61 46.06 -34.87 -39.80
CA LEU E 61 45.54 -33.51 -39.98
C LEU E 61 45.26 -32.84 -38.64
N GLN E 62 45.67 -31.57 -38.50
CA GLN E 62 45.42 -30.82 -37.28
C GLN E 62 44.48 -29.62 -37.49
N ALA E 63 44.11 -29.37 -38.74
CA ALA E 63 43.16 -28.31 -39.03
C ALA E 63 42.50 -28.49 -40.38
N LEU E 64 41.33 -27.88 -40.55
CA LEU E 64 40.61 -27.89 -41.80
C LEU E 64 39.96 -26.54 -42.03
N ILE E 65 40.19 -25.96 -43.20
CA ILE E 65 39.55 -24.71 -43.59
C ILE E 65 38.76 -24.96 -44.86
N ALA E 66 37.51 -24.51 -44.89
CA ALA E 66 36.69 -24.64 -46.09
C ALA E 66 36.02 -23.33 -46.45
N VAL E 67 35.44 -23.31 -47.65
CA VAL E 67 34.68 -22.16 -48.13
C VAL E 67 33.24 -22.61 -48.38
N PRO E 68 32.28 -21.66 -48.41
CA PRO E 68 30.88 -22.06 -48.60
C PRO E 68 30.56 -22.59 -49.99
N SER E 69 29.46 -23.33 -50.06
CA SER E 69 28.93 -23.85 -51.32
C SER E 69 27.60 -23.13 -51.65
N LEU E 70 27.40 -22.82 -52.93
CA LEU E 70 26.12 -22.26 -53.39
C LEU E 70 25.08 -23.35 -53.61
N ALA E 71 25.52 -24.50 -54.09
CA ALA E 71 24.61 -25.62 -54.38
C ALA E 71 24.02 -26.24 -53.12
N SER E 72 24.84 -26.36 -52.07
CA SER E 72 24.37 -26.89 -50.80
C SER E 72 24.88 -26.02 -49.66
N PRO E 73 24.25 -24.85 -49.45
CA PRO E 73 24.70 -24.00 -48.34
C PRO E 73 24.44 -24.68 -47.01
N GLN E 74 25.45 -24.66 -46.14
CA GLN E 74 25.37 -25.29 -44.83
C GLN E 74 25.93 -24.33 -43.79
N PHE E 75 25.21 -24.23 -42.68
CA PHE E 75 25.71 -23.63 -41.46
C PHE E 75 27.02 -24.31 -41.06
N MET E 76 28.04 -23.51 -40.72
CA MET E 76 29.34 -24.05 -40.33
C MET E 76 29.82 -25.12 -41.32
N GLN E 77 29.94 -24.70 -42.58
CA GLN E 77 30.21 -25.60 -43.70
C GLN E 77 31.40 -26.54 -43.45
N ALA E 78 32.50 -25.97 -42.99
CA ALA E 78 33.71 -26.77 -42.74
C ALA E 78 33.47 -27.87 -41.72
N HIS E 79 32.77 -27.53 -40.64
CA HIS E 79 32.41 -28.51 -39.62
C HIS E 79 31.48 -29.58 -40.16
N HIS E 80 30.51 -29.17 -40.97
CA HIS E 80 29.58 -30.12 -41.60
C HIS E 80 30.32 -31.13 -42.47
N ILE E 81 31.23 -30.63 -43.31
CA ILE E 81 32.04 -31.49 -44.17
C ILE E 81 32.89 -32.45 -43.35
N ALA E 82 33.59 -31.92 -42.35
CA ALA E 82 34.47 -32.72 -41.49
C ALA E 82 33.72 -33.81 -40.74
N THR E 83 32.48 -33.51 -40.34
CA THR E 83 31.65 -34.44 -39.59
C THR E 83 31.13 -35.56 -40.49
N VAL E 84 30.55 -35.20 -41.63
CA VAL E 84 30.02 -36.17 -42.59
C VAL E 84 31.14 -37.03 -43.20
N ALA E 85 32.34 -36.48 -43.31
CA ALA E 85 33.50 -37.20 -43.85
C ALA E 85 34.17 -38.13 -42.82
N GLY E 86 33.72 -38.08 -41.57
CA GLY E 86 34.21 -39.00 -40.53
C GLY E 86 35.54 -38.64 -39.92
N LEU E 87 35.87 -37.35 -39.84
CA LEU E 87 37.12 -36.93 -39.23
C LEU E 87 37.08 -36.97 -37.70
N PHE E 88 35.88 -36.96 -37.13
CA PHE E 88 35.69 -37.07 -35.68
C PHE E 88 35.21 -38.48 -35.30
N PRO E 89 35.55 -38.96 -34.09
CA PRO E 89 36.37 -38.29 -33.08
C PRO E 89 37.85 -38.24 -33.46
N THR E 90 38.57 -37.30 -32.87
CA THR E 90 39.98 -37.08 -33.18
C THR E 90 40.81 -37.23 -31.92
N LYS E 91 42.04 -37.72 -32.10
CA LYS E 91 43.04 -37.76 -31.03
C LYS E 91 43.84 -36.48 -31.09
N GLY E 92 43.67 -35.65 -30.07
CA GLY E 92 44.34 -34.36 -29.98
C GLY E 92 43.57 -33.26 -30.69
N LYS E 93 44.22 -32.12 -30.84
CA LYS E 93 43.55 -30.90 -31.26
C LYS E 93 43.29 -30.87 -32.76
N PHE E 94 42.14 -30.30 -33.12
CA PHE E 94 41.75 -30.16 -34.51
C PHE E 94 41.01 -28.83 -34.61
N ILE E 95 41.49 -27.94 -35.47
CA ILE E 95 40.87 -26.62 -35.62
C ILE E 95 40.15 -26.55 -36.96
N VAL E 96 38.87 -26.18 -36.94
CA VAL E 96 38.05 -26.13 -38.13
C VAL E 96 37.46 -24.73 -38.30
N ARG E 97 37.44 -24.23 -39.52
CA ARG E 97 36.94 -22.91 -39.81
C ARG E 97 36.40 -22.80 -41.21
N THR E 98 35.34 -22.00 -41.39
CA THR E 98 34.85 -21.66 -42.72
C THR E 98 35.11 -20.18 -42.95
N VAL E 99 35.57 -19.84 -44.16
CA VAL E 99 35.82 -18.45 -44.52
C VAL E 99 35.13 -18.12 -45.83
N ASP E 100 34.58 -16.91 -45.92
CA ASP E 100 33.91 -16.46 -47.15
C ASP E 100 34.55 -15.16 -47.64
N THR E 101 35.34 -15.26 -48.71
CA THR E 101 35.76 -14.10 -49.48
C THR E 101 35.47 -14.35 -50.96
N GLY E 102 34.34 -15.02 -51.22
CA GLY E 102 33.97 -15.39 -52.58
C GLY E 102 35.04 -16.26 -53.22
N GLY E 103 35.26 -16.02 -54.52
CA GLY E 103 36.26 -16.74 -55.27
C GLY E 103 37.70 -16.51 -54.85
N ALA E 104 37.94 -15.50 -54.00
CA ALA E 104 39.27 -15.31 -53.42
C ALA E 104 39.54 -16.32 -52.30
N GLY E 105 38.49 -17.02 -51.87
CA GLY E 105 38.50 -17.88 -50.69
C GLY E 105 39.62 -18.89 -50.60
N PRO E 106 39.88 -19.64 -51.69
CA PRO E 106 40.92 -20.67 -51.60
C PRO E 106 42.31 -20.11 -51.29
N ILE E 107 42.62 -18.92 -51.79
CA ILE E 107 43.91 -18.29 -51.53
C ILE E 107 43.92 -17.58 -50.16
N THR E 108 42.81 -16.94 -49.79
CA THR E 108 42.62 -16.46 -48.42
C THR E 108 42.87 -17.57 -47.40
N ALA E 109 42.26 -18.73 -47.64
CA ALA E 109 42.41 -19.87 -46.74
C ALA E 109 43.86 -20.35 -46.69
N LEU E 110 44.53 -20.30 -47.82
CA LEU E 110 45.92 -20.71 -47.92
C LEU E 110 46.79 -19.83 -47.02
N GLY E 111 46.53 -18.54 -47.02
CA GLY E 111 47.20 -17.60 -46.12
C GLY E 111 46.87 -17.87 -44.66
N MET E 112 45.62 -18.20 -44.37
CA MET E 112 45.23 -18.59 -43.01
C MET E 112 45.93 -19.88 -42.57
N ALA E 113 46.13 -20.80 -43.50
CA ALA E 113 46.81 -22.06 -43.20
C ALA E 113 48.26 -21.82 -42.82
N VAL E 114 48.95 -20.98 -43.59
CA VAL E 114 50.31 -20.58 -43.28
C VAL E 114 50.39 -19.99 -41.87
N ASP E 115 49.46 -19.09 -41.55
CA ASP E 115 49.38 -18.46 -40.22
C ASP E 115 49.22 -19.49 -39.09
N LEU E 116 48.33 -20.48 -39.28
CA LEU E 116 48.17 -21.56 -38.29
C LEU E 116 49.46 -22.35 -38.05
N VAL E 117 50.22 -22.59 -39.11
CA VAL E 117 51.48 -23.33 -39.01
C VAL E 117 52.56 -22.49 -38.32
N ARG E 118 52.69 -21.24 -38.74
CA ARG E 118 53.70 -20.35 -38.16
C ARG E 118 53.47 -19.99 -36.70
N THR E 119 52.21 -19.86 -36.29
CA THR E 119 51.88 -19.61 -34.88
C THR E 119 51.82 -20.90 -34.07
N ARG E 120 52.07 -22.03 -34.72
CA ARG E 120 52.11 -23.35 -34.08
C ARG E 120 50.75 -23.81 -33.52
N CYS E 121 49.66 -23.32 -34.10
CA CYS E 121 48.32 -23.77 -33.72
C CYS E 121 47.98 -25.11 -34.37
N ALA E 122 48.58 -25.38 -35.53
CA ALA E 122 48.39 -26.63 -36.24
C ALA E 122 49.57 -26.88 -37.16
N GLU E 123 50.15 -28.07 -37.06
CA GLU E 123 51.32 -28.43 -37.86
C GLU E 123 50.93 -28.76 -39.31
N THR E 124 49.72 -29.27 -39.52
CA THR E 124 49.21 -29.59 -40.85
C THR E 124 47.79 -29.06 -41.00
N VAL E 125 47.45 -28.62 -42.21
CA VAL E 125 46.17 -27.95 -42.46
C VAL E 125 45.59 -28.36 -43.80
N ALA E 126 44.34 -28.83 -43.79
CA ALA E 126 43.64 -29.12 -45.02
C ALA E 126 42.84 -27.88 -45.44
N VAL E 127 42.90 -27.52 -46.72
CA VAL E 127 42.08 -26.46 -47.28
C VAL E 127 41.20 -27.07 -48.35
N ILE E 128 39.89 -26.92 -48.22
CA ILE E 128 38.93 -27.58 -49.11
C ILE E 128 37.93 -26.58 -49.69
N ALA E 129 37.71 -26.71 -50.99
CA ALA E 129 36.61 -26.03 -51.68
C ALA E 129 35.84 -27.05 -52.52
N ALA E 130 34.51 -27.00 -52.44
CA ALA E 130 33.66 -27.93 -53.19
C ALA E 130 32.34 -27.27 -53.58
N ASP E 131 31.89 -27.50 -54.80
CA ASP E 131 30.55 -27.07 -55.20
C ASP E 131 29.99 -27.90 -56.35
N ALA E 132 28.71 -27.73 -56.62
CA ALA E 132 28.00 -28.48 -57.66
C ALA E 132 26.98 -27.58 -58.37
N VAL E 133 27.46 -26.46 -58.89
CA VAL E 133 26.58 -25.45 -59.48
C VAL E 133 26.11 -25.76 -60.90
N LEU E 134 26.65 -26.81 -61.52
CA LEU E 134 26.11 -27.25 -62.79
C LEU E 134 24.96 -28.23 -62.55
N SER E 135 25.16 -29.18 -61.63
CA SER E 135 24.13 -30.18 -61.31
C SER E 135 22.90 -29.59 -60.62
N MET E 136 23.03 -28.43 -59.98
CA MET E 136 21.91 -27.83 -59.25
C MET E 136 20.80 -27.35 -60.19
N GLY E 137 21.12 -27.11 -61.46
CA GLY E 137 20.14 -26.66 -62.44
C GLY E 137 20.17 -25.16 -62.65
N SER E 138 19.78 -24.72 -63.85
CA SER E 138 19.91 -23.31 -64.23
C SER E 138 19.01 -22.38 -63.44
N GLY E 139 17.80 -22.84 -63.12
CA GLY E 139 16.83 -22.05 -62.37
C GLY E 139 17.30 -21.76 -60.95
N ALA E 140 17.71 -22.82 -60.26
CA ALA E 140 18.22 -22.69 -58.91
C ALA E 140 19.52 -21.85 -58.87
N PHE E 141 20.40 -22.07 -59.84
CA PHE E 141 21.65 -21.30 -59.90
C PHE E 141 21.40 -19.81 -60.11
N ALA E 142 20.53 -19.48 -61.05
CA ALA E 142 20.18 -18.09 -61.35
C ALA E 142 19.61 -17.40 -60.12
N GLU E 143 18.67 -18.08 -59.45
CA GLU E 143 18.04 -17.54 -58.23
C GLU E 143 19.05 -17.25 -57.14
N ARG E 144 19.87 -18.24 -56.81
CA ARG E 144 20.82 -18.11 -55.69
C ARG E 144 21.99 -17.19 -56.01
N SER E 145 22.49 -17.22 -57.24
CA SER E 145 23.55 -16.31 -57.66
C SER E 145 23.08 -14.85 -57.71
N ASN E 146 21.84 -14.62 -58.17
CA ASN E 146 21.27 -13.27 -58.19
C ASN E 146 20.97 -12.75 -56.79
N ALA E 147 20.46 -13.63 -55.92
CA ALA E 147 20.19 -13.29 -54.53
C ALA E 147 21.47 -12.93 -53.78
N SER E 148 22.60 -13.45 -54.24
CA SER E 148 23.88 -13.09 -53.66
C SER E 148 24.19 -11.58 -53.77
N LEU E 149 23.51 -10.89 -54.69
CA LEU E 149 23.73 -9.45 -54.89
C LEU E 149 22.50 -8.57 -54.59
N ARG E 150 21.72 -8.90 -53.57
CA ARG E 150 20.62 -8.01 -53.14
C ARG E 150 21.14 -6.64 -52.76
N ARG E 151 20.29 -5.63 -52.97
CA ARG E 151 20.60 -4.22 -52.69
C ARG E 151 21.65 -3.60 -53.62
N SER E 152 22.11 -4.36 -54.62
CA SER E 152 23.08 -3.84 -55.58
C SER E 152 22.42 -2.93 -56.61
N GLY E 153 21.15 -3.21 -56.92
CA GLY E 153 20.43 -2.50 -57.98
C GLY E 153 20.77 -3.01 -59.36
N LEU E 154 21.49 -4.13 -59.43
CA LEU E 154 21.95 -4.67 -60.71
C LEU E 154 20.83 -5.48 -61.38
N PRO E 155 20.67 -5.33 -62.71
CA PRO E 155 19.72 -6.19 -63.42
C PRO E 155 20.21 -7.63 -63.47
N GLU E 156 19.29 -8.57 -63.65
CA GLU E 156 19.63 -9.99 -63.73
C GLU E 156 20.12 -10.37 -65.13
N PRO E 157 21.11 -11.30 -65.22
CA PRO E 157 21.86 -11.88 -64.11
C PRO E 157 22.82 -10.87 -63.52
N CYS E 158 22.83 -10.77 -62.19
CA CYS E 158 23.46 -9.66 -61.48
C CYS E 158 24.98 -9.64 -61.58
N ILE E 159 25.62 -10.79 -61.40
CA ILE E 159 27.09 -10.83 -61.38
C ILE E 159 27.68 -10.41 -62.75
N PRO E 160 27.19 -11.01 -63.84
CA PRO E 160 27.64 -10.55 -65.16
C PRO E 160 27.38 -9.06 -65.42
N HIS E 161 26.23 -8.55 -65.00
CA HIS E 161 25.95 -7.11 -65.17
C HIS E 161 26.87 -6.22 -64.33
N GLY E 162 27.24 -6.68 -63.14
CA GLY E 162 28.20 -5.96 -62.30
C GLY E 162 29.55 -5.81 -62.97
N TYR E 163 30.09 -6.93 -63.45
CA TYR E 163 31.36 -6.89 -64.19
C TYR E 163 31.24 -6.12 -65.50
N ASP E 164 30.10 -6.23 -66.14
CA ASP E 164 29.82 -5.49 -67.37
C ASP E 164 29.92 -3.97 -67.16
N ARG E 165 29.43 -3.48 -66.01
CA ARG E 165 29.50 -2.05 -65.71
C ARG E 165 30.94 -1.57 -65.59
N TYR E 166 31.80 -2.40 -64.98
CA TYR E 166 33.23 -2.08 -64.89
C TYR E 166 33.91 -2.13 -66.25
N ALA E 167 33.52 -3.10 -67.08
CA ALA E 167 34.04 -3.17 -68.45
C ALA E 167 33.70 -1.91 -69.26
N GLN E 168 32.44 -1.48 -69.19
CA GLN E 168 32.01 -0.26 -69.88
C GLN E 168 32.79 0.96 -69.39
N TRP E 169 33.02 1.05 -68.07
CA TRP E 169 33.84 2.11 -67.50
C TRP E 169 35.26 2.09 -68.09
N TYR E 170 35.84 0.91 -68.19
CA TYR E 170 37.16 0.72 -68.80
C TYR E 170 37.23 1.20 -70.26
N MET E 171 36.17 0.90 -71.01
CA MET E 171 36.09 1.29 -72.42
C MET E 171 36.07 2.82 -72.53
N SER E 172 35.30 3.46 -71.67
CA SER E 172 35.20 4.94 -71.64
C SER E 172 36.46 5.61 -71.09
N ARG E 173 37.05 5.01 -70.06
CA ARG E 173 38.17 5.63 -69.34
C ARG E 173 39.51 5.40 -70.04
N TYR E 174 39.75 4.17 -70.47
CA TYR E 174 41.06 3.77 -71.00
C TYR E 174 41.05 3.48 -72.50
N GLY E 175 39.88 3.49 -73.13
CA GLY E 175 39.77 3.16 -74.53
C GLY E 175 39.81 1.67 -74.84
N LEU E 176 39.48 0.84 -73.85
CA LEU E 176 39.37 -0.61 -74.07
C LEU E 176 38.34 -0.88 -75.17
N LYS E 177 38.68 -1.78 -76.09
CA LYS E 177 37.81 -2.09 -77.21
C LYS E 177 37.02 -3.37 -76.98
N ARG E 178 35.80 -3.40 -77.52
CA ARG E 178 34.91 -4.55 -77.37
C ARG E 178 35.58 -5.86 -77.79
N GLU E 179 36.31 -5.83 -78.90
CA GLU E 179 36.93 -7.05 -79.41
C GLU E 179 38.06 -7.57 -78.50
N GLN E 180 38.70 -6.66 -77.77
CA GLN E 180 39.77 -7.04 -76.85
C GLN E 180 39.22 -7.82 -75.65
N LEU E 181 37.99 -7.52 -75.25
CA LEU E 181 37.31 -8.33 -74.24
C LEU E 181 37.08 -9.74 -74.80
N ALA E 182 36.59 -9.81 -76.03
CA ALA E 182 36.23 -11.09 -76.66
C ALA E 182 37.44 -11.98 -76.93
N MET E 183 38.62 -11.37 -77.03
CA MET E 183 39.86 -12.11 -77.22
C MET E 183 40.25 -12.97 -76.03
N VAL E 184 39.76 -12.63 -74.83
CA VAL E 184 40.11 -13.37 -73.62
C VAL E 184 39.68 -14.84 -73.72
N PRO E 185 38.39 -15.09 -74.01
CA PRO E 185 37.98 -16.50 -74.10
C PRO E 185 38.60 -17.24 -75.29
N VAL E 186 38.95 -16.53 -76.36
CA VAL E 186 39.66 -17.16 -77.47
C VAL E 186 40.97 -17.73 -76.95
N LEU E 187 41.75 -16.88 -76.27
CA LEU E 187 43.04 -17.30 -75.74
C LEU E 187 42.89 -18.44 -74.73
N MET E 188 41.93 -18.31 -73.81
CA MET E 188 41.67 -19.33 -72.81
C MET E 188 41.25 -20.66 -73.44
N SER E 189 40.46 -20.60 -74.51
CA SER E 189 40.01 -21.81 -75.21
C SER E 189 41.17 -22.52 -75.91
N LYS E 190 42.14 -21.75 -76.39
CA LYS E 190 43.36 -22.34 -76.96
C LYS E 190 44.14 -23.11 -75.91
N MET E 191 44.16 -22.59 -74.68
CA MET E 191 44.79 -23.29 -73.56
C MET E 191 43.98 -24.52 -73.20
N ALA E 192 42.65 -24.36 -73.11
CA ALA E 192 41.75 -25.44 -72.71
C ALA E 192 41.89 -26.69 -73.60
N GLU E 193 42.11 -26.47 -74.90
CA GLU E 193 42.31 -27.56 -75.87
C GLU E 193 43.38 -28.57 -75.47
N ARG E 194 44.43 -28.09 -74.81
CA ARG E 194 45.55 -28.94 -74.41
C ARG E 194 45.37 -29.56 -73.02
N HIS E 195 44.21 -29.33 -72.40
CA HIS E 195 43.87 -29.96 -71.13
C HIS E 195 42.63 -30.84 -71.35
N PRO E 196 42.78 -32.17 -71.22
CA PRO E 196 41.64 -33.06 -71.52
C PRO E 196 40.44 -32.88 -70.57
N GLU E 197 40.70 -32.49 -69.33
CA GLU E 197 39.65 -32.28 -68.33
C GLU E 197 38.87 -30.98 -68.52
N ALA E 198 39.42 -30.03 -69.27
CA ALA E 198 38.77 -28.73 -69.46
C ALA E 198 37.41 -28.92 -70.13
N MET E 199 36.42 -28.14 -69.69
CA MET E 199 35.07 -28.29 -70.23
C MET E 199 34.94 -27.81 -71.67
N CYS E 200 35.73 -26.79 -72.03
CA CYS E 200 35.83 -26.35 -73.41
C CYS E 200 36.81 -27.27 -74.14
N GLN E 201 36.32 -27.89 -75.21
CA GLN E 201 36.99 -28.92 -76.01
C GLN E 201 37.60 -28.37 -77.32
N LYS E 202 36.91 -27.40 -77.89
CA LYS E 202 37.26 -26.85 -79.19
C LYS E 202 37.52 -25.35 -79.03
N ALA E 203 38.66 -24.87 -79.51
CA ALA E 203 39.00 -23.45 -79.40
C ALA E 203 37.99 -22.59 -80.15
N TYR E 204 37.69 -21.42 -79.60
CA TYR E 204 36.76 -20.48 -80.23
C TYR E 204 37.49 -19.58 -81.22
N THR E 205 36.76 -19.04 -82.18
CA THR E 205 37.24 -17.93 -83.00
C THR E 205 36.68 -16.65 -82.42
N LEU E 206 37.32 -15.53 -82.73
CA LEU E 206 36.85 -14.22 -82.26
C LEU E 206 35.40 -13.98 -82.69
N ASP E 207 35.10 -14.30 -83.95
CA ASP E 207 33.74 -14.16 -84.48
C ASP E 207 32.72 -14.99 -83.71
N GLU E 208 33.07 -16.22 -83.34
CA GLU E 208 32.17 -17.08 -82.56
C GLU E 208 31.82 -16.45 -81.21
N VAL E 209 32.82 -15.88 -80.54
CA VAL E 209 32.60 -15.24 -79.25
C VAL E 209 31.68 -14.04 -79.42
N LEU E 210 31.99 -13.19 -80.40
CA LEU E 210 31.21 -11.98 -80.65
C LEU E 210 29.80 -12.27 -81.16
N HIS E 211 29.62 -13.41 -81.83
CA HIS E 211 28.30 -13.81 -82.34
C HIS E 211 27.51 -14.61 -81.32
N SER E 212 28.16 -15.05 -80.23
CA SER E 212 27.47 -15.82 -79.20
C SER E 212 26.47 -14.96 -78.44
N ARG E 213 25.51 -15.65 -77.84
CA ARG E 213 24.39 -15.02 -77.15
C ARG E 213 24.82 -13.92 -76.18
N CYS E 214 24.21 -12.75 -76.29
CA CYS E 214 24.46 -11.65 -75.39
C CYS E 214 23.92 -11.95 -73.98
N VAL E 215 24.73 -11.70 -72.96
CA VAL E 215 24.31 -11.87 -71.55
C VAL E 215 24.15 -10.51 -70.88
N ALA E 216 25.08 -9.61 -71.17
CA ALA E 216 25.04 -8.23 -70.69
C ALA E 216 25.56 -7.35 -71.82
N PRO E 217 25.38 -6.02 -71.71
CA PRO E 217 25.68 -5.11 -72.84
C PRO E 217 26.99 -5.37 -73.58
N VAL E 218 28.07 -5.69 -72.87
CA VAL E 218 29.35 -5.98 -73.52
C VAL E 218 29.92 -7.33 -73.06
N THR E 219 29.04 -8.26 -72.75
CA THR E 219 29.44 -9.58 -72.27
C THR E 219 28.54 -10.63 -72.90
N ASN E 220 29.14 -11.51 -73.70
CA ASN E 220 28.41 -12.61 -74.34
C ASN E 220 28.63 -13.93 -73.62
N LEU E 221 27.80 -14.92 -73.96
CA LEU E 221 27.81 -16.21 -73.30
C LEU E 221 29.19 -16.83 -73.18
N LEU E 222 29.94 -16.84 -74.29
CA LEU E 222 31.27 -17.45 -74.31
C LEU E 222 32.32 -16.68 -73.50
N GLU E 223 31.97 -15.48 -73.05
CA GLU E 223 32.85 -14.68 -72.16
C GLU E 223 32.55 -14.92 -70.67
N CYS E 224 31.51 -15.69 -70.37
CA CYS E 224 31.10 -15.93 -68.98
C CYS E 224 31.77 -17.15 -68.37
N ALA E 225 32.04 -17.09 -67.06
CA ALA E 225 32.55 -18.24 -66.33
C ALA E 225 31.64 -19.45 -66.57
N ARG E 226 32.26 -20.60 -66.79
CA ARG E 226 31.55 -21.83 -67.16
C ARG E 226 31.11 -22.60 -65.92
N ARG E 227 29.81 -22.67 -65.69
CA ARG E 227 29.26 -23.43 -64.55
C ARG E 227 29.76 -24.87 -64.58
N ALA E 228 30.11 -25.40 -63.41
CA ALA E 228 30.65 -26.75 -63.29
C ALA E 228 30.52 -27.25 -61.85
N ASP E 229 30.60 -28.57 -61.67
CA ASP E 229 30.78 -29.16 -60.35
C ASP E 229 32.25 -29.50 -60.22
N GLY E 230 32.73 -29.55 -58.99
CA GLY E 230 34.12 -29.95 -58.74
C GLY E 230 34.56 -29.63 -57.32
N ALA E 231 35.62 -30.30 -56.88
CA ALA E 231 36.20 -30.02 -55.58
C ALA E 231 37.71 -30.19 -55.64
N VAL E 232 38.42 -29.42 -54.82
CA VAL E 232 39.87 -29.52 -54.67
C VAL E 232 40.21 -29.44 -53.19
N ALA E 233 41.21 -30.22 -52.78
CA ALA E 233 41.71 -30.19 -51.42
C ALA E 233 43.23 -30.03 -51.48
N LEU E 234 43.75 -29.16 -50.61
CA LEU E 234 45.18 -28.95 -50.45
C LEU E 234 45.57 -29.32 -49.04
N ILE E 235 46.76 -29.88 -48.88
CA ILE E 235 47.32 -30.10 -47.55
C ILE E 235 48.53 -29.18 -47.42
N VAL E 236 48.59 -28.43 -46.33
CA VAL E 236 49.68 -27.47 -46.07
C VAL E 236 50.40 -27.93 -44.82
N SER E 237 51.72 -27.91 -44.85
CA SER E 237 52.52 -28.31 -43.70
C SER E 237 53.85 -27.56 -43.64
N GLY E 238 54.36 -27.39 -42.43
CA GLY E 238 55.74 -26.92 -42.27
C GLY E 238 56.70 -27.89 -42.93
N GLU E 239 57.74 -27.35 -43.55
CA GLU E 239 58.71 -28.14 -44.31
C GLU E 239 59.42 -29.19 -43.45
N ALA E 240 59.92 -28.75 -42.30
CA ALA E 240 60.67 -29.62 -41.40
C ALA E 240 59.77 -30.71 -40.84
N HIS E 241 58.58 -30.32 -40.37
CA HIS E 241 57.61 -31.26 -39.85
C HIS E 241 57.32 -32.36 -40.86
N TYR E 242 57.06 -31.95 -42.10
CA TYR E 242 56.74 -32.88 -43.18
C TYR E 242 57.89 -33.81 -43.49
N ALA E 243 59.09 -33.25 -43.59
CA ALA E 243 60.30 -34.02 -43.87
C ALA E 243 60.55 -35.12 -42.83
N GLU E 244 60.32 -34.81 -41.57
CA GLU E 244 60.59 -35.75 -40.46
C GLU E 244 59.63 -36.94 -40.42
N HIS E 245 58.35 -36.69 -40.71
CA HIS E 245 57.30 -37.69 -40.48
C HIS E 245 56.76 -38.38 -41.73
N PHE E 246 56.75 -37.67 -42.86
CA PHE E 246 56.04 -38.14 -44.05
C PHE E 246 56.86 -38.25 -45.33
N ALA E 247 58.09 -37.76 -45.29
CA ALA E 247 59.05 -37.88 -46.36
C ALA E 247 58.57 -37.36 -47.72
N LEU E 256 60.80 -32.64 -57.07
CA LEU E 256 60.15 -32.77 -55.75
C LEU E 256 59.78 -31.41 -55.14
N GLY E 257 60.75 -30.47 -55.13
CA GLY E 257 60.52 -29.11 -54.66
C GLY E 257 59.31 -28.46 -55.33
N GLY E 258 59.23 -28.56 -56.65
CA GLY E 258 58.11 -27.99 -57.41
C GLY E 258 56.77 -28.68 -57.24
N SER E 259 56.80 -29.98 -56.95
CA SER E 259 55.56 -30.74 -56.74
C SER E 259 54.95 -30.49 -55.37
N LYS E 260 55.77 -30.00 -54.44
CA LYS E 260 55.30 -29.62 -53.11
C LYS E 260 55.83 -28.21 -52.78
N PRO E 261 55.33 -27.19 -53.51
CA PRO E 261 55.97 -25.87 -53.48
C PRO E 261 55.88 -25.09 -52.17
N ILE E 262 56.86 -24.22 -51.96
CA ILE E 262 56.87 -23.31 -50.83
C ILE E 262 55.84 -22.21 -51.09
N ILE E 263 55.04 -21.90 -50.08
CA ILE E 263 54.16 -20.74 -50.14
C ILE E 263 54.99 -19.55 -49.66
N ALA E 264 55.54 -18.81 -50.62
CA ALA E 264 56.48 -17.71 -50.33
C ALA E 264 55.79 -16.51 -49.70
N SER E 265 54.57 -16.21 -50.16
CA SER E 265 53.80 -15.13 -49.59
C SER E 265 52.33 -15.24 -49.98
N VAL E 266 51.47 -14.67 -49.14
CA VAL E 266 50.04 -14.52 -49.42
C VAL E 266 49.62 -13.13 -48.95
N ALA E 267 48.82 -12.43 -49.76
CA ALA E 267 48.35 -11.09 -49.39
C ALA E 267 46.92 -10.88 -49.88
N GLU E 268 46.17 -10.04 -49.17
CA GLU E 268 44.78 -9.78 -49.52
C GLU E 268 44.47 -8.30 -49.53
N ALA E 269 43.40 -7.95 -50.22
CA ALA E 269 42.85 -6.60 -50.21
C ALA E 269 41.41 -6.70 -50.68
N SER E 270 40.62 -5.66 -50.46
CA SER E 270 39.18 -5.73 -50.68
C SER E 270 38.61 -4.45 -51.26
N GLY E 271 37.38 -4.56 -51.75
CA GLY E 271 36.64 -3.45 -52.33
C GLY E 271 35.15 -3.70 -52.17
N PRO E 272 34.33 -2.75 -52.66
CA PRO E 272 32.88 -2.87 -52.46
C PRO E 272 32.33 -4.14 -53.13
N LEU E 273 31.26 -4.67 -52.55
CA LEU E 273 30.63 -5.88 -53.06
C LEU E 273 30.03 -5.66 -54.46
N PHE E 274 29.53 -4.46 -54.72
CA PHE E 274 28.96 -4.12 -56.02
C PHE E 274 29.29 -2.67 -56.39
N PRO E 275 29.22 -2.33 -57.69
CA PRO E 275 29.63 -0.99 -58.10
C PRO E 275 28.64 0.09 -57.66
N PRO E 276 29.10 1.35 -57.61
CA PRO E 276 28.17 2.47 -57.35
C PRO E 276 27.14 2.63 -58.47
N GLY E 277 25.99 3.21 -58.14
CA GLY E 277 24.96 3.48 -59.13
C GLY E 277 25.48 4.33 -60.26
N SER E 278 26.22 5.39 -59.91
CA SER E 278 26.83 6.29 -60.90
C SER E 278 28.32 6.00 -61.09
N SER E 279 28.72 5.82 -62.34
CA SER E 279 30.14 5.77 -62.66
C SER E 279 30.80 7.14 -62.50
N ILE E 282 32.48 5.43 -60.28
CA ILE E 282 33.57 4.44 -60.29
C ILE E 282 34.94 5.12 -60.38
N VAL E 283 35.87 4.66 -59.56
CA VAL E 283 37.23 5.22 -59.49
C VAL E 283 38.28 4.11 -59.44
N PRO E 284 39.53 4.42 -59.86
CA PRO E 284 40.59 3.41 -59.93
C PRO E 284 40.97 2.76 -58.60
N ASP E 285 40.80 3.47 -57.49
CA ASP E 285 41.13 2.93 -56.17
C ASP E 285 40.14 1.87 -55.66
N ILE E 286 39.04 1.67 -56.39
CA ILE E 286 38.11 0.57 -56.09
C ILE E 286 38.79 -0.79 -56.28
N PHE E 287 39.66 -0.89 -57.28
CA PHE E 287 40.31 -2.16 -57.64
C PHE E 287 41.44 -2.51 -56.66
N SER E 288 41.37 -3.71 -56.11
CA SER E 288 42.22 -4.11 -54.99
C SER E 288 43.35 -5.07 -55.37
N CYS E 289 43.29 -5.66 -56.57
CA CYS E 289 44.30 -6.64 -56.96
C CYS E 289 45.71 -6.06 -56.94
N ARG E 290 45.86 -4.81 -57.38
CA ARG E 290 47.18 -4.17 -57.38
C ARG E 290 47.79 -4.12 -55.99
N HIS E 291 46.99 -3.74 -54.98
CA HIS E 291 47.47 -3.70 -53.60
C HIS E 291 47.91 -5.08 -53.11
N ALA E 292 47.08 -6.09 -53.37
CA ALA E 292 47.39 -7.45 -52.94
C ALA E 292 48.66 -7.95 -53.61
N ALA E 293 48.78 -7.69 -54.91
CA ALA E 293 49.93 -8.13 -55.66
C ALA E 293 51.19 -7.50 -55.11
N ARG E 294 51.16 -6.17 -54.92
CA ARG E 294 52.31 -5.44 -54.40
C ARG E 294 52.79 -6.01 -53.07
N ASP E 295 51.86 -6.24 -52.15
CA ASP E 295 52.21 -6.79 -50.84
C ASP E 295 52.74 -8.22 -50.91
N ALA E 296 52.19 -9.03 -51.81
CA ALA E 296 52.71 -10.40 -52.02
C ALA E 296 54.15 -10.39 -52.55
N PHE E 297 54.42 -9.53 -53.51
CA PHE E 297 55.78 -9.37 -54.07
C PHE E 297 56.77 -8.89 -53.00
N LEU E 298 56.36 -7.91 -52.22
CA LEU E 298 57.19 -7.42 -51.13
C LEU E 298 57.51 -8.49 -50.11
N SER E 299 56.48 -9.19 -49.63
CA SER E 299 56.67 -10.28 -48.67
C SER E 299 57.60 -11.36 -49.19
N ALA E 300 57.50 -11.67 -50.47
CA ALA E 300 58.33 -12.72 -51.08
C ALA E 300 59.71 -12.22 -51.52
N ASN E 301 59.90 -10.91 -51.56
CA ASN E 301 61.13 -10.30 -52.06
C ASN E 301 61.41 -10.66 -53.52
N LEU E 302 60.38 -10.49 -54.35
CA LEU E 302 60.46 -10.84 -55.77
C LEU E 302 59.80 -9.77 -56.60
N ASN E 303 60.09 -9.78 -57.89
CA ASN E 303 59.44 -8.89 -58.85
C ASN E 303 58.71 -9.71 -59.91
N VAL E 304 57.94 -9.04 -60.76
CA VAL E 304 57.13 -9.71 -61.76
C VAL E 304 58.00 -10.49 -62.73
N GLY E 305 59.18 -9.94 -63.05
CA GLY E 305 60.14 -10.61 -63.93
C GLY E 305 60.66 -11.95 -63.39
N ASP E 306 60.58 -12.14 -62.08
CA ASP E 306 60.99 -13.41 -61.46
C ASP E 306 59.92 -14.51 -61.59
N ILE E 307 58.70 -14.13 -61.99
CA ILE E 307 57.57 -15.06 -62.08
C ILE E 307 57.39 -15.52 -63.51
N HIS E 308 57.33 -16.84 -63.73
CA HIS E 308 57.17 -17.36 -65.09
C HIS E 308 55.90 -18.17 -65.31
N PHE E 309 55.04 -18.25 -64.29
CA PHE E 309 53.67 -18.71 -64.51
C PHE E 309 52.69 -17.90 -63.68
N PHE E 310 51.57 -17.55 -64.30
CA PHE E 310 50.51 -16.79 -63.66
C PHE E 310 49.19 -17.54 -63.77
N GLY E 311 48.58 -17.83 -62.63
CA GLY E 311 47.23 -18.37 -62.55
C GLY E 311 46.30 -17.28 -62.07
N LEU E 312 45.60 -16.65 -63.02
CA LEU E 312 44.87 -15.41 -62.75
C LEU E 312 43.38 -15.58 -62.95
N TYR E 313 42.61 -15.26 -61.92
CA TYR E 313 41.16 -15.36 -61.92
C TYR E 313 40.61 -14.61 -63.12
N ASP E 314 39.68 -15.24 -63.84
CA ASP E 314 39.18 -14.73 -65.10
C ASP E 314 37.69 -15.08 -65.28
N CYS E 315 36.88 -14.72 -64.29
CA CYS E 315 35.45 -15.02 -64.33
C CYS E 315 34.76 -14.36 -65.52
N PHE E 316 35.26 -13.17 -65.88
CA PHE E 316 34.88 -12.47 -67.11
C PHE E 316 36.13 -11.79 -67.68
N PRO E 317 36.10 -11.43 -68.98
CA PRO E 317 37.30 -10.88 -69.61
C PRO E 317 37.88 -9.67 -68.87
N ILE E 318 37.02 -8.79 -68.38
CA ILE E 318 37.49 -7.59 -67.65
C ILE E 318 38.31 -7.96 -66.41
N CYS E 319 38.01 -9.10 -65.79
CA CYS E 319 38.78 -9.56 -64.63
C CYS E 319 40.22 -9.88 -65.00
N LEU E 320 40.41 -10.58 -66.12
CA LEU E 320 41.76 -10.94 -66.57
C LEU E 320 42.52 -9.71 -67.06
N ILE E 321 41.83 -8.83 -67.76
CA ILE E 321 42.42 -7.58 -68.25
C ILE E 321 42.94 -6.75 -67.08
N GLN E 322 42.13 -6.62 -66.04
CA GLN E 322 42.51 -5.92 -64.82
C GLN E 322 43.68 -6.64 -64.10
N ALA E 323 43.62 -7.96 -64.07
CA ALA E 323 44.63 -8.76 -63.39
C ALA E 323 46.04 -8.61 -63.97
N VAL E 324 46.17 -8.68 -65.30
CA VAL E 324 47.48 -8.60 -65.92
C VAL E 324 48.12 -7.22 -65.65
N GLU E 325 47.29 -6.19 -65.61
CA GLU E 325 47.75 -4.84 -65.24
C GLU E 325 48.22 -4.81 -63.79
N ALA E 326 47.38 -5.33 -62.90
CA ALA E 326 47.62 -5.30 -61.46
C ALA E 326 48.91 -6.01 -61.04
N VAL E 327 49.20 -7.16 -61.65
CA VAL E 327 50.40 -7.93 -61.30
C VAL E 327 51.66 -7.42 -62.01
N GLY E 328 51.50 -6.46 -62.93
CA GLY E 328 52.64 -5.83 -63.58
C GLY E 328 53.07 -6.43 -64.91
N LEU E 329 52.23 -7.24 -65.54
CA LEU E 329 52.55 -7.77 -66.86
C LEU E 329 52.40 -6.73 -67.98
N CYS E 330 51.66 -5.67 -67.70
CA CYS E 330 51.56 -4.55 -68.62
C CYS E 330 51.12 -3.32 -67.85
N PRO E 331 51.23 -2.12 -68.47
CA PRO E 331 50.83 -0.90 -67.79
C PRO E 331 49.32 -0.78 -67.53
N GLU E 332 48.96 0.04 -66.53
CA GLU E 332 47.57 0.29 -66.19
C GLU E 332 46.80 0.80 -67.41
N GLY E 333 45.59 0.30 -67.59
CA GLY E 333 44.75 0.66 -68.73
C GLY E 333 45.09 0.01 -70.05
N LYS E 334 46.17 -0.80 -70.10
CA LYS E 334 46.66 -1.40 -71.34
C LYS E 334 46.43 -2.92 -71.43
N GLY E 335 45.67 -3.48 -70.49
CA GLY E 335 45.43 -4.93 -70.48
C GLY E 335 44.73 -5.46 -71.73
N GLY E 336 43.86 -4.64 -72.32
CA GLY E 336 43.19 -5.00 -73.57
C GLY E 336 44.17 -5.13 -74.73
N GLU E 337 45.18 -4.27 -74.74
CA GLU E 337 46.22 -4.29 -75.77
C GLU E 337 47.15 -5.48 -75.59
N PHE E 338 47.38 -5.85 -74.33
CA PHE E 338 48.13 -7.06 -73.99
C PHE E 338 47.45 -8.30 -74.59
N MET E 339 46.13 -8.37 -74.49
CA MET E 339 45.37 -9.48 -75.09
C MET E 339 45.49 -9.46 -76.61
N GLU E 340 45.36 -8.28 -77.22
CA GLU E 340 45.37 -8.15 -78.68
C GLU E 340 46.70 -8.55 -79.29
N THR E 341 47.81 -8.14 -78.67
CA THR E 341 49.13 -8.56 -79.15
C THR E 341 49.29 -10.10 -79.07
N ALA E 342 48.85 -10.71 -77.99
CA ALA E 342 48.90 -12.17 -77.86
C ALA E 342 48.01 -12.88 -78.89
N TYR E 343 46.82 -12.31 -79.10
CA TYR E 343 45.89 -12.83 -80.11
C TYR E 343 46.49 -12.74 -81.51
N ASN E 344 47.00 -11.55 -81.87
CA ASN E 344 47.65 -11.33 -83.16
C ASN E 344 48.83 -12.27 -83.40
N GLU E 345 49.62 -12.53 -82.36
CA GLU E 345 50.76 -13.41 -82.49
C GLU E 345 50.31 -14.86 -82.70
N MET E 346 49.25 -15.25 -82.00
CA MET E 346 48.64 -16.57 -82.19
C MET E 346 48.21 -16.73 -83.67
N LEU E 347 47.54 -15.74 -84.22
CA LEU E 347 47.10 -15.79 -85.63
C LEU E 347 48.28 -15.91 -86.60
N ASN E 348 49.35 -15.16 -86.34
CA ASN E 348 50.55 -15.20 -87.18
C ASN E 348 51.41 -16.44 -86.94
N ASN E 349 51.10 -17.21 -85.90
CA ASN E 349 51.81 -18.46 -85.60
C ASN E 349 50.97 -19.69 -85.97
N GLY E 350 50.21 -19.58 -87.06
CA GLY E 350 49.37 -20.67 -87.55
C GLY E 350 48.26 -21.07 -86.59
N GLY E 351 47.74 -20.11 -85.83
CA GLY E 351 46.69 -20.37 -84.87
C GLY E 351 47.13 -21.04 -83.58
N VAL E 352 48.44 -21.19 -83.39
CA VAL E 352 48.98 -21.86 -82.20
C VAL E 352 49.34 -20.82 -81.13
N LEU E 353 48.76 -20.96 -79.94
CA LEU E 353 49.09 -20.12 -78.81
C LEU E 353 50.26 -20.74 -78.03
N ASP E 354 51.44 -20.16 -78.19
CA ASP E 354 52.65 -20.66 -77.53
C ASP E 354 52.63 -20.25 -76.05
N PRO E 355 52.62 -21.23 -75.13
CA PRO E 355 52.59 -20.92 -73.70
C PRO E 355 53.70 -19.97 -73.23
N SER E 356 54.89 -20.08 -73.82
CA SER E 356 56.02 -19.23 -73.41
C SER E 356 55.78 -17.74 -73.69
N LYS E 357 54.94 -17.44 -74.69
CA LYS E 357 54.61 -16.05 -75.01
C LYS E 357 53.34 -15.56 -74.28
N PHE E 358 52.64 -16.47 -73.61
CA PHE E 358 51.43 -16.14 -72.85
C PHE E 358 51.32 -17.11 -71.67
N PRO E 359 52.18 -16.94 -70.66
CA PRO E 359 52.33 -17.92 -69.58
C PRO E 359 51.26 -17.75 -68.50
N ILE E 360 50.01 -17.81 -68.92
CA ILE E 360 48.87 -17.46 -68.10
C ILE E 360 47.77 -18.50 -68.30
N ASN E 361 47.24 -19.04 -67.20
CA ASN E 361 46.04 -19.88 -67.25
C ASN E 361 46.13 -20.98 -68.30
N THR E 362 47.22 -21.73 -68.26
CA THR E 362 47.47 -22.78 -69.26
C THR E 362 46.44 -23.92 -69.19
N HIS E 363 45.61 -23.92 -68.14
CA HIS E 363 44.50 -24.87 -68.00
C HIS E 363 43.20 -24.42 -68.67
N GLY E 364 43.07 -23.11 -68.92
CA GLY E 364 41.87 -22.55 -69.57
C GLY E 364 41.05 -21.62 -68.70
N GLY E 365 41.37 -21.56 -67.40
CA GLY E 365 40.68 -20.68 -66.46
C GLY E 365 39.20 -20.93 -66.25
N LEU E 366 38.53 -19.98 -65.63
CA LEU E 366 37.10 -20.08 -65.36
C LEU E 366 36.28 -20.09 -66.65
N GLN E 367 36.84 -19.43 -67.67
CA GLN E 367 36.23 -19.32 -68.99
C GLN E 367 36.06 -20.67 -69.65
N CYS E 368 37.12 -21.46 -69.64
CA CYS E 368 37.20 -22.65 -70.50
C CYS E 368 37.59 -23.95 -69.79
N PHE E 369 38.20 -23.86 -68.61
CA PHE E 369 38.40 -25.04 -67.78
C PHE E 369 37.12 -25.34 -67.00
N GLY E 370 36.66 -24.37 -66.22
CA GLY E 370 35.40 -24.48 -65.49
C GLY E 370 35.39 -23.71 -64.18
N ALA E 371 34.19 -23.43 -63.67
CA ALA E 371 34.02 -22.55 -62.52
C ALA E 371 32.95 -23.02 -61.54
N PRO E 372 33.34 -23.87 -60.56
CA PRO E 372 32.42 -24.24 -59.47
C PRO E 372 32.33 -23.20 -58.35
N TRP E 373 31.74 -22.05 -58.65
CA TRP E 373 31.50 -20.97 -57.68
C TRP E 373 32.80 -20.50 -56.98
N GLU E 374 33.01 -20.82 -55.71
CA GLU E 374 34.22 -20.36 -54.98
C GLU E 374 35.42 -21.31 -55.10
N VAL E 375 35.27 -22.38 -55.86
CA VAL E 375 36.35 -23.35 -56.07
C VAL E 375 37.53 -22.95 -57.00
N PRO E 376 37.25 -22.30 -58.14
CA PRO E 376 38.23 -22.33 -59.24
C PRO E 376 39.59 -21.64 -59.05
N ALA E 377 39.75 -20.80 -58.03
CA ALA E 377 41.10 -20.31 -57.72
C ALA E 377 42.00 -21.48 -57.32
N MET E 378 41.41 -22.57 -56.86
CA MET E 378 42.13 -23.83 -56.64
C MET E 378 42.82 -24.36 -57.89
N TYR E 379 42.17 -24.20 -59.04
CA TYR E 379 42.75 -24.68 -60.30
C TYR E 379 43.92 -23.83 -60.77
N ASN E 380 43.97 -22.57 -60.35
CA ASN E 380 45.18 -21.76 -60.57
C ASN E 380 46.34 -22.35 -59.80
N ILE E 381 46.07 -22.78 -58.58
CA ILE E 381 47.08 -23.40 -57.72
C ILE E 381 47.52 -24.74 -58.29
N THR E 382 46.56 -25.57 -58.69
CA THR E 382 46.90 -26.90 -59.23
C THR E 382 47.64 -26.81 -60.56
N GLU E 383 47.28 -25.83 -61.40
CA GLU E 383 48.00 -25.64 -62.66
C GLU E 383 49.40 -25.09 -62.42
N ALA E 384 49.55 -24.22 -61.42
CA ALA E 384 50.88 -23.71 -61.04
C ALA E 384 51.79 -24.85 -60.57
N ILE E 385 51.25 -25.73 -59.74
CA ILE E 385 51.99 -26.89 -59.25
C ILE E 385 52.44 -27.80 -60.40
N ALA E 386 51.55 -28.04 -61.35
CA ALA E 386 51.86 -28.85 -62.52
C ALA E 386 53.01 -28.24 -63.33
N GLN E 387 52.97 -26.93 -63.52
CA GLN E 387 54.02 -26.22 -64.24
C GLN E 387 55.35 -26.26 -63.50
N LEU E 388 55.32 -25.98 -62.19
CA LEU E 388 56.51 -25.98 -61.36
C LEU E 388 57.17 -27.36 -61.27
N SER E 389 56.36 -28.42 -61.32
CA SER E 389 56.89 -29.79 -61.18
C SER E 389 57.18 -30.45 -62.52
N GLU E 390 57.00 -29.70 -63.61
CA GLU E 390 57.18 -30.21 -64.97
C GLU E 390 56.23 -31.36 -65.28
N GLU E 391 54.97 -31.22 -64.84
CA GLU E 391 53.95 -32.24 -65.06
C GLU E 391 52.74 -31.67 -65.80
N ALA E 392 52.95 -30.58 -66.53
CA ALA E 392 51.86 -29.91 -67.25
C ALA E 392 51.71 -30.40 -68.68
N GLY E 393 52.52 -31.37 -69.08
CA GLY E 393 52.36 -32.07 -70.36
C GLY E 393 52.53 -31.21 -71.60
N ASP E 394 51.54 -31.26 -72.48
CA ASP E 394 51.58 -30.46 -73.73
C ASP E 394 51.36 -28.94 -73.44
N ARG E 395 51.01 -28.58 -72.21
CA ARG E 395 50.91 -27.17 -71.78
C ARG E 395 52.21 -26.69 -71.12
N GLN E 396 53.18 -27.59 -70.95
CA GLN E 396 54.36 -27.33 -70.14
C GLN E 396 55.22 -26.18 -70.64
N LEU E 397 55.60 -25.29 -69.72
CA LEU E 397 56.49 -24.17 -70.03
C LEU E 397 57.94 -24.62 -69.94
N THR E 398 58.74 -24.19 -70.92
CA THR E 398 60.17 -24.46 -70.95
C THR E 398 60.90 -23.13 -71.08
N PRO E 399 61.94 -22.89 -70.26
CA PRO E 399 62.41 -23.76 -69.18
C PRO E 399 61.37 -23.87 -68.07
N VAL E 400 61.58 -24.82 -67.16
CA VAL E 400 60.61 -25.07 -66.09
C VAL E 400 60.56 -23.83 -65.20
N PRO E 401 59.36 -23.27 -65.00
CA PRO E 401 59.26 -22.12 -64.08
C PRO E 401 59.69 -22.49 -62.67
N LYS E 402 60.45 -21.61 -62.02
CA LYS E 402 60.84 -21.81 -60.63
C LYS E 402 59.86 -21.13 -59.68
N ARG E 403 59.07 -20.20 -60.20
CA ARG E 403 58.20 -19.36 -59.38
C ARG E 403 56.89 -19.08 -60.10
N ALA E 404 55.80 -19.07 -59.34
CA ALA E 404 54.48 -18.86 -59.90
C ALA E 404 53.68 -17.92 -59.02
N LEU E 405 52.73 -17.21 -59.64
CA LEU E 405 51.83 -16.34 -58.92
C LEU E 405 50.41 -16.77 -59.22
N VAL E 406 49.60 -16.87 -58.18
CA VAL E 406 48.18 -17.19 -58.32
C VAL E 406 47.31 -16.09 -57.70
N TYR E 407 46.15 -15.86 -58.31
CA TYR E 407 45.29 -14.75 -57.95
C TYR E 407 43.84 -15.21 -57.91
N GLY E 408 43.17 -14.94 -56.79
CA GLY E 408 41.76 -15.23 -56.59
C GLY E 408 40.99 -13.94 -56.42
N ASN E 409 39.78 -13.90 -56.98
CA ASN E 409 38.94 -12.71 -56.92
C ASN E 409 37.55 -13.13 -56.49
N GLY E 410 36.95 -12.34 -55.61
CA GLY E 410 35.61 -12.63 -55.11
C GLY E 410 34.67 -11.46 -55.31
N GLY E 411 33.39 -11.76 -55.38
CA GLY E 411 32.37 -10.73 -55.53
C GLY E 411 32.49 -10.08 -56.89
N ILE E 412 32.39 -8.76 -56.93
CA ILE E 412 32.59 -8.00 -58.15
C ILE E 412 33.79 -7.09 -57.90
N PHE E 413 34.98 -7.64 -58.14
CA PHE E 413 36.26 -7.01 -57.72
C PHE E 413 36.22 -6.63 -56.22
N SER E 414 35.60 -7.46 -55.40
CA SER E 414 35.37 -7.14 -53.99
C SER E 414 36.45 -7.72 -53.07
N ALA E 415 37.08 -8.79 -53.50
CA ALA E 415 38.11 -9.47 -52.72
C ALA E 415 39.23 -9.88 -53.65
N SER E 416 40.45 -9.57 -53.26
CA SER E 416 41.64 -9.98 -53.99
C SER E 416 42.53 -10.78 -53.07
N SER E 417 42.98 -11.93 -53.56
CA SER E 417 43.94 -12.76 -52.83
C SER E 417 45.03 -13.18 -53.80
N VAL E 418 46.28 -13.00 -53.39
CA VAL E 418 47.42 -13.29 -54.25
C VAL E 418 48.41 -14.11 -53.45
N ALA E 419 48.91 -15.18 -54.05
CA ALA E 419 49.96 -15.98 -53.43
C ALA E 419 51.09 -16.22 -54.41
N ILE E 420 52.29 -16.35 -53.90
CA ILE E 420 53.45 -16.69 -54.71
C ILE E 420 53.97 -18.04 -54.23
N LEU E 421 54.13 -18.95 -55.19
CA LEU E 421 54.63 -20.29 -54.92
C LEU E 421 55.98 -20.48 -55.58
N ILE E 422 56.94 -21.00 -54.83
CA ILE E 422 58.28 -21.26 -55.37
C ILE E 422 58.73 -22.69 -55.08
N SER E 423 59.55 -23.23 -55.97
CA SER E 423 60.00 -24.62 -55.85
C SER E 423 61.00 -24.80 -54.72
N ASP E 424 61.95 -23.86 -54.61
CA ASP E 424 63.00 -23.94 -53.57
C ASP E 424 63.56 -22.57 -53.19
N SER F 19 54.99 -11.08 -29.80
CA SER F 19 55.92 -10.07 -30.39
C SER F 19 55.45 -8.63 -30.17
N GLN F 20 54.19 -8.35 -30.49
CA GLN F 20 53.59 -7.02 -30.36
C GLN F 20 52.31 -7.01 -29.51
N VAL F 21 52.16 -5.98 -28.67
CA VAL F 21 51.00 -5.88 -27.79
C VAL F 21 49.80 -5.32 -28.56
N VAL F 22 48.69 -6.06 -28.52
CA VAL F 22 47.48 -5.72 -29.24
C VAL F 22 46.35 -5.53 -28.24
N ARG F 23 45.57 -4.46 -28.42
CA ARG F 23 44.52 -4.10 -27.48
C ARG F 23 43.17 -3.96 -28.18
N ILE F 24 42.09 -4.15 -27.43
CA ILE F 24 40.76 -3.77 -27.86
C ILE F 24 40.59 -2.31 -27.49
N VAL F 25 40.58 -1.43 -28.48
CA VAL F 25 40.63 0.02 -28.22
C VAL F 25 39.28 0.71 -28.40
N GLY F 26 38.28 -0.02 -28.88
CA GLY F 26 36.94 0.52 -29.06
C GLY F 26 35.90 -0.56 -28.97
N VAL F 27 34.82 -0.27 -28.25
CA VAL F 27 33.66 -1.14 -28.15
C VAL F 27 32.41 -0.32 -28.46
N GLY F 28 31.51 -0.88 -29.26
CA GLY F 28 30.23 -0.25 -29.54
C GLY F 28 29.18 -1.32 -29.68
N ARG F 29 27.96 -1.00 -29.28
CA ARG F 29 26.86 -1.94 -29.43
C ARG F 29 25.52 -1.25 -29.46
N THR F 30 24.55 -1.99 -29.95
CA THR F 30 23.17 -1.55 -29.95
C THR F 30 22.52 -2.03 -28.67
N GLY F 31 21.24 -1.73 -28.51
CA GLY F 31 20.45 -2.34 -27.46
C GLY F 31 20.22 -3.80 -27.82
N ILE F 32 19.46 -4.49 -26.98
CA ILE F 32 19.15 -5.89 -27.21
C ILE F 32 17.66 -6.13 -26.99
N GLY F 33 17.06 -6.94 -27.85
CA GLY F 33 15.64 -7.26 -27.75
C GLY F 33 14.99 -7.27 -29.12
N LYS F 34 13.76 -6.78 -29.17
CA LYS F 34 13.02 -6.71 -30.43
C LYS F 34 13.13 -5.28 -30.94
N LEU F 35 14.07 -5.05 -31.85
CA LEU F 35 14.46 -3.70 -32.26
C LEU F 35 13.83 -3.24 -33.59
N HIS F 36 13.24 -4.18 -34.34
CA HIS F 36 12.66 -3.88 -35.65
C HIS F 36 13.60 -3.08 -36.56
N LYS F 37 14.86 -3.49 -36.61
CA LYS F 37 15.84 -2.88 -37.50
C LYS F 37 16.51 -3.94 -38.34
N SER F 38 16.98 -3.56 -39.52
CA SER F 38 17.68 -4.49 -40.39
C SER F 38 19.03 -4.85 -39.75
N VAL F 39 19.57 -5.99 -40.14
CA VAL F 39 20.89 -6.43 -39.67
C VAL F 39 21.96 -5.43 -40.09
N ASP F 40 21.88 -4.96 -41.33
CA ASP F 40 22.76 -3.90 -41.84
C ASP F 40 22.74 -2.64 -40.98
N GLU F 41 21.54 -2.20 -40.60
CA GLU F 41 21.37 -1.02 -39.74
C GLU F 41 22.00 -1.21 -38.36
N LEU F 42 21.79 -2.39 -37.78
CA LEU F 42 22.37 -2.70 -36.47
C LEU F 42 23.89 -2.75 -36.53
N ALA F 43 24.43 -3.40 -37.55
CA ALA F 43 25.87 -3.51 -37.74
C ALA F 43 26.50 -2.12 -37.88
N ALA F 44 25.90 -1.30 -38.73
CA ALA F 44 26.40 0.06 -38.99
C ALA F 44 26.38 0.91 -37.74
N SER F 45 25.29 0.85 -36.97
CA SER F 45 25.22 1.55 -35.67
C SER F 45 26.28 1.13 -34.67
N ALA F 46 26.45 -0.18 -34.50
CA ALA F 46 27.46 -0.71 -33.60
C ALA F 46 28.85 -0.20 -33.98
N LEU F 47 29.17 -0.22 -35.28
CA LEU F 47 30.48 0.19 -35.74
C LEU F 47 30.72 1.68 -35.51
N LYS F 48 29.71 2.50 -35.78
CA LYS F 48 29.79 3.94 -35.51
C LYS F 48 30.08 4.22 -34.02
N CYS F 49 29.37 3.50 -33.16
CA CYS F 49 29.56 3.59 -31.72
C CYS F 49 31.01 3.20 -31.33
N ALA F 50 31.51 2.10 -31.91
CA ALA F 50 32.85 1.62 -31.59
C ALA F 50 33.94 2.61 -32.03
N LEU F 51 33.74 3.25 -33.17
CA LEU F 51 34.68 4.26 -33.67
C LEU F 51 34.74 5.49 -32.77
N VAL F 52 33.58 5.96 -32.32
CA VAL F 52 33.52 7.06 -31.35
C VAL F 52 34.21 6.65 -30.04
N ASP F 53 33.97 5.42 -29.59
CA ASP F 53 34.60 4.89 -28.39
C ASP F 53 36.12 4.83 -28.51
N ALA F 54 36.62 4.58 -29.73
CA ALA F 54 38.05 4.47 -29.98
C ALA F 54 38.70 5.81 -30.33
N ASN F 55 37.90 6.86 -30.45
CA ASN F 55 38.36 8.18 -30.90
C ASN F 55 38.94 8.09 -32.31
N MET F 56 38.24 7.37 -33.18
CA MET F 56 38.69 7.11 -34.55
C MET F 56 37.58 7.44 -35.54
N LYS F 57 37.96 7.58 -36.80
CA LYS F 57 37.00 7.72 -37.89
C LYS F 57 37.14 6.53 -38.84
N GLN F 58 36.14 6.35 -39.70
CA GLN F 58 36.14 5.26 -40.70
C GLN F 58 37.48 5.06 -41.39
N CYS F 59 38.04 6.17 -41.87
CA CYS F 59 39.27 6.14 -42.64
C CYS F 59 40.48 5.59 -41.86
N ASP F 60 40.36 5.51 -40.53
CA ASP F 60 41.42 4.94 -39.70
C ASP F 60 41.35 3.40 -39.66
N LEU F 61 40.27 2.80 -40.14
CA LEU F 61 40.15 1.34 -40.20
C LEU F 61 40.91 0.76 -41.38
N GLN F 62 41.65 -0.32 -41.15
CA GLN F 62 42.39 -1.01 -42.22
C GLN F 62 41.87 -2.43 -42.48
N ALA F 63 40.94 -2.90 -41.66
CA ALA F 63 40.32 -4.21 -41.89
C ALA F 63 39.00 -4.36 -41.18
N LEU F 64 38.18 -5.30 -41.67
CA LEU F 64 36.89 -5.58 -41.08
C LEU F 64 36.64 -7.10 -41.17
N ILE F 65 36.30 -7.69 -40.03
CA ILE F 65 35.93 -9.11 -39.98
C ILE F 65 34.52 -9.21 -39.41
N ALA F 66 33.67 -9.98 -40.08
CA ALA F 66 32.31 -10.19 -39.59
C ALA F 66 31.94 -11.66 -39.58
N VAL F 67 30.82 -11.95 -38.94
CA VAL F 67 30.28 -13.30 -38.89
C VAL F 67 28.90 -13.30 -39.55
N PRO F 68 28.41 -14.47 -39.99
CA PRO F 68 27.12 -14.49 -40.69
C PRO F 68 25.91 -14.19 -39.81
N SER F 69 24.82 -13.81 -40.46
CA SER F 69 23.53 -13.58 -39.81
C SER F 69 22.53 -14.65 -40.25
N LEU F 70 21.71 -15.13 -39.32
CA LEU F 70 20.63 -16.06 -39.62
C LEU F 70 19.39 -15.32 -40.15
N ALA F 71 19.12 -14.15 -39.60
CA ALA F 71 17.96 -13.35 -40.00
C ALA F 71 18.08 -12.81 -41.43
N SER F 72 19.28 -12.38 -41.80
CA SER F 72 19.52 -11.89 -43.15
C SER F 72 20.80 -12.47 -43.70
N PRO F 73 20.76 -13.74 -44.12
CA PRO F 73 21.98 -14.32 -44.67
C PRO F 73 22.38 -13.63 -45.97
N GLN F 74 23.66 -13.30 -46.09
CA GLN F 74 24.19 -12.60 -47.25
C GLN F 74 25.48 -13.26 -47.69
N PHE F 75 25.61 -13.45 -48.99
CA PHE F 75 26.87 -13.79 -49.63
C PHE F 75 27.92 -12.73 -49.24
N MET F 76 29.10 -13.18 -48.84
CA MET F 76 30.20 -12.26 -48.46
C MET F 76 29.70 -11.21 -47.48
N GLN F 77 29.17 -11.68 -46.35
CA GLN F 77 28.47 -10.84 -45.38
C GLN F 77 29.25 -9.60 -44.97
N ALA F 78 30.54 -9.79 -44.65
CA ALA F 78 31.39 -8.68 -44.23
C ALA F 78 31.49 -7.58 -45.30
N HIS F 79 31.68 -8.00 -46.55
CA HIS F 79 31.71 -7.09 -47.67
C HIS F 79 30.39 -6.37 -47.86
N HIS F 80 29.29 -7.10 -47.74
CA HIS F 80 27.96 -6.51 -47.85
C HIS F 80 27.75 -5.40 -46.81
N ILE F 81 28.10 -5.70 -45.55
CA ILE F 81 27.97 -4.75 -44.46
C ILE F 81 28.83 -3.52 -44.72
N ALA F 82 30.09 -3.73 -45.07
CA ALA F 82 31.03 -2.65 -45.33
C ALA F 82 30.58 -1.74 -46.47
N THR F 83 29.94 -2.35 -47.49
CA THR F 83 29.48 -1.62 -48.66
C THR F 83 28.27 -0.77 -48.33
N VAL F 84 27.26 -1.39 -47.72
CA VAL F 84 26.03 -0.69 -47.34
C VAL F 84 26.28 0.39 -46.27
N ALA F 85 27.29 0.18 -45.43
CA ALA F 85 27.67 1.15 -44.40
C ALA F 85 28.52 2.31 -44.92
N GLY F 86 28.92 2.25 -46.20
CA GLY F 86 29.63 3.36 -46.83
C GLY F 86 31.11 3.46 -46.51
N LEU F 87 31.76 2.32 -46.28
CA LEU F 87 33.20 2.33 -45.99
C LEU F 87 34.04 2.50 -47.26
N PHE F 88 33.45 2.21 -48.43
CA PHE F 88 34.12 2.40 -49.71
C PHE F 88 33.57 3.65 -50.42
N PRO F 89 34.40 4.31 -51.24
CA PRO F 89 35.80 3.99 -51.53
C PRO F 89 36.72 4.31 -50.36
N THR F 90 37.88 3.67 -50.34
CA THR F 90 38.84 3.82 -49.26
C THR F 90 40.16 4.34 -49.83
N LYS F 91 40.88 5.14 -49.04
CA LYS F 91 42.13 5.70 -49.54
C LYS F 91 43.25 4.64 -49.60
N GLY F 92 43.45 3.90 -48.51
CA GLY F 92 44.51 2.90 -48.46
C GLY F 92 44.00 1.47 -48.64
N LYS F 93 44.80 0.51 -48.19
CA LYS F 93 44.42 -0.89 -48.19
C LYS F 93 43.35 -1.14 -47.12
N PHE F 94 42.43 -2.03 -47.45
CA PHE F 94 41.36 -2.40 -46.55
C PHE F 94 41.11 -3.90 -46.77
N ILE F 95 41.24 -4.69 -45.72
CA ILE F 95 41.03 -6.14 -45.83
C ILE F 95 39.71 -6.54 -45.16
N VAL F 96 38.86 -7.26 -45.88
CA VAL F 96 37.55 -7.66 -45.39
C VAL F 96 37.42 -9.18 -45.47
N ARG F 97 36.87 -9.81 -44.44
CA ARG F 97 36.59 -11.29 -44.48
C ARG F 97 35.42 -11.63 -43.54
N THR F 98 34.70 -12.67 -43.94
CA THR F 98 33.65 -13.24 -43.14
C THR F 98 34.13 -14.61 -42.67
N VAL F 99 33.90 -14.91 -41.40
CA VAL F 99 34.28 -16.20 -40.83
C VAL F 99 33.08 -16.83 -40.14
N ASP F 100 32.93 -18.15 -40.28
CA ASP F 100 31.83 -18.87 -39.63
C ASP F 100 32.39 -19.99 -38.74
N THR F 101 32.33 -19.77 -37.44
CA THR F 101 32.55 -20.84 -36.45
C THR F 101 31.39 -20.81 -35.45
N GLY F 102 30.20 -20.49 -35.94
CA GLY F 102 29.03 -20.38 -35.09
C GLY F 102 29.20 -19.33 -34.03
N GLY F 103 28.70 -19.60 -32.83
CA GLY F 103 28.85 -18.72 -31.70
C GLY F 103 30.25 -18.51 -31.18
N ALA F 104 31.21 -19.32 -31.64
CA ALA F 104 32.62 -19.08 -31.34
C ALA F 104 33.19 -17.93 -32.18
N GLY F 105 32.44 -17.51 -33.20
CA GLY F 105 32.90 -16.58 -34.22
C GLY F 105 33.52 -15.29 -33.74
N PRO F 106 32.89 -14.61 -32.77
CA PRO F 106 33.44 -13.32 -32.33
C PRO F 106 34.85 -13.45 -31.75
N ILE F 107 35.12 -14.55 -31.05
CA ILE F 107 36.44 -14.76 -30.45
C ILE F 107 37.43 -15.31 -31.49
N THR F 108 36.96 -16.19 -32.37
CA THR F 108 37.75 -16.58 -33.56
C THR F 108 38.22 -15.36 -34.35
N ALA F 109 37.30 -14.43 -34.61
CA ALA F 109 37.62 -13.21 -35.34
C ALA F 109 38.62 -12.34 -34.59
N LEU F 110 38.48 -12.30 -33.27
CA LEU F 110 39.39 -11.55 -32.41
C LEU F 110 40.81 -12.06 -32.56
N GLY F 111 40.97 -13.38 -32.60
CA GLY F 111 42.27 -14.00 -32.86
C GLY F 111 42.81 -13.68 -34.25
N MET F 112 41.93 -13.70 -35.25
CA MET F 112 42.32 -13.31 -36.59
C MET F 112 42.75 -11.84 -36.66
N ALA F 113 42.09 -10.99 -35.89
CA ALA F 113 42.42 -9.56 -35.85
C ALA F 113 43.83 -9.35 -35.29
N VAL F 114 44.14 -10.03 -34.19
CA VAL F 114 45.49 -10.00 -33.62
C VAL F 114 46.53 -10.41 -34.67
N ASP F 115 46.25 -11.50 -35.39
CA ASP F 115 47.14 -12.00 -36.46
C ASP F 115 47.38 -10.95 -37.56
N LEU F 116 46.32 -10.27 -37.99
CA LEU F 116 46.47 -9.20 -38.99
C LEU F 116 47.36 -8.05 -38.51
N VAL F 117 47.26 -7.70 -37.23
CA VAL F 117 48.09 -6.65 -36.65
C VAL F 117 49.54 -7.11 -36.52
N ARG F 118 49.76 -8.30 -35.99
CA ARG F 118 51.11 -8.81 -35.78
C ARG F 118 51.89 -9.08 -37.07
N THR F 119 51.21 -9.51 -38.12
CA THR F 119 51.83 -9.71 -39.42
C THR F 119 51.90 -8.41 -40.23
N ARG F 120 51.40 -7.32 -39.65
CA ARG F 120 51.42 -5.98 -40.26
C ARG F 120 50.60 -5.87 -41.55
N CYS F 121 49.56 -6.70 -41.67
CA CYS F 121 48.63 -6.60 -42.80
C CYS F 121 47.61 -5.49 -42.58
N ALA F 122 47.32 -5.17 -41.32
CA ALA F 122 46.41 -4.10 -40.97
C ALA F 122 46.72 -3.62 -39.56
N GLU F 123 46.88 -2.31 -39.41
CA GLU F 123 47.21 -1.70 -38.12
C GLU F 123 46.00 -1.63 -37.19
N THR F 124 44.81 -1.50 -37.79
CA THR F 124 43.56 -1.47 -37.02
C THR F 124 42.53 -2.39 -37.67
N VAL F 125 41.70 -3.03 -36.85
CA VAL F 125 40.74 -4.04 -37.33
C VAL F 125 39.41 -3.92 -36.62
N ALA F 126 38.33 -3.81 -37.39
CA ALA F 126 36.99 -3.87 -36.83
C ALA F 126 36.48 -5.30 -36.86
N VAL F 127 35.88 -5.75 -35.76
CA VAL F 127 35.23 -7.07 -35.68
C VAL F 127 33.77 -6.82 -35.37
N ILE F 128 32.89 -7.31 -36.24
CA ILE F 128 31.46 -7.03 -36.12
C ILE F 128 30.63 -8.31 -36.14
N ALA F 129 29.65 -8.37 -35.25
CA ALA F 129 28.62 -9.41 -35.25
C ALA F 129 27.27 -8.73 -35.10
N ALA F 130 26.30 -9.12 -35.93
CA ALA F 130 24.96 -8.53 -35.91
C ALA F 130 23.91 -9.56 -36.31
N ASP F 131 22.79 -9.59 -35.60
CA ASP F 131 21.65 -10.41 -36.02
C ASP F 131 20.33 -9.88 -35.47
N ALA F 132 19.23 -10.41 -36.00
CA ALA F 132 17.89 -9.98 -35.64
C ALA F 132 16.95 -11.19 -35.59
N VAL F 133 17.33 -12.19 -34.78
CA VAL F 133 16.58 -13.45 -34.73
C VAL F 133 15.31 -13.40 -33.87
N LEU F 134 15.08 -12.31 -33.14
CA LEU F 134 13.80 -12.15 -32.46
C LEU F 134 12.79 -11.51 -33.42
N SER F 135 13.22 -10.47 -34.12
CA SER F 135 12.34 -9.77 -35.06
C SER F 135 11.94 -10.60 -36.29
N MET F 136 12.74 -11.61 -36.62
CA MET F 136 12.46 -12.43 -37.81
C MET F 136 11.21 -13.31 -37.65
N GLY F 137 10.79 -13.55 -36.42
CA GLY F 137 9.58 -14.35 -36.15
C GLY F 137 9.90 -15.80 -35.84
N SER F 138 9.03 -16.43 -35.05
CA SER F 138 9.30 -17.78 -34.54
C SER F 138 9.32 -18.85 -35.62
N GLY F 139 8.45 -18.70 -36.62
CA GLY F 139 8.36 -19.66 -37.71
C GLY F 139 9.62 -19.68 -38.57
N ALA F 140 10.04 -18.49 -38.99
CA ALA F 140 11.26 -18.35 -39.78
C ALA F 140 12.48 -18.78 -38.98
N PHE F 141 12.54 -18.44 -37.70
CA PHE F 141 13.69 -18.82 -36.87
C PHE F 141 13.79 -20.33 -36.72
N ALA F 142 12.66 -20.97 -36.43
CA ALA F 142 12.62 -22.42 -36.27
C ALA F 142 13.08 -23.12 -37.54
N GLU F 143 12.58 -22.66 -38.67
CA GLU F 143 12.92 -23.24 -39.97
C GLU F 143 14.43 -23.16 -40.26
N ARG F 144 14.97 -21.95 -40.14
CA ARG F 144 16.38 -21.71 -40.48
C ARG F 144 17.35 -22.31 -39.46
N SER F 145 16.99 -22.27 -38.18
CA SER F 145 17.82 -22.87 -37.15
C SER F 145 17.83 -24.39 -37.26
N ASN F 146 16.69 -25.00 -37.58
CA ASN F 146 16.61 -26.45 -37.78
C ASN F 146 17.34 -26.89 -39.05
N ALA F 147 17.20 -26.11 -40.11
CA ALA F 147 17.91 -26.40 -41.36
C ALA F 147 19.42 -26.31 -41.18
N SER F 148 19.88 -25.55 -40.20
CA SER F 148 21.29 -25.48 -39.89
C SER F 148 21.87 -26.85 -39.49
N LEU F 149 21.02 -27.79 -39.08
CA LEU F 149 21.47 -29.11 -38.67
C LEU F 149 20.95 -30.28 -39.54
N ARG F 150 20.82 -30.06 -40.85
N ARG F 150 20.85 -30.07 -40.85
CA ARG F 150 20.42 -31.13 -41.79
CA ARG F 150 20.49 -31.14 -41.78
C ARG F 150 21.48 -32.29 -41.74
C ARG F 150 21.50 -32.28 -41.75
N ARG F 151 21.00 -33.51 -41.91
CA ARG F 151 21.81 -34.75 -41.80
C ARG F 151 22.24 -35.15 -40.37
N SER F 152 21.81 -34.40 -39.37
CA SER F 152 22.12 -34.73 -37.98
C SER F 152 21.26 -35.87 -37.45
N GLY F 153 20.04 -35.97 -37.97
CA GLY F 153 19.06 -36.95 -37.47
C GLY F 153 18.38 -36.49 -36.20
N LEU F 154 18.58 -35.23 -35.82
CA LEU F 154 18.05 -34.70 -34.57
C LEU F 154 16.59 -34.31 -34.76
N PRO F 155 15.73 -34.62 -33.75
CA PRO F 155 14.35 -34.13 -33.83
C PRO F 155 14.30 -32.61 -33.63
N GLU F 156 13.22 -31.99 -34.10
CA GLU F 156 13.05 -30.55 -33.96
C GLU F 156 12.49 -30.16 -32.59
N PRO F 157 12.94 -29.03 -32.02
CA PRO F 157 14.00 -28.15 -32.54
C PRO F 157 15.37 -28.80 -32.35
N CYS F 158 16.16 -28.79 -33.43
CA CYS F 158 17.36 -29.60 -33.52
C CYS F 158 18.48 -29.20 -32.55
N ILE F 159 18.76 -27.90 -32.43
CA ILE F 159 19.88 -27.46 -31.59
C ILE F 159 19.65 -27.82 -30.11
N PRO F 160 18.47 -27.48 -29.56
CA PRO F 160 18.17 -27.93 -28.19
C PRO F 160 18.24 -29.45 -28.00
N HIS F 161 17.74 -30.21 -28.96
CA HIS F 161 17.82 -31.69 -28.86
C HIS F 161 19.26 -32.21 -28.91
N GLY F 162 20.11 -31.55 -29.70
CA GLY F 162 21.53 -31.89 -29.76
C GLY F 162 22.21 -31.73 -28.41
N TYR F 163 22.06 -30.55 -27.82
CA TYR F 163 22.59 -30.30 -26.48
C TYR F 163 21.95 -31.19 -25.42
N ASP F 164 20.66 -31.47 -25.58
CA ASP F 164 19.94 -32.37 -24.69
C ASP F 164 20.56 -33.77 -24.66
N ARG F 165 21.00 -34.26 -25.82
CA ARG F 165 21.62 -35.58 -25.90
C ARG F 165 22.93 -35.65 -25.11
N TYR F 166 23.72 -34.57 -25.17
CA TYR F 166 24.94 -34.47 -24.37
C TYR F 166 24.63 -34.35 -22.89
N ALA F 167 23.58 -33.62 -22.54
CA ALA F 167 23.16 -33.51 -21.14
C ALA F 167 22.75 -34.87 -20.57
N GLN F 168 21.96 -35.63 -21.32
CA GLN F 168 21.56 -36.99 -20.91
C GLN F 168 22.78 -37.90 -20.74
N TRP F 169 23.75 -37.80 -21.66
CA TRP F 169 25.01 -38.54 -21.53
C TRP F 169 25.75 -38.18 -20.24
N TYR F 170 25.81 -36.89 -19.93
CA TYR F 170 26.40 -36.42 -18.67
C TYR F 170 25.72 -37.00 -17.43
N MET F 171 24.40 -37.06 -17.47
CA MET F 171 23.63 -37.59 -16.34
C MET F 171 23.95 -39.07 -16.13
N SER F 172 24.05 -39.82 -17.22
CA SER F 172 24.39 -41.25 -17.16
C SER F 172 25.86 -41.50 -16.81
N ARG F 173 26.75 -40.67 -17.35
CA ARG F 173 28.20 -40.89 -17.22
C ARG F 173 28.75 -40.37 -15.89
N TYR F 174 28.34 -39.16 -15.51
CA TYR F 174 28.92 -38.48 -14.35
C TYR F 174 27.95 -38.33 -13.17
N GLY F 175 26.69 -38.73 -13.35
CA GLY F 175 25.69 -38.56 -12.32
C GLY F 175 25.13 -37.16 -12.19
N LEU F 176 25.23 -36.36 -13.24
CA LEU F 176 24.63 -35.01 -13.26
C LEU F 176 23.13 -35.13 -12.99
N LYS F 177 22.61 -34.25 -12.15
CA LYS F 177 21.19 -34.30 -11.78
C LYS F 177 20.38 -33.26 -12.55
N ARG F 178 19.12 -33.61 -12.83
CA ARG F 178 18.23 -32.75 -13.57
C ARG F 178 18.13 -31.35 -12.97
N GLU F 179 18.04 -31.26 -11.64
CA GLU F 179 17.88 -29.98 -10.96
C GLU F 179 19.14 -29.10 -11.08
N GLN F 180 20.30 -29.73 -11.22
CA GLN F 180 21.55 -28.98 -11.37
C GLN F 180 21.62 -28.27 -12.74
N LEU F 181 21.00 -28.85 -13.75
CA LEU F 181 20.85 -28.18 -15.03
C LEU F 181 19.98 -26.94 -14.85
N ALA F 182 18.86 -27.12 -14.14
CA ALA F 182 17.87 -26.05 -13.96
C ALA F 182 18.39 -24.90 -13.11
N MET F 183 19.39 -25.16 -12.29
CA MET F 183 20.03 -24.13 -11.50
C MET F 183 20.80 -23.10 -12.31
N VAL F 184 21.23 -23.46 -13.52
CA VAL F 184 22.01 -22.56 -14.34
C VAL F 184 21.21 -21.27 -14.66
N PRO F 185 20.00 -21.40 -15.22
CA PRO F 185 19.25 -20.17 -15.49
C PRO F 185 18.83 -19.39 -14.24
N VAL F 186 18.66 -20.07 -13.11
CA VAL F 186 18.38 -19.38 -11.86
C VAL F 186 19.54 -18.44 -11.55
N LEU F 187 20.75 -18.97 -11.56
CA LEU F 187 21.95 -18.18 -11.28
C LEU F 187 22.12 -17.04 -12.30
N MET F 188 21.95 -17.35 -13.59
CA MET F 188 22.06 -16.34 -14.64
C MET F 188 21.01 -15.24 -14.50
N SER F 189 19.80 -15.61 -14.09
CA SER F 189 18.71 -14.64 -13.89
C SER F 189 18.99 -13.70 -12.71
N LYS F 190 19.67 -14.21 -11.69
CA LYS F 190 20.12 -13.38 -10.57
C LYS F 190 21.13 -12.33 -11.05
N MET F 191 22.00 -12.71 -11.96
CA MET F 191 22.95 -11.78 -12.55
C MET F 191 22.21 -10.78 -13.44
N ALA F 192 21.30 -11.29 -14.27
CA ALA F 192 20.55 -10.45 -15.20
C ALA F 192 19.79 -9.31 -14.52
N GLU F 193 19.26 -9.56 -13.33
CA GLU F 193 18.55 -8.56 -12.53
C GLU F 193 19.33 -7.27 -12.31
N ARG F 194 20.65 -7.38 -12.18
CA ARG F 194 21.51 -6.23 -11.93
C ARG F 194 22.03 -5.56 -13.20
N HIS F 195 21.56 -6.03 -14.36
CA HIS F 195 21.86 -5.41 -15.65
C HIS F 195 20.54 -4.92 -16.28
N PRO F 196 20.38 -3.60 -16.43
CA PRO F 196 19.10 -3.08 -16.93
C PRO F 196 18.76 -3.48 -18.37
N GLU F 197 19.79 -3.68 -19.18
CA GLU F 197 19.63 -4.09 -20.58
C GLU F 197 19.28 -5.56 -20.76
N ALA F 198 19.54 -6.38 -19.75
CA ALA F 198 19.25 -7.81 -19.87
C ALA F 198 17.78 -8.05 -20.15
N MET F 199 17.48 -9.03 -20.98
CA MET F 199 16.09 -9.31 -21.35
C MET F 199 15.29 -9.94 -20.21
N CYS F 200 15.96 -10.72 -19.38
CA CYS F 200 15.35 -11.23 -18.16
C CYS F 200 15.47 -10.15 -17.10
N GLN F 201 14.35 -9.74 -16.53
CA GLN F 201 14.40 -8.69 -15.51
C GLN F 201 13.99 -9.15 -14.10
N LYS F 202 13.33 -10.30 -14.00
CA LYS F 202 12.95 -10.87 -12.71
C LYS F 202 13.63 -12.22 -12.58
N ALA F 203 14.36 -12.43 -11.48
CA ALA F 203 15.05 -13.69 -11.25
C ALA F 203 14.07 -14.85 -11.18
N TYR F 204 14.48 -16.01 -11.67
CA TYR F 204 13.65 -17.21 -11.63
C TYR F 204 13.87 -17.95 -10.33
N THR F 205 12.89 -18.76 -9.94
CA THR F 205 13.08 -19.76 -8.89
C THR F 205 13.35 -21.09 -9.58
N LEU F 206 13.96 -22.02 -8.85
CA LEU F 206 14.22 -23.36 -9.39
C LEU F 206 12.93 -24.02 -9.86
N ASP F 207 11.88 -23.91 -9.04
CA ASP F 207 10.56 -24.46 -9.40
C ASP F 207 10.01 -23.88 -10.70
N GLU F 208 10.17 -22.57 -10.90
CA GLU F 208 9.69 -21.92 -12.13
C GLU F 208 10.39 -22.50 -13.36
N VAL F 209 11.70 -22.70 -13.28
CA VAL F 209 12.47 -23.28 -14.38
C VAL F 209 11.99 -24.70 -14.67
N LEU F 210 11.88 -25.52 -13.61
CA LEU F 210 11.45 -26.91 -13.77
C LEU F 210 10.00 -27.05 -14.20
N HIS F 211 9.17 -26.06 -13.88
CA HIS F 211 7.76 -26.10 -14.26
CA HIS F 211 7.74 -26.02 -14.22
C HIS F 211 7.53 -25.46 -15.62
N SER F 212 8.53 -24.77 -16.16
CA SER F 212 8.40 -24.14 -17.47
C SER F 212 8.33 -25.17 -18.58
N ARG F 213 7.76 -24.73 -19.70
CA ARG F 213 7.46 -25.58 -20.85
C ARG F 213 8.66 -26.42 -21.29
N CYS F 214 8.45 -27.73 -21.42
CA CYS F 214 9.48 -28.64 -21.90
CA CYS F 214 9.49 -28.63 -21.91
C CYS F 214 9.80 -28.38 -23.39
N VAL F 215 11.08 -28.32 -23.73
CA VAL F 215 11.53 -28.14 -25.11
C VAL F 215 12.18 -29.42 -25.63
N ALA F 216 12.97 -30.06 -24.77
CA ALA F 216 13.60 -31.33 -25.04
C ALA F 216 13.57 -32.15 -23.75
N PRO F 217 13.86 -33.47 -23.82
CA PRO F 217 13.68 -34.35 -22.66
C PRO F 217 14.18 -33.82 -21.31
N VAL F 218 15.32 -33.13 -21.29
CA VAL F 218 15.85 -32.56 -20.05
C VAL F 218 16.19 -31.08 -20.21
N THR F 219 15.44 -30.39 -21.07
CA THR F 219 15.67 -28.98 -21.34
C THR F 219 14.32 -28.27 -21.44
N ASN F 220 14.06 -27.34 -20.53
CA ASN F 220 12.83 -26.55 -20.55
C ASN F 220 13.07 -25.15 -21.12
N LEU F 221 11.97 -24.47 -21.41
CA LEU F 221 12.01 -23.17 -22.08
C LEU F 221 12.97 -22.18 -21.40
N LEU F 222 12.90 -22.07 -20.08
CA LEU F 222 13.73 -21.11 -19.35
C LEU F 222 15.22 -21.50 -19.30
N GLU F 223 15.54 -22.72 -19.75
CA GLU F 223 16.95 -23.15 -19.89
C GLU F 223 17.53 -22.87 -21.28
N CYS F 224 16.70 -22.39 -22.21
CA CYS F 224 17.13 -22.17 -23.59
C CYS F 224 17.67 -20.75 -23.79
N ALA F 225 18.65 -20.61 -24.67
CA ALA F 225 19.15 -19.31 -25.07
C ALA F 225 17.98 -18.41 -25.51
N ARG F 226 18.01 -17.16 -25.07
CA ARG F 226 16.91 -16.23 -25.28
C ARG F 226 17.10 -15.50 -26.61
N ARG F 227 16.22 -15.78 -27.58
CA ARG F 227 16.25 -15.10 -28.87
C ARG F 227 16.22 -13.58 -28.69
N ALA F 228 17.02 -12.88 -29.48
CA ALA F 228 17.13 -11.42 -29.39
C ALA F 228 17.72 -10.85 -30.67
N ASP F 229 17.53 -9.55 -30.88
CA ASP F 229 18.27 -8.82 -31.90
C ASP F 229 19.39 -8.07 -31.19
N GLY F 230 20.45 -7.77 -31.90
CA GLY F 230 21.53 -6.98 -31.34
C GLY F 230 22.77 -7.03 -32.21
N ALA F 231 23.67 -6.06 -32.01
CA ALA F 231 24.94 -6.04 -32.69
C ALA F 231 26.02 -5.47 -31.78
N VAL F 232 27.25 -5.95 -31.96
CA VAL F 232 28.40 -5.43 -31.25
C VAL F 232 29.54 -5.27 -32.24
N ALA F 233 30.32 -4.21 -32.06
CA ALA F 233 31.51 -3.97 -32.85
C ALA F 233 32.69 -3.71 -31.92
N LEU F 234 33.83 -4.30 -32.26
CA LEU F 234 35.08 -4.11 -31.53
C LEU F 234 36.10 -3.51 -32.48
N ILE F 235 36.94 -2.63 -31.98
CA ILE F 235 38.08 -2.14 -32.74
C ILE F 235 39.34 -2.66 -32.05
N VAL F 236 40.23 -3.25 -32.84
CA VAL F 236 41.47 -3.85 -32.34
C VAL F 236 42.63 -3.12 -32.98
N SER F 237 43.64 -2.78 -32.19
CA SER F 237 44.79 -2.04 -32.68
C SER F 237 46.05 -2.38 -31.89
N GLY F 238 47.20 -2.29 -32.55
CA GLY F 238 48.47 -2.35 -31.86
C GLY F 238 48.56 -1.21 -30.85
N GLU F 239 49.15 -1.49 -29.70
CA GLU F 239 49.22 -0.55 -28.59
C GLU F 239 49.97 0.73 -28.98
N ALA F 240 51.15 0.55 -29.57
CA ALA F 240 52.01 1.68 -29.94
C ALA F 240 51.35 2.52 -31.03
N HIS F 241 50.82 1.86 -32.05
CA HIS F 241 50.10 2.55 -33.12
C HIS F 241 48.98 3.42 -32.57
N TYR F 242 48.18 2.85 -31.67
CA TYR F 242 47.05 3.54 -31.06
C TYR F 242 47.50 4.73 -30.22
N ALA F 243 48.53 4.52 -29.41
CA ALA F 243 49.07 5.57 -28.54
C ALA F 243 49.56 6.78 -29.34
N GLU F 244 50.20 6.53 -30.47
CA GLU F 244 50.77 7.60 -31.29
C GLU F 244 49.73 8.49 -31.98
N HIS F 245 48.65 7.87 -32.47
CA HIS F 245 47.71 8.56 -33.36
C HIS F 245 46.38 8.94 -32.71
N PHE F 246 45.91 8.16 -31.74
CA PHE F 246 44.55 8.31 -31.22
C PHE F 246 44.40 8.49 -29.71
N ALA F 247 45.49 8.35 -28.96
CA ALA F 247 45.44 8.51 -27.50
C ALA F 247 45.81 9.93 -27.13
N LEU F 256 42.19 3.11 -17.42
CA LEU F 256 42.41 3.18 -18.87
C LEU F 256 42.85 1.84 -19.45
N GLY F 257 43.85 1.22 -18.83
CA GLY F 257 44.33 -0.11 -19.22
C GLY F 257 43.21 -1.12 -19.34
N GLY F 258 42.35 -1.18 -18.32
CA GLY F 258 41.22 -2.11 -18.30
C GLY F 258 40.10 -1.80 -19.29
N SER F 259 39.93 -0.53 -19.63
CA SER F 259 38.88 -0.12 -20.57
C SER F 259 39.27 -0.40 -22.01
N LYS F 260 40.58 -0.55 -22.26
CA LYS F 260 41.11 -0.91 -23.57
C LYS F 260 42.09 -2.08 -23.40
N PRO F 261 41.58 -3.26 -23.02
CA PRO F 261 42.44 -4.34 -22.54
C PRO F 261 43.35 -4.97 -23.58
N ILE F 262 44.47 -5.52 -23.11
CA ILE F 262 45.38 -6.29 -23.94
C ILE F 262 44.73 -7.64 -24.23
N ILE F 263 44.80 -8.06 -25.49
CA ILE F 263 44.41 -9.42 -25.85
C ILE F 263 45.66 -10.28 -25.65
N ALA F 264 45.73 -10.93 -24.50
CA ALA F 264 46.93 -11.69 -24.10
C ALA F 264 47.09 -12.97 -24.91
N SER F 265 45.98 -13.63 -25.21
CA SER F 265 46.00 -14.83 -26.03
C SER F 265 44.62 -15.16 -26.58
N VAL F 266 44.61 -15.86 -27.70
CA VAL F 266 43.40 -16.46 -28.27
C VAL F 266 43.73 -17.86 -28.77
N ALA F 267 42.85 -18.83 -28.52
CA ALA F 267 43.06 -20.21 -28.97
C ALA F 267 41.74 -20.85 -29.36
N GLU F 268 41.81 -21.80 -30.31
CA GLU F 268 40.62 -22.49 -30.78
C GLU F 268 40.79 -24.00 -30.81
N ALA F 269 39.66 -24.69 -30.83
CA ALA F 269 39.62 -26.14 -31.04
C ALA F 269 38.21 -26.48 -31.49
N SER F 270 38.03 -27.69 -32.02
CA SER F 270 36.78 -28.03 -32.70
C SER F 270 36.34 -29.46 -32.44
N GLY F 271 35.08 -29.72 -32.76
CA GLY F 271 34.50 -31.05 -32.65
C GLY F 271 33.38 -31.20 -33.66
N PRO F 272 32.73 -32.38 -33.67
CA PRO F 272 31.71 -32.65 -34.68
C PRO F 272 30.54 -31.67 -34.59
N LEU F 273 29.91 -31.40 -35.74
CA LEU F 273 28.79 -30.47 -35.80
C LEU F 273 27.58 -30.96 -35.01
N PHE F 274 27.39 -32.28 -34.97
CA PHE F 274 26.29 -32.88 -34.23
C PHE F 274 26.72 -34.20 -33.60
N PRO F 275 26.02 -34.65 -32.55
CA PRO F 275 26.46 -35.87 -31.86
C PRO F 275 26.24 -37.14 -32.69
N PRO F 276 26.96 -38.22 -32.34
CA PRO F 276 26.73 -39.51 -33.00
C PRO F 276 25.35 -40.06 -32.69
N GLY F 277 24.82 -40.90 -33.57
CA GLY F 277 23.52 -41.52 -33.37
C GLY F 277 23.48 -42.30 -32.06
N SER F 278 24.53 -43.07 -31.80
CA SER F 278 24.66 -43.84 -30.56
C SER F 278 25.59 -43.14 -29.55
N SER F 279 25.10 -42.93 -28.32
CA SER F 279 25.91 -42.47 -27.20
C SER F 279 26.57 -43.68 -26.52
N ILE F 282 29.14 -41.42 -27.87
CA ILE F 282 29.68 -40.18 -27.29
C ILE F 282 30.87 -40.47 -26.36
N VAL F 283 31.93 -39.70 -26.53
CA VAL F 283 33.15 -39.85 -25.74
C VAL F 283 33.68 -38.49 -25.25
N PRO F 284 34.47 -38.48 -24.16
CA PRO F 284 34.96 -37.22 -23.58
C PRO F 284 35.85 -36.37 -24.50
N ASP F 285 36.57 -37.01 -25.43
CA ASP F 285 37.45 -36.28 -26.34
C ASP F 285 36.69 -35.49 -27.43
N ILE F 286 35.37 -35.67 -27.51
CA ILE F 286 34.54 -34.84 -28.39
C ILE F 286 34.59 -33.37 -27.97
N PHE F 287 34.64 -33.12 -26.66
CA PHE F 287 34.58 -31.76 -26.11
C PHE F 287 35.92 -31.03 -26.27
N SER F 288 35.87 -29.85 -26.87
CA SER F 288 37.06 -29.13 -27.31
C SER F 288 37.44 -27.93 -26.45
N CYS F 289 36.54 -27.49 -25.57
CA CYS F 289 36.80 -26.30 -24.75
C CYS F 289 38.07 -26.47 -23.91
N ARG F 290 38.28 -27.65 -23.35
CA ARG F 290 39.46 -27.90 -22.52
C ARG F 290 40.76 -27.64 -23.29
N HIS F 291 40.82 -28.13 -24.53
CA HIS F 291 42.00 -27.93 -25.37
C HIS F 291 42.24 -26.43 -25.65
N ALA F 292 41.18 -25.72 -26.01
CA ALA F 292 41.28 -24.29 -26.31
C ALA F 292 41.72 -23.52 -25.08
N ALA F 293 41.13 -23.85 -23.93
CA ALA F 293 41.47 -23.19 -22.68
C ALA F 293 42.94 -23.39 -22.34
N ARG F 294 43.39 -24.64 -22.38
CA ARG F 294 44.79 -24.98 -22.10
C ARG F 294 45.76 -24.17 -22.96
N ASP F 295 45.51 -24.13 -24.27
CA ASP F 295 46.38 -23.39 -25.19
C ASP F 295 46.35 -21.88 -24.97
N ALA F 296 45.19 -21.34 -24.61
CA ALA F 296 45.08 -19.90 -24.28
C ALA F 296 45.90 -19.56 -23.03
N PHE F 297 45.79 -20.41 -22.01
CA PHE F 297 46.56 -20.23 -20.79
C PHE F 297 48.07 -20.29 -21.06
N LEU F 298 48.49 -21.27 -21.86
CA LEU F 298 49.90 -21.45 -22.24
C LEU F 298 50.44 -20.23 -22.97
N SER F 299 49.71 -19.78 -23.99
CA SER F 299 50.09 -18.59 -24.75
C SER F 299 50.19 -17.33 -23.89
N ALA F 300 49.30 -17.19 -22.91
CA ALA F 300 49.29 -16.02 -22.03
C ALA F 300 50.25 -16.16 -20.84
N ASN F 301 50.75 -17.37 -20.60
CA ASN F 301 51.57 -17.66 -19.42
C ASN F 301 50.84 -17.36 -18.10
N LEU F 302 49.61 -17.88 -18.00
CA LEU F 302 48.76 -17.67 -16.84
C LEU F 302 48.08 -18.98 -16.45
N ASN F 303 47.55 -19.02 -15.23
CA ASN F 303 46.75 -20.15 -14.77
C ASN F 303 45.34 -19.68 -14.40
N VAL F 304 44.45 -20.63 -14.11
CA VAL F 304 43.06 -20.28 -13.81
C VAL F 304 42.95 -19.39 -12.56
N GLY F 305 43.84 -19.61 -11.59
CA GLY F 305 43.89 -18.82 -10.37
C GLY F 305 44.24 -17.35 -10.60
N ASP F 306 44.87 -17.04 -11.73
CA ASP F 306 45.16 -15.66 -12.11
C ASP F 306 43.96 -14.92 -12.71
N ILE F 307 42.91 -15.66 -13.05
CA ILE F 307 41.71 -15.09 -13.70
C ILE F 307 40.62 -14.83 -12.67
N HIS F 308 40.07 -13.62 -12.65
CA HIS F 308 39.01 -13.29 -11.69
C HIS F 308 37.68 -12.90 -12.32
N PHE F 309 37.58 -12.97 -13.65
CA PHE F 309 36.28 -12.92 -14.31
C PHE F 309 36.24 -13.88 -15.47
N PHE F 310 35.11 -14.57 -15.60
CA PHE F 310 34.88 -15.53 -16.65
C PHE F 310 33.60 -15.20 -17.41
N GLY F 311 33.72 -14.97 -18.71
CA GLY F 311 32.57 -14.81 -19.60
C GLY F 311 32.46 -16.08 -20.41
N LEU F 312 31.54 -16.95 -20.00
CA LEU F 312 31.47 -18.31 -20.54
C LEU F 312 30.15 -18.57 -21.26
N TYR F 313 30.26 -19.00 -22.51
CA TYR F 313 29.11 -19.30 -23.37
C TYR F 313 28.18 -20.28 -22.64
N ASP F 314 26.89 -19.99 -22.66
CA ASP F 314 25.92 -20.73 -21.89
C ASP F 314 24.58 -20.83 -22.64
N CYS F 315 24.63 -21.31 -23.88
CA CYS F 315 23.42 -21.40 -24.72
C CYS F 315 22.38 -22.34 -24.09
N PHE F 316 22.87 -23.37 -23.41
CA PHE F 316 22.06 -24.26 -22.58
C PHE F 316 22.86 -24.62 -21.32
N PRO F 317 22.17 -25.09 -20.27
CA PRO F 317 22.88 -25.33 -19.00
C PRO F 317 24.09 -26.26 -19.15
N ILE F 318 23.96 -27.31 -19.96
CA ILE F 318 25.06 -28.26 -20.16
C ILE F 318 26.33 -27.57 -20.73
N CYS F 319 26.15 -26.52 -21.52
CA CYS F 319 27.28 -25.75 -22.04
C CYS F 319 28.07 -25.09 -20.92
N LEU F 320 27.38 -24.45 -19.97
CA LEU F 320 28.05 -23.78 -18.87
C LEU F 320 28.69 -24.80 -17.91
N ILE F 321 27.99 -25.91 -17.68
CA ILE F 321 28.49 -26.97 -16.82
C ILE F 321 29.80 -27.53 -17.38
N GLN F 322 29.83 -27.77 -18.69
CA GLN F 322 31.02 -28.23 -19.38
C GLN F 322 32.14 -27.17 -19.35
N ALA F 323 31.75 -25.91 -19.53
CA ALA F 323 32.71 -24.80 -19.56
C ALA F 323 33.49 -24.61 -18.26
N VAL F 324 32.80 -24.62 -17.12
CA VAL F 324 33.47 -24.41 -15.82
C VAL F 324 34.48 -25.52 -15.54
N GLU F 325 34.15 -26.75 -15.96
CA GLU F 325 35.07 -27.87 -15.88
C GLU F 325 36.29 -27.65 -16.77
N ALA F 326 36.03 -27.30 -18.04
CA ALA F 326 37.08 -27.12 -19.04
C ALA F 326 38.12 -26.05 -18.68
N VAL F 327 37.67 -24.92 -18.14
CA VAL F 327 38.59 -23.83 -17.82
C VAL F 327 39.29 -24.05 -16.47
N GLY F 328 38.88 -25.07 -15.73
CA GLY F 328 39.54 -25.44 -14.48
C GLY F 328 38.94 -24.87 -13.20
N LEU F 329 37.71 -24.38 -13.25
CA LEU F 329 37.02 -23.90 -12.05
C LEU F 329 36.53 -25.03 -11.14
N CYS F 330 36.40 -26.23 -11.70
CA CYS F 330 36.06 -27.41 -10.90
C CYS F 330 36.50 -28.65 -11.66
N PRO F 331 36.51 -29.82 -10.99
CA PRO F 331 36.98 -31.06 -11.65
C PRO F 331 36.02 -31.56 -12.72
N GLU F 332 36.53 -32.34 -13.65
CA GLU F 332 35.75 -32.93 -14.74
C GLU F 332 34.59 -33.73 -14.16
N GLY F 333 33.43 -33.59 -14.78
CA GLY F 333 32.22 -34.27 -14.32
C GLY F 333 31.52 -33.66 -13.12
N LYS F 334 32.08 -32.60 -12.53
CA LYS F 334 31.57 -32.01 -11.29
C LYS F 334 30.91 -30.64 -11.49
N GLY F 335 30.75 -30.21 -12.74
CA GLY F 335 30.18 -28.89 -13.03
C GLY F 335 28.78 -28.69 -12.48
N GLY F 336 27.99 -29.75 -12.44
CA GLY F 336 26.65 -29.71 -11.84
C GLY F 336 26.67 -29.42 -10.35
N GLU F 337 27.65 -29.99 -9.67
CA GLU F 337 27.83 -29.76 -8.24
C GLU F 337 28.32 -28.34 -7.96
N PHE F 338 29.14 -27.82 -8.86
CA PHE F 338 29.61 -26.44 -8.79
C PHE F 338 28.40 -25.49 -8.81
N MET F 339 27.42 -25.77 -9.68
CA MET F 339 26.20 -24.97 -9.75
C MET F 339 25.40 -25.08 -8.46
N GLU F 340 25.26 -26.30 -7.93
CA GLU F 340 24.46 -26.54 -6.74
C GLU F 340 25.01 -25.85 -5.51
N THR F 341 26.32 -25.89 -5.32
CA THR F 341 26.94 -25.19 -4.19
C THR F 341 26.70 -23.67 -4.28
N ALA F 342 26.83 -23.11 -5.48
CA ALA F 342 26.57 -21.68 -5.68
C ALA F 342 25.09 -21.34 -5.43
N TYR F 343 24.21 -22.22 -5.90
CA TYR F 343 22.76 -22.07 -5.69
C TYR F 343 22.42 -22.11 -4.20
N ASN F 344 22.91 -23.14 -3.52
CA ASN F 344 22.71 -23.28 -2.08
C ASN F 344 23.22 -22.08 -1.29
N GLU F 345 24.36 -21.53 -1.70
CA GLU F 345 24.94 -20.39 -0.99
C GLU F 345 24.08 -19.15 -1.21
N MET F 346 23.58 -19.00 -2.44
CA MET F 346 22.64 -17.92 -2.75
C MET F 346 21.42 -17.99 -1.83
N LEU F 347 20.83 -19.18 -1.69
CA LEU F 347 19.68 -19.37 -0.81
C LEU F 347 19.97 -19.03 0.65
N ASN F 348 21.15 -19.43 1.13
CA ASN F 348 21.57 -19.14 2.50
C ASN F 348 22.03 -17.70 2.71
N ASN F 349 22.21 -16.95 1.62
CA ASN F 349 22.60 -15.54 1.67
C ASN F 349 21.41 -14.63 1.37
N GLY F 350 20.21 -15.02 1.82
CA GLY F 350 19.00 -14.24 1.63
C GLY F 350 18.60 -14.07 0.17
N GLY F 351 18.90 -15.08 -0.65
CA GLY F 351 18.59 -15.02 -2.08
C GLY F 351 19.50 -14.16 -2.92
N VAL F 352 20.58 -13.63 -2.34
CA VAL F 352 21.51 -12.76 -3.04
C VAL F 352 22.69 -13.56 -3.59
N LEU F 353 22.90 -13.47 -4.91
CA LEU F 353 24.05 -14.11 -5.54
C LEU F 353 25.22 -13.13 -5.54
N ASP F 354 26.21 -13.38 -4.68
CA ASP F 354 27.38 -12.53 -4.55
C ASP F 354 28.34 -12.79 -5.72
N PRO F 355 28.61 -11.77 -6.55
CA PRO F 355 29.51 -11.94 -7.69
C PRO F 355 30.88 -12.51 -7.34
N SER F 356 31.42 -12.14 -6.18
CA SER F 356 32.74 -12.60 -5.78
C SER F 356 32.80 -14.13 -5.56
N LYS F 357 31.66 -14.73 -5.22
CA LYS F 357 31.59 -16.18 -5.03
C LYS F 357 31.19 -16.92 -6.31
N PHE F 358 30.80 -16.18 -7.35
CA PHE F 358 30.41 -16.76 -8.62
C PHE F 358 30.74 -15.74 -9.73
N PRO F 359 32.04 -15.59 -10.03
CA PRO F 359 32.52 -14.50 -10.90
C PRO F 359 32.38 -14.87 -12.38
N ILE F 360 31.14 -15.18 -12.78
CA ILE F 360 30.85 -15.75 -14.07
C ILE F 360 29.60 -15.09 -14.66
N ASN F 361 29.70 -14.61 -15.88
CA ASN F 361 28.52 -14.12 -16.62
C ASN F 361 27.68 -13.15 -15.81
N THR F 362 28.33 -12.12 -15.28
CA THR F 362 27.64 -11.15 -14.42
C THR F 362 26.59 -10.34 -15.17
N HIS F 363 26.58 -10.44 -16.50
CA HIS F 363 25.55 -9.82 -17.35
C HIS F 363 24.28 -10.68 -17.52
N GLY F 364 24.39 -11.99 -17.27
CA GLY F 364 23.25 -12.92 -17.41
C GLY F 364 23.37 -13.94 -18.53
N GLY F 365 24.38 -13.80 -19.38
CA GLY F 365 24.65 -14.75 -20.45
C GLY F 365 23.58 -14.88 -21.52
N LEU F 366 23.67 -15.94 -22.33
CA LEU F 366 22.71 -16.21 -23.38
C LEU F 366 21.34 -16.54 -22.81
N GLN F 367 21.35 -17.11 -21.60
CA GLN F 367 20.14 -17.48 -20.89
C GLN F 367 19.25 -16.29 -20.57
N CYS F 368 19.86 -15.24 -20.04
CA CYS F 368 19.09 -14.16 -19.39
C CYS F 368 19.45 -12.75 -19.84
N PHE F 369 20.64 -12.56 -20.43
CA PHE F 369 20.94 -11.31 -21.10
C PHE F 369 20.32 -11.31 -22.49
N GLY F 370 20.68 -12.31 -23.30
CA GLY F 370 20.12 -12.48 -24.65
C GLY F 370 21.08 -13.08 -25.65
N ALA F 371 20.54 -13.64 -26.72
CA ALA F 371 21.32 -14.44 -27.67
C ALA F 371 20.94 -14.20 -29.14
N PRO F 372 21.55 -13.19 -29.77
CA PRO F 372 21.38 -12.99 -31.21
C PRO F 372 22.28 -13.91 -32.06
N TRP F 373 21.96 -15.21 -32.08
CA TRP F 373 22.64 -16.20 -32.91
C TRP F 373 24.15 -16.24 -32.67
N GLU F 374 24.97 -15.76 -33.61
CA GLU F 374 26.45 -15.80 -33.45
C GLU F 374 27.03 -14.58 -32.72
N VAL F 375 26.17 -13.65 -32.27
CA VAL F 375 26.61 -12.43 -31.59
C VAL F 375 27.10 -12.58 -30.13
N PRO F 376 26.41 -13.38 -29.31
CA PRO F 376 26.49 -13.18 -27.86
C PRO F 376 27.84 -13.46 -27.16
N ALA F 377 28.80 -14.11 -27.81
CA ALA F 377 30.15 -14.19 -27.25
C ALA F 377 30.76 -12.78 -27.15
N MET F 378 30.26 -11.86 -27.98
CA MET F 378 30.59 -10.43 -27.86
C MET F 378 30.23 -9.85 -26.47
N TYR F 379 29.12 -10.28 -25.90
CA TYR F 379 28.71 -9.78 -24.59
C TYR F 379 29.57 -10.32 -23.44
N ASN F 380 30.20 -11.48 -23.64
CA ASN F 380 31.21 -11.95 -22.69
C ASN F 380 32.39 -10.98 -22.69
N ILE F 381 32.77 -10.52 -23.88
CA ILE F 381 33.86 -9.58 -24.03
C ILE F 381 33.50 -8.22 -23.43
N THR F 382 32.30 -7.73 -23.72
CA THR F 382 31.88 -6.41 -23.22
C THR F 382 31.71 -6.43 -21.70
N GLU F 383 31.24 -7.54 -21.15
CA GLU F 383 31.11 -7.65 -19.70
C GLU F 383 32.47 -7.76 -19.03
N ALA F 384 33.41 -8.45 -19.68
CA ALA F 384 34.78 -8.54 -19.17
C ALA F 384 35.43 -7.15 -19.13
N ILE F 385 35.25 -6.38 -20.19
CA ILE F 385 35.79 -5.01 -20.25
C ILE F 385 35.21 -4.14 -19.13
N ALA F 386 33.91 -4.24 -18.90
CA ALA F 386 33.25 -3.49 -17.84
C ALA F 386 33.83 -3.84 -16.46
N GLN F 387 34.05 -5.13 -16.23
CA GLN F 387 34.63 -5.59 -14.97
C GLN F 387 36.07 -5.11 -14.81
N LEU F 388 36.87 -5.27 -15.86
CA LEU F 388 38.27 -4.85 -15.84
C LEU F 388 38.44 -3.34 -15.65
N SER F 389 37.51 -2.55 -16.18
CA SER F 389 37.62 -1.09 -16.11
C SER F 389 36.89 -0.52 -14.89
N GLU F 390 36.33 -1.38 -14.06
CA GLU F 390 35.55 -0.98 -12.89
C GLU F 390 34.32 -0.16 -13.28
N GLU F 391 33.65 -0.60 -14.35
CA GLU F 391 32.45 0.09 -14.85
C GLU F 391 31.25 -0.86 -14.91
N ALA F 392 31.29 -1.93 -14.10
CA ALA F 392 30.24 -2.94 -14.10
C ALA F 392 29.15 -2.65 -13.06
N GLY F 393 29.28 -1.53 -12.34
CA GLY F 393 28.21 -1.02 -11.47
C GLY F 393 27.86 -1.92 -10.30
N ASP F 394 26.57 -2.25 -10.18
CA ASP F 394 26.08 -3.12 -9.11
C ASP F 394 26.52 -4.59 -9.31
N ARG F 395 27.09 -4.91 -10.47
CA ARG F 395 27.63 -6.24 -10.76
C ARG F 395 29.14 -6.29 -10.49
N GLN F 396 29.73 -5.15 -10.13
CA GLN F 396 31.18 -5.01 -10.09
C GLN F 396 31.87 -5.92 -9.08
N LEU F 397 32.93 -6.58 -9.53
CA LEU F 397 33.73 -7.44 -8.68
C LEU F 397 34.78 -6.61 -7.94
N THR F 398 34.95 -6.90 -6.65
CA THR F 398 35.96 -6.26 -5.81
C THR F 398 36.82 -7.36 -5.18
N PRO F 399 38.15 -7.24 -5.24
CA PRO F 399 38.91 -6.17 -5.90
C PRO F 399 38.73 -6.21 -7.41
N VAL F 400 39.15 -5.16 -8.10
CA VAL F 400 38.94 -5.07 -9.54
C VAL F 400 39.76 -6.18 -10.19
N PRO F 401 39.11 -7.04 -10.99
CA PRO F 401 39.88 -8.07 -11.71
C PRO F 401 40.92 -7.46 -12.64
N LYS F 402 42.12 -8.03 -12.65
CA LYS F 402 43.17 -7.59 -13.57
C LYS F 402 43.15 -8.42 -14.85
N ARG F 403 42.51 -9.58 -14.80
CA ARG F 403 42.56 -10.54 -15.91
C ARG F 403 41.20 -11.23 -16.05
N ALA F 404 40.81 -11.47 -17.29
CA ALA F 404 39.52 -12.08 -17.59
C ALA F 404 39.68 -13.13 -18.68
N LEU F 405 38.80 -14.13 -18.66
CA LEU F 405 38.77 -15.15 -19.68
C LEU F 405 37.38 -15.15 -20.31
N VAL F 406 37.33 -15.17 -21.63
CA VAL F 406 36.07 -15.27 -22.37
C VAL F 406 36.07 -16.50 -23.27
N TYR F 407 34.89 -17.11 -23.41
CA TYR F 407 34.75 -18.37 -24.11
C TYR F 407 33.55 -18.31 -25.04
N GLY F 408 33.75 -18.66 -26.30
CA GLY F 408 32.70 -18.76 -27.30
C GLY F 408 32.57 -20.20 -27.76
N ASN F 409 31.33 -20.63 -28.00
CA ASN F 409 31.05 -21.98 -28.45
C ASN F 409 30.12 -21.92 -29.64
N GLY F 410 30.39 -22.76 -30.65
CA GLY F 410 29.57 -22.81 -31.86
C GLY F 410 29.06 -24.21 -32.14
N GLY F 411 27.95 -24.29 -32.86
CA GLY F 411 27.37 -25.58 -33.22
C GLY F 411 26.86 -26.28 -32.00
N ILE F 412 27.12 -27.58 -31.90
CA ILE F 412 26.76 -28.36 -30.73
C ILE F 412 28.07 -28.88 -30.14
N PHE F 413 28.70 -28.04 -29.30
CA PHE F 413 30.08 -28.24 -28.86
C PHE F 413 31.03 -28.47 -30.04
N SER F 414 30.80 -27.78 -31.15
CA SER F 414 31.54 -28.02 -32.39
C SER F 414 32.75 -27.09 -32.57
N ALA F 415 32.69 -25.92 -31.95
CA ALA F 415 33.74 -24.93 -32.05
C ALA F 415 33.94 -24.31 -30.68
N SER F 416 35.20 -24.23 -30.24
CA SER F 416 35.58 -23.59 -29.01
C SER F 416 36.56 -22.47 -29.31
N SER F 417 36.30 -21.29 -28.76
CA SER F 417 37.23 -20.16 -28.87
C SER F 417 37.39 -19.52 -27.51
N VAL F 418 38.64 -19.31 -27.10
CA VAL F 418 38.93 -18.81 -25.76
C VAL F 418 39.94 -17.67 -25.91
N ALA F 419 39.67 -16.56 -25.24
CA ALA F 419 40.60 -15.45 -25.20
C ALA F 419 40.83 -15.01 -23.77
N ILE F 420 42.03 -14.48 -23.51
CA ILE F 420 42.35 -13.94 -22.21
C ILE F 420 42.67 -12.45 -22.39
N LEU F 421 41.98 -11.63 -21.60
CA LEU F 421 42.13 -10.18 -21.65
C LEU F 421 42.73 -9.70 -20.36
N ILE F 422 43.75 -8.85 -20.45
CA ILE F 422 44.41 -8.30 -19.26
C ILE F 422 44.52 -6.79 -19.37
N SER F 423 44.48 -6.12 -18.21
CA SER F 423 44.50 -4.66 -18.18
C SER F 423 45.87 -4.11 -18.54
N ASP F 424 46.93 -4.73 -18.00
CA ASP F 424 48.30 -4.26 -18.23
C ASP F 424 49.35 -5.38 -18.12
N1A CAA G . 2.43 28.27 29.08
C2A CAA G . 3.15 28.85 30.06
N3A CAA G . 4.06 29.82 29.83
C4A CAA G . 4.29 30.28 28.58
C5A CAA G . 3.55 29.69 27.46
C6A CAA G . 2.57 28.63 27.79
N6A CAA G . 1.85 28.05 26.79
N7A CAA G . 3.96 30.32 26.35
C8A CAA G . 4.91 31.22 26.71
N9A CAA G . 5.10 31.20 28.04
C1B CAA G . 6.03 32.06 28.80
C2B CAA G . 7.48 31.75 28.45
O2B CAA G . 8.11 31.04 29.52
C3B CAA G . 8.13 33.10 28.20
O3B CAA G . 9.14 33.36 29.18
P3B CAA G . 10.25 34.52 29.01
O7A CAA G . 11.40 34.02 29.87
O8A CAA G . 9.58 35.77 29.51
O9A CAA G . 10.56 34.53 27.53
C4B CAA G . 7.03 34.15 28.27
O4B CAA G . 5.80 33.44 28.43
C5B CAA G . 6.99 35.06 27.04
O5B CAA G . 6.34 34.43 25.93
P1A CAA G . 7.06 34.29 24.50
O1A CAA G . 8.05 35.41 24.32
O2A CAA G . 7.49 32.85 24.33
O3A CAA G . 5.90 34.50 23.41
P2A CAA G . 5.08 35.88 23.25
O4A CAA G . 4.79 36.45 24.62
O5A CAA G . 5.76 36.73 22.21
O6A CAA G . 3.70 35.32 22.65
CBP CAA G . 2.26 33.37 22.43
CCP CAA G . 2.95 34.35 23.38
CDP CAA G . 1.40 34.18 21.46
CEP CAA G . 1.38 32.43 23.27
CAP CAA G . 3.31 32.57 21.65
OAP CAA G . 4.21 31.90 22.54
C9P CAA G . 2.64 31.56 20.73
O9P CAA G . 2.30 31.92 19.62
N8P CAA G . 2.44 30.33 21.20
C7P CAA G . 1.71 29.31 20.47
C6P CAA G . 2.60 28.51 19.52
C5P CAA G . 1.81 27.89 18.37
O5P CAA G . 0.88 28.48 17.88
N4P CAA G . 2.20 26.68 17.96
C3P CAA G . 1.51 25.96 16.87
C2P CAA G . 0.29 25.19 17.37
S1P CAA G . -0.64 24.53 16.03
C1 CAA G . 0.14 23.08 15.67
O1 CAA G . 0.97 22.62 16.44
C2 CAA G . -0.23 22.33 14.41
C3 CAA G . 0.79 22.43 13.29
O3 CAA G . 0.45 22.11 12.17
C4 CAA G . 2.20 22.89 13.56
S SO4 H . -3.55 37.97 4.73
O1 SO4 H . -2.40 37.11 4.40
O2 SO4 H . -3.35 39.30 4.13
O3 SO4 H . -3.67 38.12 6.20
O4 SO4 H . -4.80 37.37 4.20
N1A CAA I . 18.84 28.86 -22.47
C2A CAA I . 18.80 29.98 -23.22
N3A CAA I . 18.73 31.22 -22.67
C4A CAA I . 18.71 31.40 -21.33
C5A CAA I . 18.75 30.22 -20.46
C6A CAA I . 18.82 28.90 -21.12
N6A CAA I . 18.86 27.77 -20.39
N7A CAA I . 18.71 30.68 -19.19
C8A CAA I . 18.65 32.03 -19.24
N9A CAA I . 18.65 32.46 -20.52
C1B CAA I . 18.60 33.88 -20.96
C2B CAA I . 17.26 34.53 -20.65
O2B CAA I . 16.45 34.64 -21.84
C3B CAA I . 17.59 35.89 -20.04
O3B CAA I . 17.11 36.98 -20.84
P3B CAA I . 17.80 37.59 -22.17
O7A CAA I . 18.53 36.43 -22.82
O8A CAA I . 18.71 38.68 -21.65
O9A CAA I . 16.63 38.11 -22.97
C4B CAA I . 19.10 35.91 -19.82
O4B CAA I . 19.61 34.64 -20.28
C5B CAA I . 19.48 36.15 -18.37
O5B CAA I . 19.36 34.93 -17.62
P1A CAA I . 18.74 34.88 -16.14
O1A CAA I . 17.55 35.80 -16.08
O2A CAA I . 18.57 33.43 -15.76
O3A CAA I . 19.90 35.50 -15.20
P2A CAA I . 21.42 34.98 -15.20
O4A CAA I . 21.94 34.99 -16.61
O5A CAA I . 22.18 35.73 -14.12
O6A CAA I . 21.31 33.45 -14.71
CBP CAA I . 21.58 31.06 -14.84
CCP CAA I . 21.66 32.38 -15.59
CDP CAA I . 22.60 31.06 -13.72
CEP CAA I . 21.87 29.93 -15.82
CAP CAA I . 20.17 30.91 -14.24
OAP CAA I . 19.15 31.06 -15.25
C9P CAA I . 20.01 29.56 -13.59
O9P CAA I . 20.32 29.44 -12.41
N8P CAA I . 19.54 28.58 -14.34
C7P CAA I . 19.39 27.22 -13.85
C6P CAA I . 18.18 27.07 -12.94
C5P CAA I . 18.30 25.85 -12.07
O5P CAA I . 19.36 25.57 -11.53
N4P CAA I . 17.21 25.10 -11.93
C3P CAA I . 17.22 23.89 -11.13
C2P CAA I . 17.93 22.75 -11.87
S1P CAA I . 18.25 21.42 -10.75
C1 CAA I . 16.75 20.72 -10.55
O1 CAA I . 15.84 20.94 -11.33
C2 CAA I . 16.52 19.77 -9.38
C3 CAA I . 15.52 20.24 -8.34
O3 CAA I . 15.39 19.59 -7.33
C4 CAA I . 14.69 21.48 -8.55
S SO4 J . 27.90 27.17 2.84
O1 SO4 J . 28.85 26.11 3.25
O2 SO4 J . 27.27 26.81 1.54
O3 SO4 J . 28.65 28.45 2.69
O4 SO4 J . 26.85 27.35 3.86
S SO4 K . 5.92 -5.23 -28.75
O1 SO4 K . 6.40 -3.88 -28.38
O2 SO4 K . 6.93 -6.24 -28.39
O3 SO4 K . 5.68 -5.28 -30.22
O4 SO4 K . 4.65 -5.51 -28.05
N1A CAA L . -43.15 -9.30 69.40
C2A CAA L . -43.42 -10.45 70.03
N3A CAA L . -42.82 -11.62 69.73
C4A CAA L . -41.90 -11.70 68.74
C5A CAA L . -41.55 -10.48 67.99
C6A CAA L . -42.24 -9.23 68.38
N6A CAA L . -41.97 -8.07 67.75
N7A CAA L . -40.63 -10.82 67.08
C8A CAA L . -40.41 -12.16 67.22
N9A CAA L . -41.16 -12.67 68.21
C1B CAA L . -41.18 -14.08 68.66
C2B CAA L . -41.81 -14.98 67.61
O2B CAA L . -43.19 -15.26 67.91
C3B CAA L . -40.95 -16.23 67.60
O3B CAA L . -41.59 -17.31 68.27
P3B CAA L . -41.31 -18.84 67.86
O7A CAA L . -41.85 -19.62 69.03
O8A CAA L . -39.82 -18.92 67.69
O9A CAA L . -42.10 -19.03 66.58
C4B CAA L . -39.66 -15.85 68.32
O4B CAA L . -39.85 -14.55 68.89
C5B CAA L . -38.46 -15.84 67.38
O5B CAA L . -38.67 -14.86 66.36
P1A CAA L . -37.66 -14.66 65.14
O1A CAA L . -37.62 -15.94 64.35
O2A CAA L . -38.00 -13.37 64.44
O3A CAA L . -36.25 -14.49 65.90
P2A CAA L . -34.89 -14.10 65.11
O4A CAA L . -33.73 -14.10 66.08
O5A CAA L . -34.81 -14.92 63.85
O6A CAA L . -35.18 -12.56 64.71
CBP CAA L . -35.57 -10.22 65.02
CCP CAA L . -35.61 -11.60 65.65
CDP CAA L . -34.12 -9.81 64.83
CEP CAA L . -36.30 -9.24 65.94
CAP CAA L . -36.27 -10.29 63.64
OAP CAA L . -37.59 -10.86 63.77
C9P CAA L . -36.37 -8.94 63.00
O9P CAA L . -35.44 -8.52 62.34
N8P CAA L . -37.51 -8.25 63.21
C7P CAA L . -37.73 -6.93 62.64
C6P CAA L . -38.16 -7.02 61.17
C5P CAA L . -37.93 -5.71 60.43
O5P CAA L . -36.93 -5.05 60.66
N4P CAA L . -38.85 -5.34 59.55
C3P CAA L . -38.76 -4.11 58.79
C2P CAA L . -39.03 -2.88 59.66
S1P CAA L . -38.47 -1.42 58.84
C1 CAA L . -39.70 -1.08 57.75
O1 CAA L . -40.81 -1.58 57.86
C2 CAA L . -39.41 -0.11 56.62
C3 CAA L . -39.27 -0.77 55.27
O3 CAA L . -39.06 -0.06 54.30
C4 CAA L . -39.40 -2.26 55.09
S SO4 M . -21.32 -2.90 54.50
O1 SO4 M . -20.37 -3.86 55.12
O2 SO4 M . -21.77 -3.44 53.19
O3 SO4 M . -20.64 -1.60 54.32
O4 SO4 M . -22.49 -2.72 55.38
N1A CAA N . -24.25 -8.96 18.29
C2A CAA N . -22.96 -9.26 18.04
N3A CAA N . -22.20 -10.00 18.87
C4A CAA N . -22.71 -10.50 20.03
C5A CAA N . -24.11 -10.22 20.36
C6A CAA N . -24.88 -9.40 19.40
N6A CAA N . -26.19 -9.09 19.64
N7A CAA N . -24.35 -10.83 21.53
C8A CAA N . -23.21 -11.44 21.92
N9A CAA N . -22.23 -11.25 21.03
C1B CAA N . -20.85 -11.78 21.10
C2B CAA N . -20.04 -11.09 22.21
O2B CAA N . -18.88 -10.47 21.65
C3B CAA N . -19.71 -12.19 23.21
O3B CAA N . -18.38 -12.07 23.74
P3B CAA N . -17.02 -12.72 23.13
O7A CAA N . -17.14 -12.52 21.64
O8A CAA N . -17.09 -14.16 23.57
O9A CAA N . -15.93 -11.91 23.79
C4B CAA N . -20.02 -13.51 22.50
O4B CAA N . -20.89 -13.18 21.41
C5B CAA N . -20.65 -14.54 23.42
O5B CAA N . -21.98 -14.15 23.81
P1A CAA N . -22.39 -13.88 25.35
O1A CAA N . -21.16 -13.38 26.08
O2A CAA N . -23.62 -13.02 25.35
O3A CAA N . -22.76 -15.33 25.95
P2A CAA N . -23.77 -16.37 25.24
O4A CAA N . -23.29 -16.61 23.83
O5A CAA N . -23.97 -17.54 26.16
O6A CAA N . -25.16 -15.57 25.20
CBP CAA N . -27.15 -14.62 24.20
CCP CAA N . -25.74 -15.13 23.96
CDP CAA N . -28.03 -15.81 24.60
CEP CAA N . -27.68 -14.00 22.91
CAP CAA N . -27.13 -13.58 25.35
OAP CAA N . -26.08 -12.63 25.14
C9P CAA N . -28.44 -12.85 25.48
O9P CAA N . -29.35 -13.38 26.11
N8P CAA N . -28.55 -11.66 24.88
C7P CAA N . -29.80 -10.89 24.89
C6P CAA N . -29.93 -10.00 26.13
C5P CAA N . -31.38 -9.69 26.48
O5P CAA N . -32.24 -10.56 26.36
N4P CAA N . -31.66 -8.46 26.91
C3P CAA N . -33.00 -8.04 27.27
C2P CAA N . -33.85 -7.72 26.04
S1P CAA N . -35.55 -7.53 26.46
C1 CAA N . -35.62 -6.01 27.17
O1 CAA N . -34.70 -5.21 27.05
C2 CAA N . -36.87 -5.61 27.92
C3 CAA N . -36.70 -5.42 29.42
O3 CAA N . -37.71 -5.16 30.08
C4 CAA N . -35.36 -5.50 30.09
S SO4 O . -41.17 -21.84 34.74
O1 SO4 O . -40.74 -21.24 36.01
O2 SO4 O . -40.39 -23.07 34.49
O3 SO4 O . -40.95 -20.88 33.63
O4 SO4 O . -42.61 -22.21 34.80
S SO4 P . -42.83 21.52 9.73
O1 SO4 P . -42.38 22.70 10.50
O2 SO4 P . -41.99 20.35 10.07
O3 SO4 P . -42.74 21.81 8.29
O4 SO4 P . -44.24 21.25 10.08
N1A CAA Q . 31.11 -21.29 -72.63
C2A CAA Q . 30.57 -22.19 -73.47
N3A CAA Q . 29.32 -22.67 -73.33
C4A CAA Q . 28.52 -22.26 -72.32
C5A CAA Q . 29.05 -21.28 -71.36
C6A CAA Q . 30.43 -20.80 -71.57
N6A CAA Q . 30.99 -19.90 -70.73
N7A CAA Q . 28.08 -21.06 -70.46
C8A CAA Q . 27.01 -21.82 -70.82
N9A CAA Q . 27.29 -22.54 -71.92
C1B CAA Q . 26.36 -23.48 -72.60
C2B CAA Q . 26.08 -24.71 -71.75
O2B CAA Q . 26.92 -25.81 -72.15
C3B CAA Q . 24.61 -25.01 -71.96
O3B CAA Q . 24.44 -26.10 -72.88
P3B CAA Q . 23.15 -27.06 -72.82
O7A CAA Q . 23.35 -28.02 -73.98
O8A CAA Q . 21.97 -26.12 -73.01
O9A CAA Q . 23.21 -27.71 -71.45
C4B CAA Q . 24.01 -23.73 -72.53
O4B CAA Q . 25.09 -22.85 -72.84
C5B CAA Q . 23.04 -23.06 -71.57
O5B CAA Q . 23.71 -22.74 -70.34
P1A CAA Q . 22.89 -22.12 -69.10
O1A CAA Q . 21.84 -23.12 -68.70
O2A CAA Q . 23.88 -21.62 -68.07
O3A CAA Q . 22.16 -20.86 -69.79
P2A CAA Q . 21.32 -19.79 -68.92
O4A CAA Q . 20.61 -18.84 -69.86
O5A CAA Q . 20.56 -20.53 -67.85
O6A CAA Q . 22.50 -18.95 -68.21
CBP CAA Q . 24.50 -17.64 -68.01
CCP CAA Q . 23.64 -18.49 -68.93
CDP CAA Q . 23.71 -16.37 -67.67
CEP CAA Q . 25.80 -17.26 -68.71
CAP CAA Q . 24.79 -18.41 -66.71
OAP CAA Q . 25.33 -19.71 -67.01
C9P CAA Q . 25.73 -17.65 -65.82
O9P CAA Q . 25.26 -16.82 -65.06
N8P CAA Q . 27.04 -17.92 -65.92
C7P CAA Q . 28.05 -17.20 -65.17
C6P CAA Q . 28.25 -17.78 -63.76
C5P CAA Q . 28.90 -16.81 -62.81
O5P CAA Q . 28.58 -15.62 -62.84
N4P CAA Q . 29.81 -17.28 -61.97
C3P CAA Q . 30.47 -16.43 -60.98
C2P CAA Q . 31.53 -15.52 -61.59
S1P CAA Q . 32.08 -14.30 -60.44
C1 CAA Q . 32.98 -15.17 -59.33
O1 CAA Q . 33.35 -16.31 -59.56
C2 CAA Q . 33.41 -14.48 -58.04
C3 CAA Q . 32.84 -15.08 -56.77
O3 CAA Q . 33.07 -14.48 -55.73
C4 CAA Q . 32.03 -16.35 -56.77
S SO4 R . 66.11 -17.25 -62.66
O1 SO4 R . 66.28 -17.91 -61.34
O2 SO4 R . 66.90 -17.98 -63.68
O3 SO4 R . 66.59 -15.85 -62.58
O4 SO4 R . 64.68 -17.28 -63.05
S SO4 S . 17.93 -5.03 -55.32
O1 SO4 S . 18.12 -6.49 -55.20
O2 SO4 S . 16.85 -4.74 -56.30
O3 SO4 S . 19.19 -4.41 -55.78
O4 SO4 S . 17.55 -4.47 -54.01
S SO4 T . 18.64 -27.39 -66.05
O1 SO4 T . 18.95 -28.63 -65.31
O2 SO4 T . 18.18 -27.74 -67.42
O3 SO4 T . 19.84 -26.52 -66.14
O4 SO4 T . 17.55 -26.67 -65.35
N1A CAA U . 13.49 -17.49 -21.31
C2A CAA U . 12.37 -16.81 -20.95
N3A CAA U . 11.31 -16.64 -21.76
C4A CAA U . 11.32 -17.14 -23.03
C5A CAA U . 12.50 -17.87 -23.49
C6A CAA U . 13.62 -18.03 -22.53
N6A CAA U . 14.75 -18.70 -22.88
N7A CAA U . 12.26 -18.26 -24.75
C8A CAA U . 11.02 -17.80 -25.08
N9A CAA U . 10.47 -17.13 -24.05
C1B CAA U . 9.11 -16.50 -24.04
C2B CAA U . 8.93 -15.49 -25.16
O2B CAA U . 8.87 -14.17 -24.65
C3B CAA U . 7.62 -15.88 -25.85
O3B CAA U . 6.56 -15.04 -25.41
P3B CAA U . 5.21 -14.84 -26.27
O7A CAA U . 4.14 -14.70 -25.22
O8A CAA U . 5.08 -16.07 -27.12
O9A CAA U . 5.49 -13.56 -27.05
C4B CAA U . 7.36 -17.32 -25.40
O4B CAA U . 8.12 -17.51 -24.20
C5B CAA U . 7.76 -18.37 -26.43
O5B CAA U . 8.70 -17.89 -27.39
P1A CAA U . 9.05 -18.71 -28.74
O1A CAA U . 8.26 -18.07 -29.85
O2A CAA U . 10.55 -18.82 -28.86
O3A CAA U . 8.45 -20.18 -28.46
P2A CAA U . 8.62 -21.37 -29.53
O4A CAA U . 7.85 -22.59 -29.06
O5A CAA U . 8.34 -20.81 -30.91
O6A CAA U . 10.19 -21.70 -29.43
CBP CAA U . 12.21 -22.45 -28.32
CCP CAA U . 10.79 -21.95 -28.16
CDP CAA U . 12.16 -23.87 -28.88
CEP CAA U . 12.88 -22.46 -26.95
CAP CAA U . 13.00 -21.54 -29.30
OAP CAA U . 12.81 -20.16 -28.97
C9P CAA U . 14.47 -21.87 -29.33
O9P CAA U . 14.86 -22.77 -30.07
N8P CAA U . 15.29 -21.18 -28.52
C7P CAA U . 16.72 -21.43 -28.44
C6P CAA U . 17.51 -20.64 -29.50
C5P CAA U . 18.80 -21.34 -29.90
O5P CAA U . 18.84 -22.54 -30.02
N4P CAA U . 19.87 -20.57 -30.11
C3P CAA U . 21.16 -21.14 -30.51
C2P CAA U . 21.86 -21.77 -29.32
S1P CAA U . 23.29 -22.67 -29.85
C1 CAA U . 24.44 -21.48 -30.16
O1 CAA U . 24.28 -20.32 -29.80
C2 CAA U . 25.70 -21.87 -30.87
C3 CAA U . 25.77 -21.42 -32.32
O3 CAA U . 26.80 -21.67 -32.95
C4 CAA U . 24.64 -20.69 -32.97
S SO4 V . 18.19 -35.48 -41.13
O1 SO4 V . 19.27 -36.45 -40.89
O2 SO4 V . 16.97 -36.21 -41.56
O3 SO4 V . 18.59 -34.53 -42.19
O4 SO4 V . 17.91 -34.74 -39.88
S SO4 W . 47.01 -11.24 -8.38
O1 SO4 W . 47.32 -11.69 -7.00
O2 SO4 W . 46.03 -12.19 -8.97
O3 SO4 W . 48.25 -11.23 -9.18
O4 SO4 W . 46.43 -9.88 -8.35
#